data_5BJT
#
_entry.id   5BJT
#
_cell.length_a   104.917
_cell.length_b   176.152
_cell.length_c   245.515
_cell.angle_alpha   90.00
_cell.angle_beta   90.00
_cell.angle_gamma   90.00
#
_symmetry.space_group_name_H-M   'I 2 2 2'
#
loop_
_entity.id
_entity.type
_entity.pdbx_description
1 polymer 'IgG receptor FcRn large subunit p51'
2 polymer Beta-2-microglobulin
3 polymer 'peptide inhibitor'
#
loop_
_entity_poly.entity_id
_entity_poly.type
_entity_poly.pdbx_seq_one_letter_code
_entity_poly.pdbx_strand_id
1 'polypeptide(L)'
;AESHLSLLYHLTAVSSPAPGTPAFWVSGWLGPQQYLSYNSLRGEAEPCGAWVWENQVSWYWEKETTDLRIKEKLFLEAFK
ALGGKGPYTLQGLLGCELGPDNTSVPTAKFALNGEEFMNFDLKQGTWGGDWPEALAISQRWQQQDKAANKELTFLLFSCP
HRLREHLERGRGNLEWKEPPSMRLKARPSSPGFSVLTCSAFSFYPPELQLRFLRNGLAAGTGQGDFGPNSDGSFHASSSL
TVKSGDEHHYCCIVQHAGLAQPLRVEL
;
A,C,E,G
2 'polypeptide(L)'
;IQRTPKIQVYSRHPAENGKSNFLNCYVSGFHPSDIEVDLLKNGERIEKVEHSDLSFSKDWSFYLLYYTEFTPTEKDEYAC
RVNHVTLSQPKIVKWDRDM
;
B,D,F,H
3 'polypeptide(L)' (ACE)RYFCTKWKHGWCEEVGT(NH2) P,Q,R,S,T,U,V
#
# COMPACT_ATOMS: atom_id res chain seq x y z
N LEU A 5 8.01 34.22 8.21
CA LEU A 5 8.80 33.12 8.89
C LEU A 5 7.91 32.08 9.50
N SER A 6 8.29 30.81 9.31
CA SER A 6 7.60 29.66 9.89
C SER A 6 8.53 28.96 10.81
N LEU A 7 8.00 28.48 11.92
CA LEU A 7 8.75 27.57 12.77
C LEU A 7 8.10 26.25 12.51
N LEU A 8 8.86 25.31 11.94
CA LEU A 8 8.36 23.96 11.78
C LEU A 8 9.33 22.93 12.30
N TYR A 9 8.71 21.93 12.93
CA TYR A 9 9.35 20.75 13.49
C TYR A 9 9.06 19.63 12.50
N HIS A 10 10.09 18.87 12.12
CA HIS A 10 9.86 17.63 11.37
C HIS A 10 9.96 16.44 12.32
N LEU A 11 8.88 15.68 12.43
CA LEU A 11 8.81 14.61 13.41
C LEU A 11 8.61 13.26 12.75
N THR A 12 9.41 12.32 13.23
CA THR A 12 9.53 11.02 12.60
C THR A 12 9.71 9.91 13.63
N ALA A 13 8.79 8.96 13.61
CA ALA A 13 9.03 7.67 14.23
C ALA A 13 8.80 6.53 13.26
N VAL A 14 9.63 5.52 13.43
CA VAL A 14 9.55 4.28 12.73
C VAL A 14 9.40 3.19 13.77
N SER A 15 8.49 2.26 13.56
CA SER A 15 8.45 1.00 14.35
C SER A 15 9.82 0.23 14.56
N SER A 16 10.60 -0.03 13.50
CA SER A 16 11.85 -0.75 13.73
C SER A 16 13.11 0.02 13.39
N PRO A 17 13.64 0.80 14.33
CA PRO A 17 14.91 1.46 13.99
C PRO A 17 15.92 0.44 13.60
N ALA A 18 16.65 0.66 12.53
CA ALA A 18 17.82 -0.16 12.29
C ALA A 18 18.79 -0.05 13.47
N PRO A 19 19.65 -1.04 13.72
CA PRO A 19 20.46 -1.06 14.94
C PRO A 19 21.23 0.23 15.20
N GLY A 20 21.29 0.60 16.47
CA GLY A 20 21.96 1.82 16.88
C GLY A 20 21.31 3.08 16.29
N THR A 21 19.98 3.12 16.32
CA THR A 21 19.27 4.14 15.53
C THR A 21 17.99 4.68 16.15
N PRO A 22 17.91 6.01 16.26
CA PRO A 22 16.81 6.73 16.89
C PRO A 22 15.45 6.30 16.38
N ALA A 23 14.63 5.73 17.26
CA ALA A 23 13.29 5.26 16.91
C ALA A 23 12.47 6.46 16.60
N PHE A 24 12.98 7.61 17.04
CA PHE A 24 12.31 8.91 16.92
C PHE A 24 13.34 10.02 16.84
N TRP A 25 13.01 11.03 16.07
CA TRP A 25 13.90 12.16 16.04
C TRP A 25 13.15 13.28 15.38
N VAL A 26 13.63 14.50 15.66
CA VAL A 26 13.00 15.69 15.22
C VAL A 26 14.09 16.66 14.82
N SER A 27 13.81 17.51 13.84
CA SER A 27 14.61 18.74 13.62
C SER A 27 13.71 19.97 13.47
N GLY A 28 14.22 21.09 13.96
CA GLY A 28 13.44 22.31 14.05
C GLY A 28 13.91 23.34 13.06
N TRP A 29 12.98 23.89 12.29
CA TRP A 29 13.39 24.72 11.19
C TRP A 29 12.84 26.11 11.34
N LEU A 30 13.73 27.07 11.59
CA LEU A 30 13.42 28.48 11.38
C LEU A 30 13.57 28.80 9.90
N GLY A 31 12.49 28.75 9.16
CA GLY A 31 12.61 28.95 7.72
C GLY A 31 13.33 27.79 7.10
N PRO A 32 14.35 28.06 6.25
CA PRO A 32 15.18 27.04 5.69
C PRO A 32 16.46 26.87 6.53
N GLN A 33 16.38 27.25 7.81
CA GLN A 33 17.53 27.17 8.71
C GLN A 33 17.17 26.18 9.79
N GLN A 34 18.05 25.21 10.06
CA GLN A 34 17.71 24.23 11.12
C GLN A 34 18.15 24.60 12.56
N TYR A 35 17.27 25.13 13.40
CA TYR A 35 17.71 25.57 14.71
C TYR A 35 17.82 24.48 15.78
N LEU A 36 17.00 23.42 15.69
CA LEU A 36 16.90 22.43 16.78
C LEU A 36 17.10 20.97 16.35
N SER A 37 17.69 20.15 17.19
CA SER A 37 17.86 18.73 16.86
C SER A 37 17.47 17.84 18.02
N TYR A 38 16.75 16.77 17.75
CA TYR A 38 16.31 15.88 18.82
C TYR A 38 16.10 14.43 18.33
N ASN A 39 17.03 13.52 18.66
CA ASN A 39 16.80 12.10 18.44
C ASN A 39 16.16 11.49 19.69
N SER A 40 16.13 10.17 19.84
CA SER A 40 15.49 9.57 21.01
C SER A 40 16.44 8.72 21.79
N LEU A 41 17.67 8.67 21.35
CA LEU A 41 18.69 8.01 22.11
C LEU A 41 19.51 9.08 22.79
N ARG A 42 18.90 10.22 23.07
CA ARG A 42 19.51 11.30 23.87
C ARG A 42 18.44 12.02 24.69
N GLY A 43 17.17 11.92 24.29
CA GLY A 43 16.07 12.59 24.99
C GLY A 43 16.40 14.02 25.47
N GLU A 44 16.89 14.86 24.56
CA GLU A 44 17.51 16.12 24.87
C GLU A 44 17.38 16.89 23.58
N ALA A 45 16.73 18.05 23.63
CA ALA A 45 16.59 18.93 22.47
C ALA A 45 17.73 19.91 22.49
N GLU A 46 18.45 20.07 21.37
CA GLU A 46 19.66 20.91 21.31
C GLU A 46 19.76 21.82 20.10
N PRO A 47 20.33 23.04 20.25
CA PRO A 47 20.44 24.01 19.15
C PRO A 47 21.48 23.61 18.13
N CYS A 48 21.27 24.03 16.89
CA CYS A 48 22.21 23.72 15.80
C CYS A 48 22.73 24.96 15.15
N GLY A 49 23.89 24.86 14.54
CA GLY A 49 24.47 26.04 13.86
C GLY A 49 24.38 27.30 14.67
N ALA A 50 24.29 28.44 14.00
CA ALA A 50 24.20 29.73 14.68
C ALA A 50 23.31 29.72 15.92
N TRP A 51 22.20 29.02 15.88
CA TRP A 51 21.27 29.07 16.99
C TRP A 51 21.74 28.60 18.39
N VAL A 52 22.97 28.12 18.43
CA VAL A 52 23.60 27.67 19.65
C VAL A 52 24.07 28.85 20.49
N TRP A 53 24.29 29.97 19.84
CA TRP A 53 24.97 31.06 20.47
C TRP A 53 24.01 32.18 20.75
N GLU A 54 22.79 32.00 20.27
CA GLU A 54 21.64 32.82 20.61
C GLU A 54 21.53 32.97 22.13
N ASN A 55 21.42 34.20 22.66
CA ASN A 55 21.11 34.35 24.11
C ASN A 55 19.64 34.08 24.23
N GLN A 56 19.25 33.01 24.89
CA GLN A 56 17.82 32.67 24.87
C GLN A 56 17.07 32.98 26.20
N VAL A 57 15.77 32.77 26.25
CA VAL A 57 15.11 32.80 27.56
C VAL A 57 15.60 31.63 28.52
N SER A 58 16.80 31.08 28.16
CA SER A 58 17.57 29.90 28.77
C SER A 58 16.81 28.60 29.23
N TRP A 59 15.85 28.77 30.19
CA TRP A 59 14.79 27.76 30.50
C TRP A 59 13.90 27.48 29.30
N TYR A 60 14.47 27.62 28.09
CA TYR A 60 13.76 27.54 26.81
C TYR A 60 13.88 26.11 26.27
N TRP A 61 15.06 25.54 26.39
CA TRP A 61 15.28 24.15 26.03
C TRP A 61 14.54 23.12 26.92
N GLU A 62 14.61 23.29 28.23
CA GLU A 62 13.91 22.40 29.11
C GLU A 62 12.38 22.39 28.81
N LYS A 63 11.85 23.42 28.17
CA LYS A 63 10.47 23.24 27.63
C LYS A 63 10.48 22.58 26.24
N GLU A 64 11.53 22.82 25.43
CA GLU A 64 11.65 22.12 24.14
C GLU A 64 11.77 20.65 24.42
N THR A 65 12.72 20.30 25.28
CA THR A 65 12.89 18.94 25.72
C THR A 65 11.60 18.37 26.27
N THR A 66 11.15 18.79 27.45
CA THR A 66 9.97 18.14 27.96
C THR A 66 8.93 18.06 26.85
N ASP A 67 8.90 19.05 25.96
CA ASP A 67 7.85 19.03 24.96
C ASP A 67 7.99 17.87 24.03
N LEU A 68 9.21 17.73 23.55
CA LEU A 68 9.51 16.73 22.52
C LEU A 68 9.42 15.33 23.11
N ARG A 69 10.09 15.09 24.23
CA ARG A 69 9.85 13.89 25.04
C ARG A 69 8.34 13.56 25.10
N ILE A 70 7.54 14.37 25.78
CA ILE A 70 6.12 14.05 25.82
C ILE A 70 5.57 13.66 24.43
N LYS A 71 6.13 14.27 23.38
CA LYS A 71 5.64 14.06 21.99
C LYS A 71 6.05 12.63 21.47
N GLU A 72 7.29 12.25 21.80
CA GLU A 72 7.82 10.91 21.52
C GLU A 72 7.06 9.76 22.20
N LYS A 73 6.74 9.89 23.49
CA LYS A 73 5.91 8.86 24.14
C LYS A 73 4.71 8.59 23.24
N LEU A 74 3.97 9.64 22.91
CA LEU A 74 2.75 9.50 22.14
C LEU A 74 2.96 8.92 20.76
N PHE A 75 4.15 9.16 20.22
CA PHE A 75 4.41 8.74 18.87
C PHE A 75 4.64 7.25 18.83
N LEU A 76 5.66 6.79 19.55
CA LEU A 76 5.86 5.38 19.78
C LEU A 76 4.63 4.65 20.35
N GLU A 77 3.64 5.34 20.87
CA GLU A 77 2.42 4.68 21.35
C GLU A 77 1.35 4.61 20.27
N ALA A 78 1.53 5.34 19.17
CA ALA A 78 0.56 5.27 18.06
C ALA A 78 0.69 3.92 17.40
N PHE A 79 1.88 3.37 17.55
CA PHE A 79 2.26 2.10 16.95
C PHE A 79 1.49 0.92 17.53
N LYS A 80 1.53 0.83 18.87
CA LYS A 80 0.67 -0.08 19.66
C LYS A 80 -0.81 -0.05 19.20
N ALA A 81 -1.31 1.14 18.86
CA ALA A 81 -2.68 1.26 18.43
C ALA A 81 -2.87 0.62 17.07
N LEU A 82 -1.88 -0.14 16.62
CA LEU A 82 -1.82 -0.52 15.21
C LEU A 82 -1.81 -2.02 14.82
N GLY A 83 -2.89 -2.38 14.11
CA GLY A 83 -3.12 -3.65 13.36
C GLY A 83 -2.12 -4.81 13.35
N GLY A 84 -1.08 -4.70 12.51
CA GLY A 84 -0.17 -5.84 12.22
C GLY A 84 1.28 -5.89 12.76
N LYS A 85 2.10 -6.66 12.02
CA LYS A 85 3.54 -6.79 12.24
C LYS A 85 4.27 -5.65 11.54
N GLY A 86 3.55 -4.93 10.68
CA GLY A 86 4.07 -3.74 10.02
C GLY A 86 5.24 -4.01 9.08
N PRO A 87 6.40 -3.30 9.27
CA PRO A 87 6.64 -2.23 10.21
C PRO A 87 6.07 -0.89 9.71
N TYR A 88 5.96 0.07 10.61
CA TYR A 88 5.36 1.34 10.28
C TYR A 88 6.35 2.52 10.18
N THR A 89 5.84 3.63 9.65
CA THR A 89 6.55 4.91 9.63
C THR A 89 5.55 6.05 9.85
N LEU A 90 5.70 6.78 10.96
CA LEU A 90 4.74 7.84 11.31
C LEU A 90 5.40 9.22 11.46
N GLN A 91 4.84 10.22 10.75
CA GLN A 91 5.52 11.53 10.55
C GLN A 91 4.71 12.73 11.03
N GLY A 92 5.43 13.66 11.64
CA GLY A 92 4.85 14.94 12.08
C GLY A 92 5.26 16.22 11.36
N LEU A 93 4.28 16.95 10.86
CA LEU A 93 4.56 18.36 10.47
C LEU A 93 3.72 19.35 11.29
N LEU A 94 4.43 20.01 12.21
CA LEU A 94 3.88 20.76 13.32
C LEU A 94 4.65 22.07 13.46
N GLY A 95 3.91 23.17 13.43
CA GLY A 95 4.47 24.49 13.73
C GLY A 95 3.49 25.61 13.49
N CYS A 96 4.03 26.76 13.09
CA CYS A 96 3.22 27.94 12.85
C CYS A 96 4.03 28.95 12.09
N GLU A 97 3.40 29.61 11.12
CA GLU A 97 3.98 30.83 10.52
C GLU A 97 3.42 32.13 11.13
N LEU A 98 4.30 33.10 11.35
CA LEU A 98 3.89 34.43 11.77
C LEU A 98 3.74 35.34 10.59
N GLY A 99 2.69 36.15 10.62
CA GLY A 99 2.36 37.03 9.48
C GLY A 99 1.78 38.45 9.74
N PRO A 100 2.31 39.47 9.00
CA PRO A 100 2.10 40.94 9.07
C PRO A 100 1.22 41.60 10.18
N ASP A 101 0.07 41.03 10.57
CA ASP A 101 -0.78 41.67 11.60
C ASP A 101 -0.68 41.07 13.02
N ASN A 102 0.55 40.92 13.52
CA ASN A 102 0.80 40.19 14.78
C ASN A 102 -0.16 38.99 14.88
N THR A 103 0.11 37.95 14.08
CA THR A 103 -0.74 36.74 14.00
C THR A 103 0.14 35.52 13.90
N SER A 104 -0.40 34.35 14.30
CA SER A 104 0.15 33.03 13.94
C SER A 104 -0.87 32.13 13.22
N VAL A 105 -0.43 31.42 12.18
CA VAL A 105 -1.27 30.39 11.58
C VAL A 105 -0.61 29.10 11.90
N PRO A 106 -1.25 28.28 12.76
CA PRO A 106 -0.66 27.04 13.23
C PRO A 106 -0.78 25.95 12.18
N THR A 107 0.15 24.99 12.24
CA THR A 107 0.17 23.86 11.30
C THR A 107 0.34 22.57 12.06
N ALA A 108 -0.45 21.55 11.67
CA ALA A 108 -0.39 20.23 12.27
C ALA A 108 -0.90 19.12 11.38
N LYS A 109 -0.03 18.47 10.62
CA LYS A 109 -0.45 17.29 9.84
C LYS A 109 0.49 16.13 10.13
N PHE A 110 -0.04 14.93 9.92
CA PHE A 110 0.72 13.65 10.03
C PHE A 110 0.54 12.70 8.83
N ALA A 111 1.58 11.93 8.56
CA ALA A 111 1.52 10.88 7.54
C ALA A 111 1.93 9.45 8.02
N LEU A 112 1.48 8.46 7.24
CA LEU A 112 1.76 7.04 7.48
C LEU A 112 2.54 6.29 6.38
N ASN A 113 3.80 6.00 6.67
CA ASN A 113 4.78 5.58 5.67
C ASN A 113 4.60 6.45 4.45
N GLY A 114 5.19 7.64 4.49
CA GLY A 114 5.10 8.61 3.40
C GLY A 114 3.71 9.00 2.88
N GLU A 115 2.64 8.54 3.52
CA GLU A 115 1.33 8.88 3.05
C GLU A 115 0.53 9.67 4.08
N GLU A 116 -0.03 10.79 3.66
CA GLU A 116 -0.72 11.71 4.56
C GLU A 116 -2.11 11.24 5.04
N PHE A 117 -2.36 11.28 6.34
CA PHE A 117 -3.62 10.70 6.87
C PHE A 117 -4.24 11.35 8.11
N MET A 118 -3.43 11.99 8.92
CA MET A 118 -3.98 12.64 10.10
C MET A 118 -3.65 14.12 10.14
N ASN A 119 -4.53 14.88 10.79
CA ASN A 119 -4.33 16.31 10.89
C ASN A 119 -4.90 16.72 12.22
N PHE A 120 -4.32 17.71 12.89
CA PHE A 120 -4.91 18.19 14.13
C PHE A 120 -5.88 19.33 13.83
N ASP A 121 -7.16 19.12 14.06
CA ASP A 121 -8.18 20.17 13.88
C ASP A 121 -8.24 20.94 15.21
N LEU A 122 -8.16 22.27 15.17
CA LEU A 122 -8.02 23.05 16.41
C LEU A 122 -9.26 23.76 16.89
N LYS A 123 -10.19 24.05 15.99
CA LYS A 123 -11.53 24.44 16.41
C LYS A 123 -12.02 23.28 17.29
N GLN A 124 -12.25 22.11 16.70
CA GLN A 124 -12.71 20.95 17.46
C GLN A 124 -11.69 20.45 18.51
N GLY A 125 -10.47 20.95 18.48
CA GLY A 125 -9.43 20.49 19.41
C GLY A 125 -9.24 18.99 19.51
N THR A 126 -8.62 18.38 18.50
CA THR A 126 -8.69 16.91 18.27
C THR A 126 -7.63 16.47 17.29
N TRP A 127 -7.75 15.21 16.80
CA TRP A 127 -6.82 14.64 15.80
C TRP A 127 -7.55 13.88 14.70
N GLY A 128 -8.06 14.58 13.68
CA GLY A 128 -8.99 14.00 12.66
C GLY A 128 -8.53 13.23 11.41
N GLY A 129 -9.50 12.86 10.57
CA GLY A 129 -9.24 12.10 9.35
C GLY A 129 -10.00 10.79 9.40
N ASP A 130 -10.80 10.50 8.37
CA ASP A 130 -11.79 9.37 8.38
C ASP A 130 -11.24 7.96 7.99
N TRP A 131 -10.37 7.90 6.96
CA TRP A 131 -9.60 6.67 6.62
C TRP A 131 -9.05 5.97 7.88
N PRO A 132 -9.54 4.75 8.17
CA PRO A 132 -9.34 3.82 9.31
C PRO A 132 -8.24 4.13 10.35
N GLU A 133 -6.98 3.85 10.01
CA GLU A 133 -5.88 3.92 10.99
C GLU A 133 -5.68 5.31 11.58
N ALA A 134 -6.40 6.26 10.99
CA ALA A 134 -6.64 7.57 11.57
C ALA A 134 -7.48 7.47 12.86
N LEU A 135 -8.78 7.13 12.70
CA LEU A 135 -9.68 6.81 13.80
C LEU A 135 -8.85 6.22 14.93
N ALA A 136 -8.11 5.16 14.57
CA ALA A 136 -7.29 4.38 15.49
C ALA A 136 -6.38 5.21 16.38
N ILE A 137 -5.55 6.06 15.79
CA ILE A 137 -4.52 6.78 16.54
C ILE A 137 -5.16 8.00 17.17
N SER A 138 -6.00 8.66 16.38
CA SER A 138 -6.84 9.70 16.95
C SER A 138 -7.31 9.24 18.31
N GLN A 139 -7.94 8.06 18.35
CA GLN A 139 -8.62 7.59 19.55
C GLN A 139 -7.69 7.15 20.67
N ARG A 140 -6.51 6.65 20.36
CA ARG A 140 -5.64 6.30 21.45
C ARG A 140 -5.27 7.65 22.05
N TRP A 141 -4.84 8.57 21.19
CA TRP A 141 -4.44 9.88 21.68
C TRP A 141 -5.67 10.64 22.21
N GLN A 142 -6.81 10.63 21.52
CA GLN A 142 -8.05 11.21 22.07
C GLN A 142 -8.22 10.86 23.54
N GLN A 143 -8.63 9.62 23.80
CA GLN A 143 -8.69 9.03 25.14
C GLN A 143 -7.30 8.91 25.75
N GLN A 144 -6.62 10.02 25.89
CA GLN A 144 -5.36 10.04 26.59
C GLN A 144 -5.29 11.41 27.28
N ASP A 145 -4.99 11.42 28.59
CA ASP A 145 -5.30 12.61 29.41
C ASP A 145 -4.60 13.89 28.96
N LYS A 146 -5.40 14.91 28.62
CA LYS A 146 -4.93 16.26 28.29
C LYS A 146 -3.73 16.27 27.33
N ALA A 147 -3.74 15.37 26.38
CA ALA A 147 -2.73 15.40 25.35
C ALA A 147 -3.26 16.38 24.31
N ALA A 148 -4.54 16.19 23.92
CA ALA A 148 -5.22 17.15 23.07
C ALA A 148 -4.91 18.52 23.63
N ASN A 149 -5.11 18.71 24.92
CA ASN A 149 -4.73 19.94 25.55
C ASN A 149 -3.27 20.31 25.25
N LYS A 150 -2.33 19.47 25.70
CA LYS A 150 -0.89 19.73 25.56
C LYS A 150 -0.48 20.16 24.15
N GLU A 151 -1.25 19.75 23.15
CA GLU A 151 -1.02 20.17 21.77
C GLU A 151 -1.32 21.65 21.57
N LEU A 152 -2.58 22.05 21.80
CA LEU A 152 -3.03 23.44 21.67
C LEU A 152 -2.00 24.38 22.34
N THR A 153 -1.65 24.06 23.57
CA THR A 153 -0.63 24.82 24.22
C THR A 153 0.56 24.96 23.31
N PHE A 154 0.90 23.83 22.68
CA PHE A 154 2.08 23.75 21.82
C PHE A 154 1.82 24.68 20.63
N LEU A 155 0.65 24.50 20.04
CA LEU A 155 0.34 25.11 18.76
C LEU A 155 -0.09 26.55 18.81
N LEU A 156 -0.71 26.98 19.89
CA LEU A 156 -1.14 28.36 20.03
C LEU A 156 -0.29 29.13 21.02
N PHE A 157 0.37 28.46 21.94
CA PHE A 157 1.33 29.24 22.73
C PHE A 157 2.78 28.99 22.43
N SER A 158 3.29 27.87 22.90
CA SER A 158 4.70 27.53 22.81
C SER A 158 5.36 27.86 21.43
N CYS A 159 4.67 27.55 20.32
CA CYS A 159 5.16 27.84 18.99
C CYS A 159 5.30 29.33 18.72
N PRO A 160 4.19 30.12 18.81
CA PRO A 160 4.30 31.55 18.53
C PRO A 160 5.26 32.26 19.48
N HIS A 161 5.28 31.85 20.73
CA HIS A 161 6.19 32.40 21.74
C HIS A 161 7.63 32.13 21.26
N ARG A 162 7.92 30.89 20.87
CA ARG A 162 9.25 30.51 20.42
C ARG A 162 9.68 31.31 19.18
N LEU A 163 8.79 31.40 18.21
CA LEU A 163 9.11 31.99 16.96
C LEU A 163 9.38 33.49 17.16
N ARG A 164 8.52 34.15 17.94
CA ARG A 164 8.70 35.56 18.26
C ARG A 164 10.05 35.73 18.98
N GLU A 165 10.42 34.75 19.78
CA GLU A 165 11.66 34.89 20.49
C GLU A 165 12.93 34.52 19.73
N HIS A 166 12.75 33.94 18.55
CA HIS A 166 13.88 33.85 17.67
C HIS A 166 14.05 35.09 16.82
N LEU A 167 12.93 35.57 16.27
CA LEU A 167 12.87 36.80 15.50
C LEU A 167 13.56 37.96 16.16
N GLU A 168 13.48 38.07 17.49
CA GLU A 168 14.11 39.17 18.24
C GLU A 168 15.55 38.90 18.57
N ARG A 169 15.81 37.64 18.92
CA ARG A 169 17.13 37.27 19.40
C ARG A 169 18.18 36.82 18.37
N GLY A 170 17.74 36.41 17.19
CA GLY A 170 18.66 36.01 16.15
C GLY A 170 18.21 36.53 14.83
N ARG A 171 17.41 37.58 14.85
CA ARG A 171 17.03 38.26 13.62
C ARG A 171 18.18 38.31 12.62
N GLY A 172 19.36 38.66 13.09
CA GLY A 172 20.54 38.86 12.23
C GLY A 172 20.91 37.63 11.40
N ASN A 173 20.89 36.47 12.07
CA ASN A 173 20.93 35.19 11.44
C ASN A 173 19.90 34.96 10.36
N LEU A 174 18.63 35.11 10.67
CA LEU A 174 17.63 35.01 9.65
C LEU A 174 17.97 35.71 8.34
N GLU A 175 18.87 36.69 8.34
CA GLU A 175 19.04 37.49 7.13
C GLU A 175 20.47 37.55 6.63
N TRP A 176 21.12 36.41 6.72
CA TRP A 176 22.52 36.20 6.30
C TRP A 176 22.49 36.12 4.75
N LYS A 177 23.29 36.92 4.05
CA LYS A 177 23.33 36.75 2.64
C LYS A 177 24.74 36.43 2.19
N GLU A 178 24.92 35.19 1.73
CA GLU A 178 26.18 34.64 1.19
C GLU A 178 26.13 34.38 -0.32
N PRO A 179 26.94 35.07 -1.09
CA PRO A 179 26.84 34.97 -2.54
C PRO A 179 27.48 33.74 -3.10
N PRO A 180 26.89 33.15 -4.13
CA PRO A 180 27.39 31.89 -4.59
C PRO A 180 28.71 32.03 -5.30
N SER A 181 29.54 30.98 -5.26
CA SER A 181 30.75 30.94 -6.06
C SER A 181 30.42 30.27 -7.34
N MET A 182 30.86 30.86 -8.44
CA MET A 182 30.39 30.40 -9.74
C MET A 182 31.43 29.66 -10.52
N ARG A 183 30.96 28.79 -11.40
CA ARG A 183 31.86 28.09 -12.33
C ARG A 183 31.13 27.61 -13.57
N LEU A 184 31.63 27.95 -14.76
CA LEU A 184 31.00 27.38 -15.97
C LEU A 184 31.90 26.41 -16.70
N LYS A 185 31.53 25.16 -16.71
CA LYS A 185 32.34 24.17 -17.33
C LYS A 185 31.57 23.50 -18.46
N ALA A 186 32.31 23.00 -19.46
CA ALA A 186 31.80 22.23 -20.61
C ALA A 186 32.39 20.79 -20.68
N ARG A 187 31.49 19.83 -20.88
CA ARG A 187 31.75 18.39 -21.04
C ARG A 187 31.04 17.91 -22.34
N PRO A 188 31.38 16.69 -22.83
CA PRO A 188 30.93 16.42 -24.21
C PRO A 188 29.64 15.60 -24.34
N SER A 189 28.74 16.02 -25.23
CA SER A 189 27.59 15.17 -25.66
C SER A 189 27.89 14.27 -26.91
N SER A 190 26.86 13.67 -27.50
CA SER A 190 26.96 13.11 -28.84
C SER A 190 27.77 14.07 -29.71
N PRO A 191 28.73 13.53 -30.50
CA PRO A 191 29.50 14.37 -31.42
C PRO A 191 28.64 15.36 -32.15
N GLY A 192 29.03 16.63 -32.07
CA GLY A 192 28.22 17.69 -32.64
C GLY A 192 27.51 18.36 -31.49
N PHE A 193 27.44 17.67 -30.36
CA PHE A 193 27.01 18.31 -29.12
C PHE A 193 27.96 18.30 -27.88
N SER A 194 27.76 19.34 -27.06
CA SER A 194 28.42 19.56 -25.77
C SER A 194 27.43 20.12 -24.77
N VAL A 195 27.67 19.90 -23.47
CA VAL A 195 26.86 20.52 -22.42
C VAL A 195 27.60 21.53 -21.55
N LEU A 196 26.98 22.69 -21.36
CA LEU A 196 27.48 23.69 -20.43
C LEU A 196 26.78 23.46 -19.11
N THR A 197 27.53 23.66 -18.03
CA THR A 197 27.02 23.38 -16.71
C THR A 197 27.53 24.48 -15.86
N CYS A 198 26.61 25.36 -15.47
CA CYS A 198 26.88 26.46 -14.57
C CYS A 198 26.65 25.98 -13.17
N SER A 199 27.67 26.07 -12.33
CA SER A 199 27.63 25.40 -11.04
C SER A 199 27.81 26.51 -10.04
N ALA A 200 26.89 26.56 -9.06
CA ALA A 200 26.96 27.59 -7.96
C ALA A 200 27.15 26.95 -6.64
N PHE A 201 28.19 27.41 -5.95
CA PHE A 201 28.69 26.81 -4.73
C PHE A 201 28.46 27.70 -3.53
N SER A 202 28.31 27.08 -2.34
CA SER A 202 28.11 27.76 -1.02
C SER A 202 26.72 28.42 -0.98
N PHE A 203 26.65 29.75 -0.92
CA PHE A 203 25.38 30.48 -1.08
C PHE A 203 24.18 30.19 -0.17
N TYR A 204 23.72 31.26 0.45
CA TYR A 204 22.50 31.32 1.20
C TYR A 204 22.00 32.78 1.16
N PRO A 205 20.69 33.01 1.21
CA PRO A 205 19.55 32.12 1.18
C PRO A 205 19.49 31.26 -0.11
N PRO A 206 18.53 30.31 -0.15
CA PRO A 206 18.39 29.39 -1.25
C PRO A 206 17.97 30.05 -2.55
N GLU A 207 17.21 31.13 -2.57
CA GLU A 207 16.73 31.64 -3.87
C GLU A 207 17.90 32.03 -4.70
N LEU A 208 17.93 31.52 -5.92
CA LEU A 208 19.04 31.81 -6.81
C LEU A 208 18.58 31.51 -8.20
N GLN A 209 18.94 32.35 -9.19
CA GLN A 209 18.54 32.12 -10.57
C GLN A 209 19.74 32.03 -11.47
N LEU A 210 19.75 31.00 -12.33
CA LEU A 210 20.81 30.83 -13.34
C LEU A 210 20.21 30.93 -14.71
N ARG A 211 21.01 31.30 -15.68
CA ARG A 211 20.57 31.27 -17.04
C ARG A 211 21.76 31.31 -18.02
N PHE A 212 21.45 31.11 -19.30
CA PHE A 212 22.49 31.05 -20.31
C PHE A 212 22.38 32.12 -21.38
N LEU A 213 23.51 32.70 -21.80
CA LEU A 213 23.53 33.56 -23.00
C LEU A 213 24.42 32.99 -24.14
N ARG A 214 23.95 33.01 -25.40
CA ARG A 214 24.89 32.92 -26.55
C ARG A 214 24.94 34.31 -27.13
N ASN A 215 26.16 34.74 -27.40
CA ASN A 215 26.55 36.13 -27.54
C ASN A 215 25.66 37.20 -26.91
N GLY A 216 25.15 37.02 -25.70
CA GLY A 216 24.40 38.10 -25.06
C GLY A 216 22.91 37.82 -25.11
N LEU A 217 22.47 37.25 -26.20
CA LEU A 217 21.04 36.94 -26.29
C LEU A 217 20.68 35.65 -25.51
N ALA A 218 19.52 35.68 -24.86
CA ALA A 218 19.11 34.62 -23.98
C ALA A 218 18.98 33.36 -24.76
N ALA A 219 19.54 32.29 -24.21
CA ALA A 219 19.62 31.00 -24.86
C ALA A 219 19.20 29.85 -23.94
N GLY A 220 18.27 30.12 -23.04
CA GLY A 220 17.74 29.11 -22.12
C GLY A 220 18.33 29.14 -20.72
N THR A 221 17.47 28.95 -19.74
CA THR A 221 17.87 28.34 -18.49
C THR A 221 18.09 26.90 -18.93
N GLY A 222 18.61 26.05 -18.04
CA GLY A 222 18.98 24.70 -18.47
C GLY A 222 18.20 23.64 -17.75
N GLN A 223 18.82 22.49 -17.57
CA GLN A 223 18.28 21.52 -16.63
C GLN A 223 18.92 21.92 -15.34
N GLY A 224 18.15 21.93 -14.25
CA GLY A 224 18.66 22.44 -13.00
C GLY A 224 18.56 21.45 -11.89
N ASP A 225 19.37 21.66 -10.87
CA ASP A 225 19.50 20.72 -9.79
C ASP A 225 19.91 21.42 -8.52
N PHE A 226 19.42 20.94 -7.40
CA PHE A 226 19.58 21.70 -6.17
C PHE A 226 19.91 20.82 -4.95
N GLY A 227 20.66 21.40 -3.98
CA GLY A 227 20.82 20.77 -2.64
C GLY A 227 21.71 21.51 -1.65
N PRO A 228 21.74 21.04 -0.40
CA PRO A 228 22.44 21.56 0.80
C PRO A 228 23.91 21.26 0.93
N ASN A 229 24.67 22.19 1.50
CA ASN A 229 26.00 21.91 2.01
C ASN A 229 25.74 21.64 3.48
N SER A 230 26.77 21.44 4.30
CA SER A 230 26.55 21.03 5.71
C SER A 230 26.63 22.17 6.73
N ASP A 231 27.21 23.30 6.39
CA ASP A 231 27.06 24.44 7.25
C ASP A 231 25.64 24.94 7.13
N GLY A 232 24.87 24.24 6.30
CA GLY A 232 23.53 24.67 5.91
C GLY A 232 23.48 25.84 4.92
N SER A 233 24.60 26.13 4.23
CA SER A 233 24.56 26.95 3.01
C SER A 233 24.23 25.97 1.89
N PHE A 234 24.18 26.41 0.63
CA PHE A 234 23.55 25.58 -0.41
C PHE A 234 24.37 25.35 -1.69
N HIS A 235 23.87 24.45 -2.53
CA HIS A 235 24.52 24.16 -3.80
C HIS A 235 23.54 24.15 -4.96
N ALA A 236 23.93 24.68 -6.10
CA ALA A 236 22.99 24.68 -7.24
C ALA A 236 23.73 24.51 -8.56
N SER A 237 23.06 23.87 -9.51
CA SER A 237 23.59 23.79 -10.87
C SER A 237 22.60 23.56 -11.99
N SER A 238 22.90 24.17 -13.11
CA SER A 238 22.11 24.00 -14.29
C SER A 238 23.01 23.62 -15.47
N SER A 239 22.57 22.65 -16.25
CA SER A 239 23.31 22.19 -17.42
C SER A 239 22.51 22.51 -18.65
N LEU A 240 23.19 22.83 -19.73
CA LEU A 240 22.53 23.14 -20.98
C LEU A 240 23.26 22.50 -22.17
N THR A 241 22.50 21.88 -23.09
CA THR A 241 23.11 21.30 -24.31
C THR A 241 23.36 22.36 -25.38
N VAL A 242 24.56 22.34 -25.94
CA VAL A 242 24.84 23.30 -26.98
C VAL A 242 25.48 22.60 -28.17
N LYS A 243 25.42 23.26 -29.34
CA LYS A 243 26.11 22.77 -30.53
C LYS A 243 27.62 22.77 -30.26
N SER A 244 28.25 21.61 -30.47
CA SER A 244 29.65 21.44 -30.13
C SER A 244 30.33 22.38 -31.03
N GLY A 245 31.33 23.06 -30.48
CA GLY A 245 32.03 24.15 -31.17
C GLY A 245 31.51 25.56 -30.93
N ASP A 246 30.21 25.71 -30.70
CA ASP A 246 29.58 27.02 -30.43
C ASP A 246 29.96 27.50 -29.01
N GLU A 247 30.25 26.54 -28.12
CA GLU A 247 30.90 26.77 -26.81
C GLU A 247 31.21 28.23 -26.35
N HIS A 248 32.38 28.75 -26.67
CA HIS A 248 32.85 29.99 -26.04
C HIS A 248 31.95 31.23 -26.26
N HIS A 249 30.89 31.09 -27.05
CA HIS A 249 30.00 32.20 -27.33
C HIS A 249 29.09 32.37 -26.16
N TYR A 250 29.01 31.33 -25.34
CA TYR A 250 28.04 31.25 -24.25
C TYR A 250 28.59 31.71 -22.94
N CYS A 251 27.70 32.10 -22.04
CA CYS A 251 28.10 32.36 -20.69
C CYS A 251 26.91 32.15 -19.80
N CYS A 252 27.17 32.23 -18.51
CA CYS A 252 26.17 31.89 -17.55
C CYS A 252 25.86 33.10 -16.75
N ILE A 253 24.61 33.27 -16.34
CA ILE A 253 24.24 34.44 -15.53
C ILE A 253 23.62 33.95 -14.25
N VAL A 254 24.18 34.44 -13.13
CA VAL A 254 23.65 34.11 -11.79
C VAL A 254 22.95 35.30 -11.11
N GLN A 255 21.83 35.04 -10.45
CA GLN A 255 21.10 36.12 -9.82
C GLN A 255 20.85 35.74 -8.42
N HIS A 256 21.41 36.49 -7.47
CA HIS A 256 21.34 36.07 -6.04
C HIS A 256 21.42 37.20 -5.04
N ALA A 257 20.80 36.99 -3.88
CA ALA A 257 20.68 38.06 -2.91
C ALA A 257 22.01 38.65 -2.50
N GLY A 258 23.05 37.84 -2.41
CA GLY A 258 24.38 38.32 -1.99
C GLY A 258 25.03 39.22 -3.01
N LEU A 259 24.37 39.41 -4.14
CA LEU A 259 24.98 40.12 -5.23
C LEU A 259 24.33 41.51 -5.37
N ALA A 260 25.07 42.51 -5.80
CA ALA A 260 24.41 43.78 -6.02
C ALA A 260 23.69 43.76 -7.39
N GLN A 261 24.41 43.56 -8.50
CA GLN A 261 23.75 43.41 -9.78
C GLN A 261 23.45 41.89 -9.99
N PRO A 262 23.25 41.47 -11.28
CA PRO A 262 23.48 40.06 -11.66
C PRO A 262 24.95 39.91 -11.99
N LEU A 263 25.42 38.68 -12.17
CA LEU A 263 26.84 38.40 -12.43
C LEU A 263 27.05 37.54 -13.67
N ARG A 264 27.99 37.93 -14.55
CA ARG A 264 28.50 37.05 -15.67
C ARG A 264 29.60 36.02 -15.30
N VAL A 265 29.45 34.82 -15.83
CA VAL A 265 30.37 33.74 -15.56
C VAL A 265 30.83 33.27 -16.95
N GLU A 266 32.05 33.66 -17.30
CA GLU A 266 32.64 33.31 -18.60
C GLU A 266 33.24 31.88 -18.50
N LEU A 267 33.43 31.16 -19.61
CA LEU A 267 33.91 29.76 -19.55
C LEU A 267 35.41 29.65 -19.17
N ILE B 1 3.77 4.72 0.82
CA ILE B 1 4.38 4.07 -0.39
C ILE B 1 5.92 4.07 -0.44
N GLN B 2 6.54 3.35 -1.39
CA GLN B 2 8.02 3.45 -1.53
C GLN B 2 8.41 4.48 -2.58
N ARG B 3 9.49 5.22 -2.34
CA ARG B 3 9.91 6.31 -3.23
C ARG B 3 11.43 6.26 -3.47
N THR B 4 11.87 6.21 -4.71
CA THR B 4 13.31 5.94 -4.94
C THR B 4 14.22 7.17 -4.92
N PRO B 5 15.37 7.08 -4.24
CA PRO B 5 16.24 8.26 -4.00
C PRO B 5 16.75 8.93 -5.27
N LYS B 6 16.82 10.27 -5.29
CA LYS B 6 17.63 10.98 -6.28
C LYS B 6 18.99 11.19 -5.62
N ILE B 7 20.11 10.99 -6.33
CA ILE B 7 21.41 11.15 -5.70
C ILE B 7 22.26 12.21 -6.37
N GLN B 8 22.89 13.09 -5.62
CA GLN B 8 23.73 14.13 -6.21
C GLN B 8 25.06 14.11 -5.53
N VAL B 9 26.12 14.61 -6.14
CA VAL B 9 27.42 14.60 -5.45
C VAL B 9 28.29 15.79 -5.85
N TYR B 10 28.53 16.66 -4.88
CA TYR B 10 29.20 17.94 -5.12
C TYR B 10 30.09 18.31 -3.94
N SER B 11 31.11 19.12 -4.20
CA SER B 11 32.01 19.61 -3.16
C SER B 11 31.34 20.78 -2.54
N ARG B 12 31.91 21.32 -1.47
CA ARG B 12 31.33 22.49 -0.85
C ARG B 12 31.68 23.66 -1.72
N HIS B 13 32.96 23.89 -1.93
CA HIS B 13 33.54 24.99 -2.75
C HIS B 13 34.01 24.53 -4.15
N PRO B 14 34.47 25.49 -4.99
CA PRO B 14 35.03 25.06 -6.26
C PRO B 14 36.24 24.18 -6.07
N ALA B 15 36.10 22.92 -6.47
CA ALA B 15 37.20 21.97 -6.76
C ALA B 15 38.50 22.64 -7.19
N GLU B 16 39.55 22.48 -6.38
CA GLU B 16 40.86 23.01 -6.71
C GLU B 16 41.93 22.03 -6.25
N ASN B 17 42.40 21.23 -7.21
CA ASN B 17 43.34 20.12 -6.98
C ASN B 17 44.51 20.46 -6.08
N GLY B 18 44.37 20.32 -4.77
CA GLY B 18 45.43 20.79 -3.89
C GLY B 18 45.01 21.35 -2.55
N LYS B 19 43.95 22.17 -2.53
CA LYS B 19 43.44 22.75 -1.26
C LYS B 19 42.36 21.91 -0.55
N SER B 20 42.28 22.08 0.76
CA SER B 20 41.35 21.35 1.59
C SER B 20 39.94 21.70 1.15
N ASN B 21 39.07 20.70 1.08
CA ASN B 21 37.70 20.87 0.61
C ASN B 21 36.69 20.06 1.43
N PHE B 22 35.63 19.55 0.80
CA PHE B 22 34.54 18.87 1.49
C PHE B 22 33.65 18.26 0.46
N LEU B 23 33.49 16.95 0.51
CA LEU B 23 32.73 16.29 -0.52
C LEU B 23 31.35 15.95 0.09
N ASN B 24 30.30 16.21 -0.68
CA ASN B 24 28.92 16.01 -0.23
C ASN B 24 28.30 15.03 -1.15
N CYS B 25 27.57 14.08 -0.58
CA CYS B 25 26.73 13.19 -1.33
C CYS B 25 25.40 13.34 -0.65
N TYR B 26 24.42 13.80 -1.42
CA TYR B 26 23.11 14.18 -0.92
C TYR B 26 22.03 13.33 -1.58
N VAL B 27 21.14 12.84 -0.77
CA VAL B 27 20.22 11.84 -1.20
C VAL B 27 18.90 12.42 -0.79
N SER B 28 17.89 12.31 -1.64
CA SER B 28 16.68 13.09 -1.47
C SER B 28 15.61 12.53 -2.32
N GLY B 29 14.64 11.87 -1.71
CA GLY B 29 13.38 11.57 -2.34
C GLY B 29 12.75 10.32 -1.81
N PHE B 30 13.44 9.68 -0.87
CA PHE B 30 13.20 8.28 -0.56
C PHE B 30 12.27 7.99 0.56
N HIS B 31 11.75 6.78 0.60
CA HIS B 31 10.85 6.45 1.68
C HIS B 31 10.45 4.99 1.60
N PRO B 32 10.63 4.21 2.69
CA PRO B 32 11.13 4.42 4.04
C PRO B 32 12.47 5.11 4.14
N SER B 33 12.78 5.61 5.33
CA SER B 33 14.05 6.27 5.69
C SER B 33 15.30 5.36 5.86
N ASP B 34 15.18 4.07 5.56
CA ASP B 34 16.30 3.20 5.84
C ASP B 34 17.25 3.22 4.68
N ILE B 35 18.52 3.42 4.97
CA ILE B 35 19.39 3.74 3.90
C ILE B 35 20.83 3.67 4.33
N GLU B 36 21.65 3.10 3.46
CA GLU B 36 23.08 3.10 3.69
C GLU B 36 23.74 3.82 2.53
N VAL B 37 24.59 4.74 2.92
CA VAL B 37 25.18 5.68 2.03
C VAL B 37 26.62 5.78 2.50
N ASP B 38 27.54 5.78 1.51
CA ASP B 38 28.97 5.64 1.77
C ASP B 38 29.82 6.34 0.74
N LEU B 39 30.93 6.89 1.20
CA LEU B 39 31.77 7.66 0.29
C LEU B 39 33.10 7.01 -0.02
N LEU B 40 33.23 6.65 -1.30
CA LEU B 40 34.41 5.99 -1.85
C LEU B 40 35.42 6.98 -2.45
N LYS B 41 36.61 6.96 -1.86
CA LYS B 41 37.87 7.35 -2.50
C LYS B 41 38.31 6.21 -3.44
N ASN B 42 38.32 6.46 -4.74
CA ASN B 42 38.92 5.50 -5.68
C ASN B 42 38.24 4.17 -5.80
N GLY B 43 37.66 3.71 -4.69
CA GLY B 43 37.07 2.39 -4.64
C GLY B 43 36.64 2.07 -3.24
N GLU B 44 37.46 2.44 -2.26
CA GLU B 44 37.13 2.10 -0.86
C GLU B 44 36.34 3.19 -0.10
N ARG B 45 35.33 2.77 0.67
CA ARG B 45 34.58 3.67 1.57
C ARG B 45 35.48 4.40 2.54
N ILE B 46 35.06 5.59 2.94
CA ILE B 46 35.91 6.48 3.68
C ILE B 46 35.56 6.40 5.18
N GLU B 47 36.58 6.59 6.02
CA GLU B 47 36.50 6.33 7.47
C GLU B 47 35.77 7.42 8.27
N LYS B 48 36.42 8.56 8.48
CA LYS B 48 35.77 9.70 9.14
C LYS B 48 34.79 10.36 8.14
N VAL B 49 33.50 10.12 8.37
CA VAL B 49 32.42 10.56 7.47
C VAL B 49 31.19 10.85 8.29
N GLU B 50 30.93 12.15 8.49
CA GLU B 50 29.70 12.61 9.11
C GLU B 50 28.48 12.52 8.18
N HIS B 51 27.30 12.80 8.75
CA HIS B 51 26.03 12.81 8.04
C HIS B 51 25.01 13.64 8.84
N SER B 52 24.49 14.74 8.28
CA SER B 52 23.50 15.58 9.01
C SER B 52 22.22 14.84 9.48
N ASP B 53 21.33 15.53 10.19
CA ASP B 53 20.15 14.86 10.71
C ASP B 53 19.32 14.54 9.51
N LEU B 54 18.17 13.87 9.70
CA LEU B 54 17.38 13.36 8.57
C LEU B 54 16.09 14.09 8.63
N SER B 55 15.67 14.66 7.50
CA SER B 55 14.41 15.40 7.48
C SER B 55 13.57 14.92 6.38
N PHE B 56 12.50 15.63 6.10
CA PHE B 56 11.65 15.24 4.98
C PHE B 56 10.95 16.45 4.35
N SER B 57 10.77 16.35 3.03
CA SER B 57 10.28 17.41 2.22
C SER B 57 8.79 17.46 2.37
N LYS B 58 8.10 18.27 1.56
CA LYS B 58 6.69 18.64 1.79
C LYS B 58 5.76 17.53 1.34
N ASP B 59 6.30 16.35 1.17
CA ASP B 59 5.54 15.21 0.77
C ASP B 59 6.18 14.01 1.44
N TRP B 60 6.74 14.27 2.63
CA TRP B 60 7.15 13.27 3.59
C TRP B 60 8.36 12.45 3.13
N SER B 61 8.88 12.77 1.97
CA SER B 61 10.03 12.10 1.45
C SER B 61 11.28 12.51 2.22
N PHE B 62 11.98 11.54 2.78
CA PHE B 62 13.17 11.84 3.57
C PHE B 62 14.32 12.32 2.69
N TYR B 63 15.25 13.04 3.30
CA TYR B 63 16.41 13.56 2.59
C TYR B 63 17.53 13.64 3.59
N LEU B 64 18.74 13.42 3.11
CA LEU B 64 19.80 13.06 3.98
C LEU B 64 21.04 13.40 3.26
N LEU B 65 21.85 14.26 3.87
CA LEU B 65 23.13 14.59 3.33
C LEU B 65 24.22 13.72 4.05
N TYR B 66 25.10 13.04 3.32
CA TYR B 66 26.31 12.59 4.00
C TYR B 66 27.44 13.44 3.49
N TYR B 67 28.46 13.64 4.33
CA TYR B 67 29.64 14.38 3.91
C TYR B 67 30.91 14.09 4.71
N THR B 68 32.02 14.66 4.24
CA THR B 68 33.39 14.39 4.68
C THR B 68 34.33 15.44 4.13
N GLU B 69 35.40 15.74 4.88
CA GLU B 69 36.53 16.50 4.38
C GLU B 69 37.27 15.68 3.31
N PHE B 70 38.06 16.37 2.47
CA PHE B 70 38.95 15.71 1.50
C PHE B 70 39.94 16.63 0.74
N THR B 71 40.66 16.06 -0.24
CA THR B 71 41.59 16.83 -1.08
C THR B 71 41.84 16.05 -2.37
N PRO B 72 41.41 16.59 -3.52
CA PRO B 72 41.61 15.87 -4.78
C PRO B 72 42.85 16.31 -5.63
N THR B 73 43.57 15.32 -6.17
CA THR B 73 44.63 15.52 -7.14
C THR B 73 44.18 14.60 -8.23
N GLU B 74 44.49 14.94 -9.49
CA GLU B 74 43.89 14.23 -10.62
C GLU B 74 44.35 12.76 -10.67
N LYS B 75 44.93 12.31 -9.56
CA LYS B 75 45.10 10.87 -9.30
C LYS B 75 43.68 10.35 -9.04
N ASP B 76 43.21 10.54 -7.80
CA ASP B 76 41.97 9.96 -7.25
C ASP B 76 40.62 10.22 -7.99
N GLU B 77 39.69 9.27 -7.86
CA GLU B 77 38.31 9.47 -8.30
C GLU B 77 37.29 9.11 -7.18
N TYR B 78 36.86 10.13 -6.42
CA TYR B 78 35.85 9.97 -5.35
C TYR B 78 34.44 9.80 -5.93
N ALA B 79 33.55 9.05 -5.27
CA ALA B 79 32.18 8.76 -5.80
C ALA B 79 31.22 8.28 -4.72
N CYS B 80 29.92 8.21 -5.02
CA CYS B 80 28.93 7.96 -3.93
C CYS B 80 28.06 6.71 -4.22
N ARG B 81 28.14 5.70 -3.33
CA ARG B 81 27.33 4.50 -3.49
C ARG B 81 26.25 4.51 -2.44
N VAL B 82 25.08 4.06 -2.85
CA VAL B 82 23.88 4.21 -2.11
C VAL B 82 23.10 2.94 -2.36
N ASN B 83 22.58 2.34 -1.29
CA ASN B 83 21.70 1.16 -1.38
C ASN B 83 20.46 1.51 -0.59
N HIS B 84 19.31 1.05 -1.09
CA HIS B 84 17.97 1.31 -0.52
C HIS B 84 16.99 0.34 -1.12
N VAL B 85 16.01 -0.09 -0.34
CA VAL B 85 14.96 -1.09 -0.73
C VAL B 85 14.33 -1.07 -2.13
N THR B 86 14.81 -0.19 -3.00
CA THR B 86 14.04 0.19 -4.18
C THR B 86 14.99 0.25 -5.37
N LEU B 87 16.15 0.87 -5.18
CA LEU B 87 17.30 0.57 -6.01
C LEU B 87 17.41 -0.95 -6.06
N SER B 88 17.94 -1.53 -7.16
CA SER B 88 18.03 -3.02 -7.28
C SER B 88 19.38 -3.62 -6.84
N GLN B 89 20.43 -2.87 -7.06
CA GLN B 89 21.65 -3.01 -6.29
C GLN B 89 22.04 -1.59 -6.10
N PRO B 90 23.08 -1.34 -5.31
CA PRO B 90 23.63 -0.02 -5.24
C PRO B 90 23.49 0.87 -6.51
N LYS B 91 23.48 2.18 -6.34
CA LYS B 91 23.81 3.05 -7.45
C LYS B 91 25.11 3.70 -6.99
N ILE B 92 26.06 3.80 -7.91
CA ILE B 92 27.20 4.64 -7.59
C ILE B 92 27.09 5.87 -8.45
N VAL B 93 27.36 7.01 -7.86
CA VAL B 93 27.25 8.23 -8.61
C VAL B 93 28.65 8.74 -8.60
N LYS B 94 29.32 8.75 -9.76
CA LYS B 94 30.72 9.20 -9.80
C LYS B 94 30.65 10.71 -9.59
N TRP B 95 31.45 11.25 -8.70
CA TRP B 95 31.41 12.69 -8.50
C TRP B 95 32.01 13.41 -9.67
N ASP B 96 31.22 13.75 -10.67
CA ASP B 96 31.73 14.57 -11.76
C ASP B 96 32.25 15.89 -11.18
N ARG B 97 33.50 16.20 -11.45
CA ARG B 97 34.10 17.45 -10.95
C ARG B 97 33.42 18.68 -11.56
N ASP B 98 33.94 19.85 -11.18
CA ASP B 98 33.21 21.15 -11.22
C ASP B 98 31.79 21.19 -11.77
N MET B 99 30.92 20.45 -11.09
CA MET B 99 29.50 20.43 -11.36
C MET B 99 28.79 20.29 -9.98
N LEU C 5 1.95 -30.59 11.42
CA LEU C 5 3.35 -31.18 11.39
C LEU C 5 4.30 -30.30 10.52
N SER C 6 5.59 -30.28 10.82
CA SER C 6 6.49 -29.32 10.18
C SER C 6 7.93 -29.64 10.44
N LEU C 7 8.70 -29.54 9.34
CA LEU C 7 10.16 -29.56 9.31
C LEU C 7 10.56 -28.17 9.69
N LEU C 8 11.59 -28.01 10.51
CA LEU C 8 12.05 -26.66 10.81
C LEU C 8 13.50 -26.56 11.28
N TYR C 9 14.29 -25.99 10.39
CA TYR C 9 15.64 -25.77 10.69
C TYR C 9 15.82 -24.49 11.49
N HIS C 10 16.63 -24.59 12.55
CA HIS C 10 16.97 -23.50 13.41
C HIS C 10 18.43 -23.18 13.25
N LEU C 11 18.77 -22.15 12.43
CA LEU C 11 20.16 -21.88 12.02
C LEU C 11 20.71 -20.72 12.82
N THR C 12 21.96 -20.80 13.25
CA THR C 12 22.56 -19.78 14.12
C THR C 12 24.00 -19.59 13.67
N ALA C 13 24.42 -18.35 13.43
CA ALA C 13 25.85 -18.05 13.23
C ALA C 13 26.21 -16.84 14.02
N VAL C 14 27.41 -16.86 14.56
CA VAL C 14 27.93 -15.79 15.42
C VAL C 14 29.30 -15.37 14.86
N SER C 15 29.60 -14.07 14.96
CA SER C 15 30.91 -13.55 14.47
C SER C 15 32.10 -13.89 15.37
N SER C 16 31.81 -14.09 16.64
CA SER C 16 32.87 -14.19 17.60
C SER C 16 32.60 -15.36 18.56
N PRO C 17 32.89 -16.60 18.11
CA PRO C 17 32.67 -17.81 18.91
C PRO C 17 33.75 -17.98 19.92
N ALA C 18 33.33 -18.08 21.17
CA ALA C 18 34.19 -18.40 22.30
C ALA C 18 34.98 -19.68 22.02
N PRO C 19 36.28 -19.72 22.37
CA PRO C 19 37.25 -20.79 21.95
C PRO C 19 36.71 -22.23 22.07
N GLY C 20 36.79 -22.99 20.99
CA GLY C 20 36.27 -24.37 20.94
C GLY C 20 35.14 -24.45 19.92
N THR C 21 33.90 -24.40 20.46
CA THR C 21 32.72 -23.77 19.87
C THR C 21 32.70 -23.32 18.39
N PRO C 22 31.74 -23.87 17.61
CA PRO C 22 31.42 -23.51 16.23
C PRO C 22 30.78 -22.13 16.08
N ALA C 23 31.03 -21.50 14.95
CA ALA C 23 30.48 -20.20 14.63
C ALA C 23 29.12 -20.31 13.93
N PHE C 24 28.82 -21.50 13.38
CA PHE C 24 27.55 -21.75 12.71
C PHE C 24 27.00 -23.06 13.21
N TRP C 25 25.67 -23.16 13.27
CA TRP C 25 25.10 -24.44 13.62
C TRP C 25 23.59 -24.59 13.50
N VAL C 26 23.17 -25.84 13.31
CA VAL C 26 21.80 -26.07 13.02
C VAL C 26 21.16 -27.09 13.93
N SER C 27 19.86 -26.97 14.05
CA SER C 27 19.07 -28.04 14.57
C SER C 27 17.77 -28.12 13.79
N GLY C 28 17.43 -29.32 13.33
CA GLY C 28 16.20 -29.55 12.54
C GLY C 28 15.14 -30.24 13.35
N TRP C 29 13.93 -29.70 13.35
CA TRP C 29 12.91 -30.20 14.27
C TRP C 29 11.88 -30.69 13.34
N LEU C 30 11.40 -31.92 13.61
CA LEU C 30 10.11 -32.44 13.11
C LEU C 30 9.26 -32.18 14.28
N GLY C 31 8.35 -31.24 14.07
CA GLY C 31 7.53 -30.71 15.18
C GLY C 31 8.41 -30.27 16.34
N PRO C 32 8.10 -30.77 17.55
CA PRO C 32 8.71 -30.53 18.79
C PRO C 32 9.88 -31.47 19.06
N GLN C 33 10.40 -32.14 18.03
CA GLN C 33 11.33 -33.25 18.23
C GLN C 33 12.60 -33.14 17.40
N GLN C 34 13.75 -33.01 18.04
CA GLN C 34 14.89 -32.70 17.18
C GLN C 34 15.37 -33.98 16.56
N TYR C 35 15.89 -33.90 15.35
CA TYR C 35 16.08 -35.05 14.47
C TYR C 35 17.34 -34.81 13.65
N LEU C 36 17.67 -33.54 13.39
CA LEU C 36 18.88 -33.19 12.68
C LEU C 36 19.75 -32.30 13.49
N SER C 37 21.05 -32.60 13.56
CA SER C 37 22.05 -31.68 14.06
C SER C 37 23.26 -31.45 13.14
N TYR C 38 23.59 -30.19 12.82
CA TYR C 38 24.88 -29.74 12.16
C TYR C 38 25.59 -28.72 13.02
N ASN C 39 26.92 -28.83 13.15
CA ASN C 39 27.77 -27.71 13.63
C ASN C 39 28.99 -27.47 12.72
N SER C 40 29.50 -26.25 12.71
CA SER C 40 30.69 -25.86 11.93
C SER C 40 32.00 -26.67 12.15
N LEU C 41 32.53 -26.76 13.37
CA LEU C 41 33.78 -27.45 13.53
C LEU C 41 33.73 -28.75 12.74
N ARG C 42 32.62 -29.48 12.89
CA ARG C 42 32.51 -30.84 12.37
C ARG C 42 32.21 -30.80 10.89
N GLY C 43 31.01 -30.39 10.51
CA GLY C 43 30.68 -30.19 9.11
C GLY C 43 29.80 -31.23 8.49
N GLU C 44 29.26 -32.17 9.26
CA GLU C 44 28.28 -33.13 8.73
C GLU C 44 26.89 -32.87 9.31
N ALA C 45 25.85 -33.40 8.68
CA ALA C 45 24.52 -33.33 9.27
C ALA C 45 24.24 -34.65 9.94
N GLU C 46 24.17 -34.68 11.27
CA GLU C 46 23.83 -35.91 12.00
C GLU C 46 22.35 -36.03 12.29
N PRO C 47 21.84 -37.27 12.37
CA PRO C 47 20.52 -37.51 12.93
C PRO C 47 20.57 -37.52 14.43
N CYS C 48 19.42 -37.27 15.04
CA CYS C 48 19.35 -37.22 16.48
C CYS C 48 18.59 -38.40 17.04
N GLY C 49 19.18 -39.04 18.06
CA GLY C 49 18.53 -40.13 18.79
C GLY C 49 17.79 -41.16 17.95
N ALA C 50 16.48 -41.08 17.93
CA ALA C 50 15.71 -42.16 17.27
C ALA C 50 15.79 -42.16 15.75
N TRP C 51 16.61 -41.31 15.18
CA TRP C 51 16.55 -41.22 13.75
C TRP C 51 17.88 -41.62 13.32
N VAL C 52 18.71 -42.11 14.23
CA VAL C 52 19.91 -42.69 13.66
C VAL C 52 19.42 -43.94 12.93
N TRP C 53 18.31 -44.49 13.41
CA TRP C 53 17.74 -45.70 12.83
C TRP C 53 16.84 -45.42 11.68
N GLU C 54 16.23 -44.27 11.61
CA GLU C 54 15.32 -44.07 10.50
C GLU C 54 15.85 -44.85 9.29
N ASN C 55 14.92 -45.46 8.56
CA ASN C 55 15.36 -46.20 7.40
C ASN C 55 15.57 -45.27 6.20
N GLN C 56 16.83 -45.17 5.77
CA GLN C 56 17.23 -44.08 4.88
C GLN C 56 18.45 -44.39 4.04
N VAL C 57 18.24 -44.29 2.71
CA VAL C 57 19.23 -44.63 1.67
C VAL C 57 20.62 -43.99 1.81
N SER C 58 21.34 -44.43 2.85
CA SER C 58 22.74 -44.03 3.18
C SER C 58 22.97 -42.52 2.92
N TRP C 59 23.27 -42.17 1.67
CA TRP C 59 23.45 -40.78 1.24
C TRP C 59 22.17 -39.91 0.90
N TYR C 60 21.35 -39.73 1.93
CA TYR C 60 20.30 -38.73 1.99
C TYR C 60 20.84 -37.66 2.90
N TRP C 61 21.66 -38.10 3.84
CA TRP C 61 22.34 -37.19 4.73
C TRP C 61 23.45 -36.42 4.05
N GLU C 62 23.93 -36.88 2.90
CA GLU C 62 24.93 -36.03 2.29
C GLU C 62 24.26 -34.87 1.55
N LYS C 63 23.00 -35.05 1.14
CA LYS C 63 22.20 -33.92 0.65
C LYS C 63 21.90 -32.97 1.80
N GLU C 64 21.22 -33.43 2.86
CA GLU C 64 21.15 -32.67 4.08
C GLU C 64 22.46 -31.97 4.37
N THR C 65 23.61 -32.62 4.08
CA THR C 65 24.91 -31.95 4.27
C THR C 65 25.29 -30.88 3.23
N THR C 66 25.21 -31.18 1.95
CA THR C 66 25.60 -30.13 1.00
C THR C 66 24.67 -28.95 1.15
N ASP C 67 23.44 -29.17 1.60
CA ASP C 67 22.58 -28.04 1.85
C ASP C 67 23.10 -27.24 3.05
N LEU C 68 22.89 -27.69 4.28
CA LEU C 68 23.49 -27.03 5.43
C LEU C 68 24.97 -26.70 5.31
N ARG C 69 25.55 -26.64 4.12
CA ARG C 69 26.97 -26.24 4.02
C ARG C 69 27.05 -25.01 3.17
N ILE C 70 26.34 -25.06 2.05
CA ILE C 70 25.99 -23.87 1.33
C ILE C 70 25.51 -22.81 2.30
N LYS C 71 24.55 -23.15 3.13
CA LYS C 71 24.07 -22.23 4.14
C LYS C 71 25.19 -21.74 5.09
N GLU C 72 26.18 -22.57 5.38
CA GLU C 72 27.29 -22.08 6.18
C GLU C 72 28.09 -21.02 5.41
N LYS C 73 28.50 -21.29 4.15
CA LYS C 73 29.17 -20.23 3.35
C LYS C 73 28.41 -18.92 3.56
N LEU C 74 27.13 -18.98 3.16
CA LEU C 74 26.20 -17.87 3.13
C LEU C 74 26.06 -17.09 4.40
N PHE C 75 25.87 -17.77 5.51
CA PHE C 75 25.82 -17.12 6.80
C PHE C 75 27.14 -16.49 7.22
N LEU C 76 28.23 -17.21 7.15
CA LEU C 76 29.42 -16.55 7.66
C LEU C 76 29.83 -15.45 6.69
N GLU C 77 29.38 -15.56 5.45
CA GLU C 77 29.65 -14.51 4.51
C GLU C 77 28.84 -13.21 4.81
N ALA C 78 27.59 -13.37 5.26
CA ALA C 78 26.77 -12.27 5.76
C ALA C 78 27.59 -11.34 6.58
N PHE C 79 28.17 -11.85 7.65
CA PHE C 79 29.07 -11.03 8.45
C PHE C 79 30.13 -10.36 7.56
N LYS C 80 30.76 -11.12 6.67
CA LYS C 80 31.82 -10.55 5.91
C LYS C 80 31.26 -9.37 5.14
N ALA C 81 29.94 -9.28 5.07
CA ALA C 81 29.28 -8.30 4.22
C ALA C 81 28.65 -7.22 5.04
N LEU C 82 29.20 -6.91 6.17
CA LEU C 82 28.47 -6.10 7.09
C LEU C 82 29.48 -5.31 7.93
N GLY C 83 30.39 -4.64 7.25
CA GLY C 83 31.68 -4.27 7.83
C GLY C 83 31.60 -3.45 9.10
N GLY C 84 31.45 -4.14 10.22
CA GLY C 84 31.43 -3.48 11.53
C GLY C 84 32.51 -4.10 12.39
N LYS C 85 32.41 -3.87 13.69
CA LYS C 85 33.19 -4.63 14.67
C LYS C 85 32.25 -5.67 15.37
N GLY C 86 30.98 -5.63 15.01
CA GLY C 86 30.04 -6.57 15.58
C GLY C 86 29.89 -6.28 17.06
N PRO C 87 29.74 -7.35 17.89
CA PRO C 87 29.74 -8.70 17.34
C PRO C 87 28.34 -8.94 16.76
N TYR C 88 28.21 -9.89 15.86
CA TYR C 88 26.94 -10.15 15.26
C TYR C 88 26.31 -11.51 15.68
N THR C 89 24.98 -11.60 15.70
CA THR C 89 24.31 -12.89 15.82
C THR C 89 23.22 -12.98 14.77
N LEU C 90 23.53 -13.65 13.67
CA LEU C 90 22.55 -13.91 12.61
C LEU C 90 21.83 -15.28 12.78
N GLN C 91 20.50 -15.26 12.78
CA GLN C 91 19.69 -16.47 12.97
C GLN C 91 18.77 -16.75 11.81
N GLY C 92 18.53 -18.01 11.56
CA GLY C 92 17.64 -18.37 10.49
C GLY C 92 16.62 -19.39 10.94
N LEU C 93 15.47 -19.30 10.32
CA LEU C 93 14.43 -20.23 10.60
C LEU C 93 13.74 -20.62 9.30
N LEU C 94 14.14 -21.74 8.71
CA LEU C 94 13.66 -22.11 7.39
C LEU C 94 12.88 -23.42 7.46
N GLY C 95 11.81 -23.54 6.67
CA GLY C 95 11.06 -24.80 6.68
C GLY C 95 9.69 -24.81 6.09
N CYS C 96 8.97 -25.88 6.36
CA CYS C 96 7.63 -26.04 5.80
C CYS C 96 6.72 -26.62 6.85
N GLU C 97 5.45 -26.22 6.81
CA GLU C 97 4.42 -26.85 7.62
C GLU C 97 3.38 -27.39 6.65
N LEU C 98 2.87 -28.58 6.95
CA LEU C 98 2.01 -29.33 6.02
C LEU C 98 0.60 -28.85 6.29
N GLY C 99 0.06 -28.01 5.41
CA GLY C 99 -1.32 -27.57 5.51
C GLY C 99 -2.40 -28.56 5.01
N PRO C 100 -3.63 -28.04 4.75
CA PRO C 100 -4.82 -28.72 4.22
C PRO C 100 -4.64 -29.78 3.12
N ASP C 101 -4.83 -29.36 1.87
CA ASP C 101 -5.04 -30.32 0.76
C ASP C 101 -3.81 -31.09 0.28
N ASN C 102 -3.20 -31.91 1.13
CA ASN C 102 -1.79 -32.25 0.92
C ASN C 102 -1.07 -30.95 0.43
N THR C 103 -1.46 -29.82 1.03
CA THR C 103 -0.92 -28.51 0.73
C THR C 103 0.32 -28.34 1.58
N SER C 104 1.21 -27.44 1.17
CA SER C 104 2.41 -27.17 1.98
C SER C 104 2.78 -25.69 2.12
N VAL C 105 3.32 -25.35 3.30
CA VAL C 105 3.54 -23.94 3.76
C VAL C 105 4.96 -23.59 4.32
N PRO C 106 5.73 -22.80 3.53
CA PRO C 106 7.18 -22.63 3.68
C PRO C 106 7.52 -21.39 4.50
N THR C 107 8.50 -21.46 5.37
CA THR C 107 8.80 -20.35 6.24
C THR C 107 10.25 -20.02 6.00
N ALA C 108 10.52 -18.79 5.61
CA ALA C 108 11.91 -18.36 5.63
C ALA C 108 12.04 -16.93 6.18
N LYS C 109 12.59 -16.83 7.38
CA LYS C 109 12.76 -15.59 8.11
C LYS C 109 14.14 -15.57 8.77
N PHE C 110 14.92 -14.53 8.52
CA PHE C 110 16.14 -14.36 9.25
C PHE C 110 16.05 -13.18 10.19
N ALA C 111 16.95 -13.16 11.17
CA ALA C 111 16.88 -12.29 12.31
C ALA C 111 18.29 -11.87 12.76
N LEU C 112 18.52 -10.55 12.90
CA LEU C 112 19.86 -10.04 13.25
C LEU C 112 19.94 -9.54 14.66
N ASN C 113 20.88 -10.11 15.38
CA ASN C 113 21.10 -9.73 16.74
C ASN C 113 19.98 -9.75 17.74
N GLY C 114 18.86 -10.30 17.34
CA GLY C 114 17.77 -10.50 18.25
C GLY C 114 16.51 -10.27 17.48
N GLU C 115 16.62 -9.55 16.37
CA GLU C 115 15.44 -9.09 15.67
C GLU C 115 15.31 -9.59 14.24
N GLU C 116 14.07 -9.92 13.85
CA GLU C 116 13.66 -10.24 12.47
C GLU C 116 13.98 -9.07 11.59
N PHE C 117 14.59 -9.30 10.45
CA PHE C 117 14.97 -8.15 9.66
C PHE C 117 15.13 -8.55 8.21
N MET C 118 14.80 -9.81 7.94
CA MET C 118 14.96 -10.39 6.63
C MET C 118 14.08 -11.60 6.49
N ASN C 119 13.40 -11.71 5.37
CA ASN C 119 12.67 -12.91 5.16
C ASN C 119 13.02 -13.29 3.73
N PHE C 120 12.56 -14.43 3.25
CA PHE C 120 12.70 -14.79 1.83
C PHE C 120 11.32 -14.77 1.21
N ASP C 121 11.19 -14.19 0.01
CA ASP C 121 9.87 -14.04 -0.63
C ASP C 121 9.69 -15.03 -1.79
N LEU C 122 8.89 -16.06 -1.55
CA LEU C 122 8.75 -17.14 -2.56
C LEU C 122 8.01 -16.82 -3.85
N LYS C 123 7.27 -15.71 -3.92
CA LYS C 123 6.61 -15.36 -5.19
C LYS C 123 7.72 -15.07 -6.16
N GLN C 124 8.48 -14.02 -5.87
CA GLN C 124 9.50 -13.59 -6.78
C GLN C 124 10.92 -13.95 -6.38
N GLY C 125 11.05 -14.91 -5.49
CA GLY C 125 12.37 -15.48 -5.16
C GLY C 125 13.45 -14.46 -4.84
N THR C 126 13.31 -13.81 -3.69
CA THR C 126 14.23 -12.78 -3.28
C THR C 126 14.16 -12.58 -1.80
N TRP C 127 15.32 -12.44 -1.15
CA TRP C 127 15.40 -12.02 0.25
C TRP C 127 15.22 -10.54 0.29
N GLY C 128 14.55 -10.05 1.33
CA GLY C 128 14.28 -8.64 1.50
C GLY C 128 14.32 -8.20 2.95
N GLY C 129 14.38 -6.89 3.14
CA GLY C 129 14.40 -6.20 4.43
C GLY C 129 14.75 -4.74 4.14
N ASP C 130 14.51 -3.85 5.09
CA ASP C 130 14.83 -2.44 4.87
C ASP C 130 16.18 -2.05 5.41
N TRP C 131 16.51 -2.51 6.62
CA TRP C 131 17.69 -1.96 7.26
C TRP C 131 18.82 -2.14 6.29
N PRO C 132 19.75 -1.20 6.28
CA PRO C 132 20.89 -1.34 5.45
C PRO C 132 21.41 -2.79 5.48
N GLU C 133 21.48 -3.38 6.67
CA GLU C 133 22.08 -4.69 6.76
C GLU C 133 21.22 -5.85 6.14
N ALA C 134 19.89 -5.74 6.15
CA ALA C 134 19.14 -6.63 5.27
C ALA C 134 19.59 -6.44 3.83
N LEU C 135 19.56 -5.19 3.35
CA LEU C 135 20.07 -4.85 2.01
C LEU C 135 21.47 -5.35 1.81
N ALA C 136 22.28 -5.14 2.82
CA ALA C 136 23.61 -5.57 2.71
C ALA C 136 23.63 -7.07 2.41
N ILE C 137 23.01 -7.88 3.28
CA ILE C 137 23.06 -9.35 3.08
C ILE C 137 22.28 -9.79 1.84
N SER C 138 21.02 -9.38 1.76
CA SER C 138 20.17 -9.62 0.59
C SER C 138 20.97 -9.62 -0.68
N GLN C 139 21.66 -8.52 -0.93
CA GLN C 139 22.38 -8.31 -2.18
C GLN C 139 23.46 -9.31 -2.26
N ARG C 140 24.12 -9.57 -1.15
CA ARG C 140 25.23 -10.50 -1.27
C ARG C 140 24.79 -11.90 -1.72
N TRP C 141 23.98 -12.58 -0.89
CA TRP C 141 23.15 -13.69 -1.35
C TRP C 141 22.63 -13.42 -2.81
N GLN C 142 21.63 -12.58 -3.08
CA GLN C 142 21.17 -12.39 -4.47
C GLN C 142 22.27 -12.47 -5.52
N GLN C 143 23.36 -11.75 -5.33
CA GLN C 143 24.49 -11.77 -6.28
C GLN C 143 24.98 -13.16 -6.66
N GLN C 144 25.10 -14.02 -5.62
CA GLN C 144 25.59 -15.39 -5.76
C GLN C 144 24.72 -16.25 -6.58
N ASP C 145 25.34 -16.75 -7.62
CA ASP C 145 24.68 -17.50 -8.66
C ASP C 145 24.05 -18.82 -8.12
N LYS C 146 22.78 -19.00 -8.51
CA LYS C 146 21.99 -20.17 -8.10
C LYS C 146 21.65 -20.14 -6.59
N ALA C 147 22.29 -19.26 -5.82
CA ALA C 147 21.95 -19.11 -4.41
C ALA C 147 20.49 -18.91 -4.15
N ALA C 148 19.81 -18.12 -4.94
CA ALA C 148 18.41 -17.91 -4.65
C ALA C 148 17.66 -19.12 -5.05
N ASN C 149 18.06 -19.69 -6.16
CA ASN C 149 17.38 -20.83 -6.71
C ASN C 149 17.48 -22.03 -5.77
N LYS C 150 18.70 -22.47 -5.42
CA LYS C 150 18.93 -23.28 -4.22
C LYS C 150 17.91 -23.06 -3.06
N GLU C 151 17.72 -21.82 -2.60
CA GLU C 151 16.65 -21.53 -1.65
C GLU C 151 15.21 -21.81 -2.15
N LEU C 152 14.74 -21.18 -3.23
CA LEU C 152 13.49 -21.67 -3.85
C LEU C 152 13.44 -23.22 -3.78
N THR C 153 14.54 -23.84 -4.16
CA THR C 153 14.53 -25.24 -4.30
C THR C 153 14.46 -25.90 -2.99
N PHE C 154 15.22 -25.42 -2.02
CA PHE C 154 15.24 -26.05 -0.72
C PHE C 154 13.88 -25.95 -0.12
N LEU C 155 13.22 -24.81 -0.30
CA LEU C 155 11.99 -24.56 0.43
C LEU C 155 10.75 -25.25 -0.13
N LEU C 156 10.47 -25.02 -1.42
CA LEU C 156 9.29 -25.56 -2.15
C LEU C 156 9.34 -27.06 -2.38
N PHE C 157 10.56 -27.59 -2.56
CA PHE C 157 10.86 -29.02 -2.71
C PHE C 157 11.59 -29.62 -1.53
N SER C 158 12.91 -29.54 -1.54
CA SER C 158 13.67 -30.42 -0.69
C SER C 158 12.94 -30.61 0.63
N CYS C 159 12.30 -29.54 1.06
CA CYS C 159 11.76 -29.45 2.41
C CYS C 159 10.52 -30.38 2.61
N PRO C 160 9.46 -30.17 1.81
CA PRO C 160 8.29 -31.02 1.92
C PRO C 160 8.61 -32.50 1.71
N HIS C 161 9.45 -32.81 0.73
CA HIS C 161 10.01 -34.15 0.61
C HIS C 161 10.43 -34.57 1.99
N ARG C 162 11.55 -34.04 2.48
CA ARG C 162 12.10 -34.43 3.82
C ARG C 162 10.98 -34.59 4.85
N LEU C 163 9.91 -33.82 4.67
CA LEU C 163 8.83 -33.84 5.61
C LEU C 163 8.01 -35.11 5.43
N ARG C 164 7.69 -35.47 4.19
CA ARG C 164 6.95 -36.72 3.90
C ARG C 164 7.82 -37.94 4.21
N GLU C 165 8.97 -38.04 3.61
CA GLU C 165 9.82 -39.14 3.95
C GLU C 165 9.98 -39.38 5.46
N HIS C 166 9.87 -38.40 6.33
CA HIS C 166 9.96 -38.73 7.77
C HIS C 166 8.61 -39.13 8.33
N LEU C 167 7.58 -38.48 7.81
CA LEU C 167 6.24 -38.85 8.11
C LEU C 167 5.90 -40.31 7.79
N GLU C 168 6.78 -41.01 7.06
CA GLU C 168 6.55 -42.38 6.67
C GLU C 168 7.64 -43.29 7.18
N ARG C 169 8.90 -42.95 6.92
CA ARG C 169 10.00 -43.83 7.32
C ARG C 169 10.37 -43.85 8.84
N GLY C 170 9.49 -43.25 9.64
CA GLY C 170 9.71 -43.12 11.10
C GLY C 170 8.58 -42.43 11.87
N ARG C 171 7.36 -42.54 11.34
CA ARG C 171 6.13 -42.16 12.05
C ARG C 171 5.90 -43.07 13.26
N GLY C 172 6.80 -44.03 13.48
CA GLY C 172 6.95 -44.65 14.81
C GLY C 172 7.23 -43.56 15.84
N ASN C 173 8.52 -43.15 15.94
CA ASN C 173 8.99 -41.89 16.57
C ASN C 173 7.93 -40.80 16.71
N LEU C 174 7.36 -40.37 15.59
CA LEU C 174 6.43 -39.27 15.58
C LEU C 174 5.25 -39.40 16.55
N GLU C 175 4.60 -40.56 16.65
CA GLU C 175 3.36 -40.62 17.43
C GLU C 175 3.54 -41.43 18.70
N TRP C 176 4.81 -41.57 19.10
CA TRP C 176 5.20 -42.12 20.41
C TRP C 176 4.50 -41.34 21.53
N LYS C 177 4.36 -41.93 22.70
CA LYS C 177 3.66 -41.29 23.83
C LYS C 177 4.12 -41.70 25.24
N GLU C 178 4.26 -40.74 26.14
CA GLU C 178 4.55 -41.09 27.51
C GLU C 178 3.80 -40.15 28.44
N PRO C 179 3.02 -40.73 29.32
CA PRO C 179 2.23 -39.91 30.19
C PRO C 179 3.13 -39.44 31.28
N PRO C 180 2.69 -38.38 31.97
CA PRO C 180 3.52 -37.82 33.02
C PRO C 180 3.41 -38.63 34.26
N SER C 181 4.48 -38.72 35.03
CA SER C 181 4.32 -38.89 36.47
C SER C 181 3.68 -37.60 37.12
N MET C 182 2.77 -37.75 38.08
CA MET C 182 2.22 -36.57 38.74
C MET C 182 2.66 -36.52 40.16
N ARG C 183 2.89 -35.31 40.63
CA ARG C 183 3.00 -35.09 42.04
C ARG C 183 2.29 -33.81 42.37
N LEU C 184 1.51 -33.85 43.44
CA LEU C 184 0.81 -32.64 43.87
C LEU C 184 1.19 -32.20 45.28
N LYS C 185 2.11 -31.25 45.38
CA LYS C 185 2.58 -30.82 46.69
C LYS C 185 2.27 -29.33 47.12
N ALA C 186 2.33 -29.08 48.44
CA ALA C 186 2.07 -27.74 49.07
C ALA C 186 3.17 -27.33 50.06
N ARG C 187 3.36 -26.02 50.19
CA ARG C 187 4.49 -25.38 50.88
C ARG C 187 4.06 -23.92 51.09
N PRO C 188 4.04 -23.41 52.35
CA PRO C 188 3.23 -22.20 52.60
C PRO C 188 3.92 -20.90 52.18
N SER C 189 3.17 -19.93 51.68
CA SER C 189 3.69 -18.59 51.41
C SER C 189 3.55 -17.72 52.70
N SER C 190 3.17 -16.44 52.56
CA SER C 190 2.85 -15.60 53.73
C SER C 190 1.82 -16.26 54.72
N PRO C 191 2.30 -16.63 55.93
CA PRO C 191 1.62 -17.64 56.76
C PRO C 191 0.20 -17.23 57.12
N GLY C 192 -0.74 -18.02 56.63
CA GLY C 192 -2.10 -17.60 56.37
C GLY C 192 -2.45 -17.95 54.93
N PHE C 193 -1.42 -18.20 54.10
CA PHE C 193 -1.60 -18.73 52.74
C PHE C 193 -0.53 -19.79 52.30
N SER C 194 -0.98 -21.01 51.98
CA SER C 194 -0.11 -22.03 51.30
C SER C 194 -0.05 -21.92 49.73
N VAL C 195 1.06 -22.36 49.14
CA VAL C 195 1.12 -22.47 47.66
C VAL C 195 1.19 -23.92 47.15
N LEU C 196 0.10 -24.35 46.48
CA LEU C 196 -0.05 -25.69 45.83
C LEU C 196 0.63 -25.81 44.46
N THR C 197 1.32 -26.94 44.24
CA THR C 197 2.24 -27.12 43.11
C THR C 197 2.08 -28.47 42.43
N CYS C 198 1.38 -28.46 41.29
CA CYS C 198 1.19 -29.68 40.49
C CYS C 198 2.33 -29.97 39.52
N SER C 199 2.95 -31.13 39.59
CA SER C 199 4.17 -31.37 38.81
C SER C 199 4.05 -32.54 37.85
N ALA C 200 4.47 -32.36 36.60
CA ALA C 200 4.36 -33.38 35.58
C ALA C 200 5.74 -33.74 35.12
N PHE C 201 6.06 -35.03 35.16
CA PHE C 201 7.41 -35.48 34.95
C PHE C 201 7.59 -36.33 33.71
N SER C 202 8.79 -36.17 33.14
CA SER C 202 9.34 -37.00 32.09
C SER C 202 8.26 -37.50 31.16
N PHE C 203 7.83 -36.66 30.22
CA PHE C 203 6.71 -36.99 29.32
C PHE C 203 6.84 -36.39 27.93
N TYR C 204 5.96 -36.85 27.03
CA TYR C 204 5.94 -36.55 25.63
C TYR C 204 4.62 -36.96 25.05
N PRO C 205 4.10 -36.16 24.11
CA PRO C 205 4.55 -34.86 23.66
C PRO C 205 4.21 -33.71 24.66
N PRO C 206 4.64 -32.46 24.36
CA PRO C 206 4.38 -31.21 25.03
C PRO C 206 2.99 -31.02 25.52
N GLU C 207 2.01 -30.79 24.64
CA GLU C 207 0.65 -30.44 25.11
C GLU C 207 0.30 -31.22 26.34
N LEU C 208 -0.16 -30.49 27.34
CA LEU C 208 -0.53 -31.06 28.64
C LEU C 208 -1.40 -30.05 29.38
N GLN C 209 -2.62 -30.39 29.75
CA GLN C 209 -3.46 -29.46 30.47
C GLN C 209 -3.45 -29.80 31.96
N LEU C 210 -3.45 -28.78 32.80
CA LEU C 210 -3.36 -28.95 34.25
C LEU C 210 -4.32 -27.93 34.84
N ARG C 211 -5.46 -28.38 35.37
CA ARG C 211 -6.37 -27.46 36.06
C ARG C 211 -6.49 -27.82 37.55
N PHE C 212 -7.16 -26.95 38.31
CA PHE C 212 -7.33 -27.11 39.77
C PHE C 212 -8.79 -27.06 40.09
N LEU C 213 -9.19 -27.80 41.10
CA LEU C 213 -10.56 -27.71 41.55
C LEU C 213 -10.61 -27.62 43.07
N ARG C 214 -11.40 -26.69 43.60
CA ARG C 214 -11.74 -26.74 45.05
C ARG C 214 -12.96 -27.61 45.13
N ASN C 215 -12.92 -28.60 46.04
CA ASN C 215 -13.98 -29.60 46.21
C ASN C 215 -14.91 -29.78 44.96
N GLY C 216 -14.32 -30.20 43.84
CA GLY C 216 -15.09 -30.47 42.62
C GLY C 216 -15.42 -29.30 41.67
N LEU C 217 -15.60 -28.09 42.20
CA LEU C 217 -15.77 -26.95 41.31
C LEU C 217 -14.41 -26.29 40.97
N ALA C 218 -14.36 -25.53 39.89
CA ALA C 218 -13.07 -24.98 39.44
C ALA C 218 -12.38 -23.93 40.34
N ALA C 219 -11.16 -24.26 40.78
CA ALA C 219 -10.19 -23.29 41.31
C ALA C 219 -9.49 -22.50 40.19
N GLY C 220 -9.65 -22.94 38.95
CA GLY C 220 -8.96 -22.32 37.81
C GLY C 220 -7.54 -22.82 37.58
N THR C 221 -6.65 -21.93 37.19
CA THR C 221 -5.23 -22.28 37.10
C THR C 221 -4.38 -21.20 37.71
N GLY C 222 -3.08 -21.43 37.60
CA GLY C 222 -2.14 -20.58 38.29
C GLY C 222 -1.03 -20.22 37.36
N GLN C 223 0.08 -19.81 37.97
CA GLN C 223 1.27 -19.47 37.25
C GLN C 223 1.81 -20.82 36.79
N GLY C 224 1.98 -20.94 35.47
CA GLY C 224 2.35 -22.21 34.87
C GLY C 224 3.75 -22.16 34.32
N ASP C 225 4.42 -23.31 34.39
CA ASP C 225 5.74 -23.48 33.77
C ASP C 225 6.12 -24.87 33.21
N PHE C 226 7.16 -24.87 32.38
CA PHE C 226 7.36 -25.96 31.50
C PHE C 226 8.73 -25.86 30.83
N GLY C 227 9.40 -27.00 30.73
CA GLY C 227 10.77 -27.12 30.23
C GLY C 227 11.09 -28.57 29.94
N PRO C 228 12.15 -28.84 29.17
CA PRO C 228 12.63 -30.17 28.74
C PRO C 228 13.45 -30.95 29.76
N ASN C 229 13.72 -32.23 29.47
CA ASN C 229 14.66 -32.98 30.26
C ASN C 229 15.79 -33.41 29.34
N SER C 230 16.81 -34.06 29.93
CA SER C 230 18.00 -34.59 29.25
C SER C 230 17.63 -35.33 28.02
N ASP C 231 16.66 -36.24 28.16
CA ASP C 231 16.25 -37.21 27.10
C ASP C 231 15.31 -36.65 25.99
N GLY C 232 15.04 -35.35 26.00
CA GLY C 232 14.11 -34.80 25.04
C GLY C 232 12.65 -34.97 25.41
N SER C 233 12.33 -35.39 26.64
CA SER C 233 10.93 -35.41 27.16
C SER C 233 10.57 -34.10 27.81
N PHE C 234 9.44 -34.01 28.45
CA PHE C 234 9.15 -32.73 29.05
C PHE C 234 8.89 -32.68 30.57
N HIS C 235 8.92 -31.45 31.08
CA HIS C 235 8.60 -31.17 32.47
C HIS C 235 7.60 -30.04 32.57
N ALA C 236 6.73 -30.07 33.57
CA ALA C 236 5.81 -28.95 33.76
C ALA C 236 5.20 -28.83 35.16
N SER C 237 4.63 -27.67 35.45
CA SER C 237 4.08 -27.38 36.75
C SER C 237 3.16 -26.20 36.64
N SER C 238 2.43 -26.01 37.70
CA SER C 238 1.44 -25.01 37.73
C SER C 238 1.29 -24.90 39.21
N SER C 239 1.40 -23.67 39.70
CA SER C 239 1.15 -23.43 41.08
C SER C 239 0.07 -22.42 41.18
N LEU C 240 -0.71 -22.56 42.24
CA LEU C 240 -1.83 -21.68 42.57
C LEU C 240 -1.82 -21.53 44.08
N THR C 241 -2.14 -20.33 44.60
CA THR C 241 -1.97 -20.01 46.06
C THR C 241 -3.22 -20.12 46.95
N VAL C 242 -3.19 -20.88 48.04
CA VAL C 242 -4.43 -21.06 48.87
C VAL C 242 -4.41 -20.57 50.34
N LYS C 243 -5.55 -20.01 50.77
CA LYS C 243 -5.81 -19.67 52.19
C LYS C 243 -5.49 -20.90 53.06
N SER C 244 -4.51 -20.74 53.96
CA SER C 244 -3.91 -21.87 54.72
C SER C 244 -4.89 -22.87 55.31
N GLY C 245 -4.44 -24.11 55.43
CA GLY C 245 -5.29 -25.17 55.93
C GLY C 245 -6.24 -25.67 54.85
N ASP C 246 -6.42 -24.87 53.79
CA ASP C 246 -7.42 -25.15 52.73
C ASP C 246 -6.92 -26.22 51.76
N GLU C 247 -5.62 -26.51 51.84
CA GLU C 247 -4.88 -27.41 50.92
C GLU C 247 -5.34 -28.89 50.80
N HIS C 248 -6.64 -29.12 50.90
CA HIS C 248 -7.17 -30.47 51.03
C HIS C 248 -8.47 -30.52 50.29
N HIS C 249 -9.06 -29.36 50.10
CA HIS C 249 -10.28 -29.20 49.37
C HIS C 249 -9.96 -28.89 47.89
N TYR C 250 -8.68 -29.08 47.51
CA TYR C 250 -8.15 -28.80 46.16
C TYR C 250 -7.44 -30.01 45.57
N CYS C 251 -7.52 -30.11 44.26
CA CYS C 251 -6.61 -30.96 43.51
C CYS C 251 -6.49 -30.59 42.03
N CYS C 252 -5.86 -31.54 41.35
CA CYS C 252 -5.23 -31.28 40.12
C CYS C 252 -5.68 -32.29 39.08
N ILE C 253 -6.42 -31.79 38.08
CA ILE C 253 -6.87 -32.56 36.90
C ILE C 253 -5.87 -32.43 35.75
N VAL C 254 -5.24 -33.53 35.34
CA VAL C 254 -4.21 -33.49 34.29
C VAL C 254 -4.60 -34.23 33.00
N GLN C 255 -4.89 -33.48 31.94
CA GLN C 255 -5.20 -34.01 30.61
C GLN C 255 -3.93 -34.11 29.71
N HIS C 256 -3.56 -35.30 29.25
CA HIS C 256 -2.40 -35.51 28.30
C HIS C 256 -2.67 -36.63 27.31
N ALA C 257 -2.23 -36.43 26.06
CA ALA C 257 -2.24 -37.47 24.97
C ALA C 257 -1.96 -38.94 25.34
N GLY C 258 -1.25 -39.21 26.42
CA GLY C 258 -0.89 -40.57 26.79
C GLY C 258 -1.68 -41.07 27.99
N LEU C 259 -2.65 -40.32 28.42
CA LEU C 259 -3.58 -40.82 29.38
C LEU C 259 -4.81 -41.02 28.56
N ALA C 260 -5.51 -42.11 28.81
CA ALA C 260 -6.66 -42.42 28.00
C ALA C 260 -7.78 -41.46 28.35
N GLN C 261 -7.64 -40.88 29.54
CA GLN C 261 -8.73 -40.26 30.27
C GLN C 261 -8.04 -39.45 31.37
N PRO C 262 -8.58 -38.24 31.71
CA PRO C 262 -7.92 -37.26 32.57
C PRO C 262 -7.69 -37.80 33.94
N LEU C 263 -6.43 -37.76 34.43
CA LEU C 263 -6.02 -38.30 35.76
C LEU C 263 -6.29 -37.25 36.83
N ARG C 264 -6.83 -37.67 37.98
CA ARG C 264 -6.93 -36.75 39.11
C ARG C 264 -5.70 -36.94 40.01
N VAL C 265 -4.97 -35.87 40.22
CA VAL C 265 -3.84 -35.90 41.13
C VAL C 265 -4.25 -35.54 42.56
N GLU C 266 -3.61 -36.21 43.52
CA GLU C 266 -3.91 -36.03 44.94
C GLU C 266 -2.79 -35.36 45.79
N LEU C 267 -3.13 -34.75 46.93
CA LEU C 267 -2.06 -34.14 47.76
C LEU C 267 -1.51 -35.10 48.85
N ILE D 1 19.31 -6.18 20.03
CA ILE D 1 18.96 -6.11 21.47
C ILE D 1 19.48 -7.25 22.34
N GLN D 2 18.98 -7.25 23.59
CA GLN D 2 19.30 -8.18 24.67
C GLN D 2 18.04 -8.53 25.46
N ARG D 3 17.85 -9.82 25.71
CA ARG D 3 16.79 -10.27 26.57
C ARG D 3 17.44 -11.06 27.69
N THR D 4 16.82 -11.08 28.85
CA THR D 4 17.47 -11.61 30.05
C THR D 4 16.96 -13.02 30.40
N PRO D 5 17.86 -13.95 30.78
CA PRO D 5 17.50 -15.36 30.99
C PRO D 5 16.40 -15.65 32.00
N LYS D 6 15.46 -16.55 31.66
CA LYS D 6 14.59 -17.15 32.65
C LYS D 6 15.28 -18.39 33.16
N ILE D 7 14.94 -18.85 34.37
CA ILE D 7 15.68 -19.98 34.98
C ILE D 7 14.78 -20.86 35.79
N GLN D 8 14.83 -22.18 35.51
CA GLN D 8 14.12 -23.19 36.31
C GLN D 8 15.03 -24.32 36.69
N VAL D 9 14.82 -24.86 37.88
CA VAL D 9 15.41 -26.13 38.25
C VAL D 9 14.36 -27.13 38.54
N TYR D 10 14.37 -28.23 37.81
CA TYR D 10 13.47 -29.33 38.12
C TYR D 10 14.36 -30.56 38.00
N SER D 11 13.87 -31.69 38.52
CA SER D 11 14.56 -32.98 38.45
C SER D 11 13.80 -33.87 37.50
N ARG D 12 14.52 -34.72 36.77
CA ARG D 12 13.91 -35.52 35.69
C ARG D 12 12.70 -36.37 36.05
N HIS D 13 12.85 -37.21 37.08
CA HIS D 13 11.75 -37.93 37.73
C HIS D 13 11.48 -37.32 39.10
N PRO D 14 10.30 -37.57 39.71
CA PRO D 14 10.12 -37.11 41.07
C PRO D 14 11.23 -37.37 42.06
N ALA D 15 11.39 -36.34 42.89
CA ALA D 15 12.21 -36.33 44.08
C ALA D 15 11.91 -37.48 45.04
N GLU D 16 12.90 -38.34 45.23
CA GLU D 16 12.91 -39.25 46.37
C GLU D 16 14.34 -39.52 46.77
N ASN D 17 14.57 -39.32 48.07
CA ASN D 17 15.88 -39.28 48.67
C ASN D 17 16.62 -40.56 48.35
N GLY D 18 17.94 -40.54 48.54
CA GLY D 18 18.79 -41.73 48.34
C GLY D 18 18.60 -42.41 46.99
N LYS D 19 17.41 -42.25 46.40
CA LYS D 19 17.08 -42.73 45.04
C LYS D 19 17.59 -41.78 43.95
N SER D 20 18.35 -42.34 42.98
CA SER D 20 18.97 -41.59 41.87
C SER D 20 18.00 -40.67 41.13
N ASN D 21 18.55 -39.76 40.32
CA ASN D 21 17.73 -38.81 39.57
C ASN D 21 18.58 -38.05 38.55
N PHE D 22 17.97 -37.04 37.94
CA PHE D 22 18.72 -35.99 37.24
C PHE D 22 18.25 -34.61 37.69
N LEU D 23 19.21 -33.72 37.89
CA LEU D 23 18.88 -32.32 38.15
C LEU D 23 19.06 -31.47 36.86
N ASN D 24 18.08 -30.60 36.64
CA ASN D 24 18.01 -29.85 35.42
C ASN D 24 18.05 -28.34 35.64
N CYS D 25 19.01 -27.67 35.04
CA CYS D 25 18.92 -26.23 35.00
C CYS D 25 18.61 -25.81 33.59
N TYR D 26 17.38 -25.39 33.38
CA TYR D 26 16.96 -25.05 32.06
C TYR D 26 16.75 -23.59 32.11
N VAL D 27 17.44 -22.95 31.16
CA VAL D 27 17.72 -21.54 31.14
C VAL D 27 17.43 -21.06 29.73
N SER D 28 16.53 -20.11 29.61
CA SER D 28 15.97 -19.80 28.34
C SER D 28 15.49 -18.36 28.18
N GLY D 29 15.05 -18.05 26.96
CA GLY D 29 14.49 -16.75 26.66
C GLY D 29 15.47 -15.64 26.96
N PHE D 30 16.74 -15.90 26.62
CA PHE D 30 17.82 -14.95 26.75
C PHE D 30 18.44 -14.57 25.42
N HIS D 31 19.21 -13.49 25.44
CA HIS D 31 19.93 -13.01 24.27
C HIS D 31 20.98 -11.96 24.70
N PRO D 32 22.22 -12.04 24.19
CA PRO D 32 22.83 -12.94 23.20
C PRO D 32 23.07 -14.35 23.73
N SER D 33 23.49 -15.25 22.84
CA SER D 33 23.83 -16.63 23.19
C SER D 33 24.77 -16.82 24.36
N ASP D 34 25.80 -15.96 24.51
CA ASP D 34 26.75 -16.03 25.65
C ASP D 34 26.13 -16.21 27.02
N ILE D 35 26.52 -17.27 27.69
CA ILE D 35 25.94 -17.58 29.00
C ILE D 35 26.81 -18.58 29.76
N GLU D 36 26.95 -18.35 31.07
CA GLU D 36 27.66 -19.28 31.95
C GLU D 36 26.74 -19.86 33.01
N VAL D 37 26.61 -21.19 33.03
CA VAL D 37 25.69 -21.85 33.98
C VAL D 37 26.39 -22.96 34.75
N ASP D 38 26.15 -22.98 36.07
CA ASP D 38 26.84 -23.91 36.93
C ASP D 38 25.95 -24.57 37.99
N LEU D 39 26.37 -25.78 38.36
CA LEU D 39 25.59 -26.62 39.24
C LEU D 39 26.19 -26.75 40.65
N LEU D 40 25.35 -26.75 41.67
CA LEU D 40 25.86 -26.44 43.00
C LEU D 40 25.25 -27.20 44.18
N LYS D 41 25.88 -28.32 44.55
CA LYS D 41 25.53 -29.00 45.81
C LYS D 41 26.10 -28.12 46.90
N ASN D 42 25.22 -27.38 47.61
CA ASN D 42 25.61 -26.48 48.74
C ASN D 42 26.74 -25.52 48.36
N GLY D 43 26.50 -24.66 47.37
CA GLY D 43 27.53 -23.72 46.92
C GLY D 43 28.77 -24.24 46.19
N GLU D 44 29.00 -25.56 46.09
CA GLU D 44 30.20 -26.05 45.36
C GLU D 44 29.88 -26.47 43.91
N ARG D 45 30.78 -26.14 42.98
CA ARG D 45 30.59 -26.47 41.57
C ARG D 45 30.55 -27.98 41.38
N ILE D 46 29.94 -28.45 40.30
CA ILE D 46 29.88 -29.89 40.07
C ILE D 46 30.61 -30.24 38.79
N GLU D 47 31.68 -31.01 38.91
CA GLU D 47 32.50 -31.26 37.74
C GLU D 47 31.60 -31.74 36.60
N LYS D 48 30.89 -32.83 36.86
CA LYS D 48 30.44 -33.74 35.81
C LYS D 48 29.22 -33.30 35.00
N VAL D 49 29.02 -32.00 34.80
CA VAL D 49 27.77 -31.51 34.20
C VAL D 49 27.77 -31.61 32.68
N GLU D 50 26.58 -31.80 32.12
CA GLU D 50 26.45 -31.69 30.69
C GLU D 50 25.33 -30.79 30.33
N HIS D 51 25.33 -30.38 29.06
CA HIS D 51 24.35 -29.44 28.59
C HIS D 51 23.97 -29.87 27.20
N SER D 52 22.69 -29.69 26.91
CA SER D 52 22.12 -29.84 25.60
C SER D 52 22.77 -28.97 24.55
N ASP D 53 22.14 -28.94 23.40
CA ASP D 53 22.62 -28.13 22.32
C ASP D 53 22.02 -26.76 22.49
N LEU D 54 22.77 -25.70 22.13
CA LEU D 54 22.18 -24.34 22.12
C LEU D 54 21.11 -24.31 21.06
N SER D 55 20.02 -23.61 21.30
CA SER D 55 18.95 -23.59 20.35
C SER D 55 17.96 -22.51 20.65
N PHE D 56 17.14 -22.14 19.68
CA PHE D 56 16.23 -21.07 19.94
C PHE D 56 14.75 -21.32 19.72
N SER D 57 13.92 -20.63 20.47
CA SER D 57 12.46 -20.68 20.31
C SER D 57 12.04 -19.91 19.08
N LYS D 58 10.74 -19.82 18.84
CA LYS D 58 10.25 -19.16 17.64
C LYS D 58 10.35 -17.68 17.79
N ASP D 59 10.43 -17.19 19.01
CA ASP D 59 10.59 -15.74 19.21
C ASP D 59 12.06 -15.26 19.07
N TRP D 60 12.97 -16.20 18.86
CA TRP D 60 14.36 -15.93 18.47
C TRP D 60 15.33 -15.94 19.62
N SER D 61 14.84 -16.02 20.85
CA SER D 61 15.69 -16.06 22.06
C SER D 61 16.23 -17.47 22.26
N PHE D 62 17.35 -17.63 22.97
CA PHE D 62 18.04 -18.92 23.00
C PHE D 62 17.60 -19.80 24.14
N TYR D 63 17.97 -21.09 24.11
CA TYR D 63 17.86 -21.95 25.26
C TYR D 63 18.98 -22.98 25.43
N LEU D 64 19.07 -23.51 26.64
CA LEU D 64 20.03 -24.51 27.02
C LEU D 64 19.43 -25.29 28.17
N LEU D 65 19.75 -26.58 28.16
CA LEU D 65 19.47 -27.44 29.27
C LEU D 65 20.80 -27.89 29.83
N TYR D 66 21.06 -27.58 31.11
CA TYR D 66 22.21 -28.12 31.81
C TYR D 66 21.69 -29.21 32.72
N TYR D 67 22.45 -30.29 32.88
CA TYR D 67 22.06 -31.42 33.75
C TYR D 67 23.21 -32.39 34.12
N THR D 68 23.00 -33.15 35.21
CA THR D 68 23.89 -34.26 35.63
C THR D 68 23.17 -35.30 36.53
N GLU D 69 23.75 -36.53 36.59
CA GLU D 69 23.30 -37.63 37.48
C GLU D 69 23.43 -37.27 38.96
N PHE D 70 22.32 -37.08 39.67
CA PHE D 70 22.38 -36.65 41.07
C PHE D 70 21.47 -37.47 41.94
N THR D 71 21.81 -37.54 43.21
CA THR D 71 21.03 -38.30 44.18
C THR D 71 20.71 -37.44 45.38
N PRO D 72 19.45 -37.03 45.52
CA PRO D 72 19.17 -36.13 46.61
C PRO D 72 19.30 -36.85 47.93
N THR D 73 19.42 -36.05 48.98
CA THR D 73 19.35 -36.47 50.37
C THR D 73 18.35 -35.56 51.10
N GLU D 74 18.32 -35.61 52.41
CA GLU D 74 17.57 -34.62 53.16
C GLU D 74 18.50 -33.43 53.43
N LYS D 75 19.80 -33.76 53.57
CA LYS D 75 20.85 -32.80 53.93
C LYS D 75 21.05 -31.78 52.79
N ASP D 76 21.95 -32.12 51.87
CA ASP D 76 22.30 -31.34 50.67
C ASP D 76 21.32 -30.27 50.12
N GLU D 77 21.85 -29.09 49.86
CA GLU D 77 21.17 -28.08 49.07
C GLU D 77 21.66 -28.29 47.64
N TYR D 78 20.71 -28.29 46.69
CA TYR D 78 21.06 -28.33 45.29
C TYR D 78 20.57 -27.05 44.61
N ALA D 79 21.44 -26.42 43.81
CA ALA D 79 21.14 -25.08 43.22
C ALA D 79 21.90 -24.71 41.91
N CYS D 80 21.34 -23.76 41.17
CA CYS D 80 21.85 -23.34 39.86
C CYS D 80 22.44 -21.91 39.77
N ARG D 81 23.62 -21.76 39.16
CA ARG D 81 24.26 -20.45 39.09
C ARG D 81 24.53 -19.98 37.66
N VAL D 82 23.83 -18.93 37.27
CA VAL D 82 23.82 -18.47 35.88
C VAL D 82 24.49 -17.10 35.79
N ASN D 83 25.23 -16.89 34.71
CA ASN D 83 25.85 -15.61 34.48
C ASN D 83 25.64 -15.25 33.03
N HIS D 84 25.28 -13.98 32.79
CA HIS D 84 24.87 -13.49 31.45
C HIS D 84 25.00 -11.98 31.29
N VAL D 85 25.45 -11.56 30.12
CA VAL D 85 25.62 -10.13 29.83
C VAL D 85 24.45 -9.23 30.24
N THR D 86 23.40 -9.76 30.87
CA THR D 86 22.30 -8.92 31.31
C THR D 86 22.10 -9.01 32.78
N LEU D 87 23.07 -9.55 33.48
CA LEU D 87 22.86 -9.67 34.91
C LEU D 87 23.86 -8.84 35.68
N SER D 88 23.30 -8.00 36.55
CA SER D 88 24.04 -7.32 37.61
C SER D 88 25.19 -8.20 38.04
N GLN D 89 24.82 -9.30 38.69
CA GLN D 89 25.76 -10.27 39.24
C GLN D 89 25.12 -11.64 39.10
N PRO D 90 25.93 -12.72 39.13
CA PRO D 90 25.44 -14.10 39.05
C PRO D 90 24.14 -14.38 39.85
N LYS D 91 23.20 -15.09 39.24
CA LYS D 91 21.92 -15.36 39.89
C LYS D 91 22.04 -16.77 40.41
N ILE D 92 21.72 -16.98 41.68
CA ILE D 92 21.69 -18.35 42.18
C ILE D 92 20.24 -18.78 42.38
N VAL D 93 19.89 -19.89 41.73
CA VAL D 93 18.54 -20.40 41.84
C VAL D 93 18.51 -21.75 42.52
N LYS D 94 17.91 -21.74 43.72
CA LYS D 94 17.88 -22.86 44.62
C LYS D 94 16.72 -23.76 44.15
N TRP D 95 17.04 -25.04 43.91
CA TRP D 95 16.09 -26.08 43.44
C TRP D 95 14.92 -26.13 44.35
N ASP D 96 13.79 -25.57 43.95
CA ASP D 96 12.59 -25.81 44.71
C ASP D 96 12.20 -27.22 44.36
N ARG D 97 12.03 -28.07 45.36
CA ARG D 97 11.87 -29.50 45.07
C ARG D 97 10.44 -30.03 44.87
N ASP D 98 10.39 -31.30 44.45
CA ASP D 98 9.19 -31.96 43.94
C ASP D 98 8.27 -31.10 43.03
N MET D 99 8.36 -29.78 43.13
CA MET D 99 7.62 -28.90 42.22
C MET D 99 8.27 -28.84 40.80
N LEU E 5 6.18 27.21 -24.57
CA LEU E 5 4.89 26.40 -24.66
C LEU E 5 5.16 24.92 -24.71
N SER E 6 4.14 24.12 -24.44
CA SER E 6 4.30 22.69 -24.18
C SER E 6 3.06 21.94 -24.61
N LEU E 7 3.23 20.99 -25.55
CA LEU E 7 2.17 20.07 -25.99
C LEU E 7 2.29 18.78 -25.17
N LEU E 8 1.33 18.51 -24.26
CA LEU E 8 1.30 17.27 -23.43
C LEU E 8 0.01 16.46 -23.41
N TYR E 9 0.16 15.14 -23.48
CA TYR E 9 -0.95 14.23 -23.46
C TYR E 9 -1.00 13.54 -22.11
N HIS E 10 -2.24 13.41 -21.61
CA HIS E 10 -2.54 12.80 -20.34
C HIS E 10 -3.19 11.44 -20.59
N LEU E 11 -2.34 10.42 -20.55
CA LEU E 11 -2.77 9.10 -20.92
C LEU E 11 -3.17 8.33 -19.67
N THR E 12 -4.32 7.70 -19.74
CA THR E 12 -4.88 7.05 -18.57
C THR E 12 -5.65 5.81 -19.00
N ALA E 13 -5.35 4.68 -18.35
CA ALA E 13 -6.04 3.45 -18.67
C ALA E 13 -6.43 2.76 -17.39
N VAL E 14 -7.53 2.00 -17.44
CA VAL E 14 -7.94 1.25 -16.26
C VAL E 14 -8.40 -0.18 -16.52
N SER E 15 -7.74 -1.08 -15.81
CA SER E 15 -7.99 -2.52 -15.82
C SER E 15 -9.42 -2.98 -15.46
N SER E 16 -10.40 -2.06 -15.41
CA SER E 16 -11.82 -2.35 -15.08
C SER E 16 -12.70 -1.12 -14.86
N PRO E 17 -13.27 -0.57 -15.95
CA PRO E 17 -14.27 0.50 -15.87
C PRO E 17 -15.67 0.14 -15.32
N ALA E 18 -16.41 1.15 -14.88
CA ALA E 18 -17.84 0.99 -14.62
C ALA E 18 -18.61 0.90 -15.97
N PRO E 19 -19.57 -0.04 -16.07
CA PRO E 19 -20.07 -0.42 -17.42
C PRO E 19 -20.27 0.77 -18.38
N GLY E 20 -19.93 0.56 -19.66
CA GLY E 20 -20.08 1.62 -20.67
C GLY E 20 -19.25 2.85 -20.36
N THR E 21 -18.16 2.62 -19.64
CA THR E 21 -17.18 3.67 -19.31
C THR E 21 -15.79 3.44 -19.97
N PRO E 22 -15.23 4.51 -20.57
CA PRO E 22 -13.95 4.44 -21.24
C PRO E 22 -12.95 3.64 -20.40
N ALA E 23 -12.19 2.76 -21.05
CA ALA E 23 -11.18 1.95 -20.34
C ALA E 23 -9.80 2.64 -20.39
N PHE E 24 -9.73 3.64 -21.26
CA PHE E 24 -8.52 4.37 -21.60
C PHE E 24 -9.06 5.62 -22.30
N TRP E 25 -8.43 6.76 -22.04
CA TRP E 25 -8.92 8.07 -22.50
C TRP E 25 -7.80 9.10 -22.36
N VAL E 26 -7.90 10.17 -23.14
CA VAL E 26 -6.80 11.12 -23.26
C VAL E 26 -7.29 12.56 -23.31
N SER E 27 -6.51 13.46 -22.70
CA SER E 27 -6.60 14.90 -22.97
C SER E 27 -5.27 15.46 -23.52
N GLY E 28 -5.38 16.22 -24.62
CA GLY E 28 -4.25 16.96 -25.19
C GLY E 28 -4.25 18.38 -24.65
N TRP E 29 -3.08 18.91 -24.29
CA TRP E 29 -3.04 20.23 -23.67
C TRP E 29 -2.00 21.12 -24.26
N LEU E 30 -2.39 22.28 -24.81
CA LEU E 30 -1.39 23.35 -25.12
C LEU E 30 -1.12 24.27 -23.95
N GLY E 31 0.12 24.28 -23.48
CA GLY E 31 0.40 24.85 -22.17
C GLY E 31 -0.63 24.28 -21.21
N PRO E 32 -1.46 25.18 -20.58
CA PRO E 32 -2.47 24.89 -19.55
C PRO E 32 -3.90 24.81 -20.07
N GLN E 33 -4.10 24.24 -21.24
CA GLN E 33 -5.34 24.47 -21.92
C GLN E 33 -5.67 23.29 -22.85
N GLN E 34 -6.88 22.75 -22.74
CA GLN E 34 -7.19 21.45 -23.37
C GLN E 34 -7.67 21.64 -24.78
N TYR E 35 -7.05 20.97 -25.73
CA TYR E 35 -7.49 21.07 -27.11
C TYR E 35 -7.85 19.70 -27.66
N LEU E 36 -7.28 18.65 -27.09
CA LEU E 36 -7.71 17.36 -27.55
C LEU E 36 -8.36 16.52 -26.48
N SER E 37 -9.42 15.85 -26.90
CA SER E 37 -10.07 14.89 -26.08
C SER E 37 -10.16 13.62 -26.93
N TYR E 38 -9.84 12.48 -26.34
CA TYR E 38 -9.99 11.18 -27.00
C TYR E 38 -10.41 10.16 -25.95
N ASN E 39 -11.08 9.10 -26.40
CA ASN E 39 -11.33 7.99 -25.52
C ASN E 39 -11.79 6.80 -26.29
N SER E 40 -11.44 5.64 -25.74
CA SER E 40 -11.61 4.32 -26.34
C SER E 40 -13.06 3.89 -26.60
N LEU E 41 -13.93 4.87 -26.80
CA LEU E 41 -15.33 4.57 -26.93
C LEU E 41 -15.99 5.31 -28.08
N ARG E 42 -15.22 6.05 -28.87
CA ARG E 42 -15.61 6.33 -30.26
C ARG E 42 -14.33 6.16 -31.09
N GLY E 43 -13.20 6.05 -30.38
CA GLY E 43 -11.88 5.84 -30.99
C GLY E 43 -11.50 6.93 -31.97
N GLU E 44 -12.30 8.00 -31.99
CA GLU E 44 -12.09 9.19 -32.79
C GLU E 44 -11.50 10.25 -31.84
N ALA E 45 -10.74 11.20 -32.38
CA ALA E 45 -10.13 12.24 -31.53
C ALA E 45 -10.55 13.67 -31.95
N GLU E 46 -11.10 14.42 -30.99
CA GLU E 46 -11.84 15.64 -31.27
C GLU E 46 -11.21 16.85 -30.62
N PRO E 47 -11.37 18.06 -31.23
CA PRO E 47 -10.92 19.31 -30.64
C PRO E 47 -11.80 19.75 -29.47
N CYS E 48 -11.37 20.76 -28.74
CA CYS E 48 -12.17 21.30 -27.65
C CYS E 48 -12.24 22.80 -27.75
N GLY E 49 -13.30 23.38 -27.17
CA GLY E 49 -13.41 24.83 -26.97
C GLY E 49 -12.92 25.55 -28.19
N ALA E 50 -12.13 26.59 -27.94
CA ALA E 50 -11.61 27.44 -29.01
C ALA E 50 -11.15 26.62 -30.22
N TRP E 51 -10.61 25.44 -29.94
CA TRP E 51 -9.87 24.70 -30.93
C TRP E 51 -10.73 24.08 -31.98
N VAL E 52 -11.99 23.87 -31.63
CA VAL E 52 -13.05 23.43 -32.57
C VAL E 52 -12.98 24.21 -33.90
N TRP E 53 -12.72 25.50 -33.77
CA TRP E 53 -12.81 26.40 -34.88
C TRP E 53 -11.47 26.68 -35.60
N GLU E 54 -10.41 25.90 -35.40
CA GLU E 54 -9.09 26.17 -36.05
C GLU E 54 -8.73 25.18 -37.15
N ASN E 55 -8.78 25.60 -38.42
CA ASN E 55 -8.42 24.70 -39.55
C ASN E 55 -6.99 24.24 -39.57
N GLN E 56 -6.74 22.97 -39.40
CA GLN E 56 -5.35 22.57 -39.47
C GLN E 56 -4.90 21.99 -40.84
N VAL E 57 -3.97 21.05 -40.83
CA VAL E 57 -3.23 20.69 -42.05
C VAL E 57 -3.56 19.29 -42.66
N SER E 58 -4.42 19.35 -43.68
CA SER E 58 -4.79 18.22 -44.53
C SER E 58 -5.13 16.95 -43.72
N TRP E 59 -4.14 16.35 -43.05
CA TRP E 59 -4.40 15.11 -42.32
C TRP E 59 -4.33 15.26 -40.78
N TYR E 60 -4.43 16.52 -40.31
CA TYR E 60 -4.13 16.81 -38.91
C TYR E 60 -4.76 15.84 -37.92
N TRP E 61 -6.09 15.84 -37.80
CA TRP E 61 -6.80 15.04 -36.79
C TRP E 61 -6.87 13.58 -37.18
N GLU E 62 -6.50 13.26 -38.42
CA GLU E 62 -6.44 11.88 -38.80
C GLU E 62 -5.23 11.32 -38.09
N LYS E 63 -4.05 11.88 -38.33
CA LYS E 63 -2.83 11.38 -37.67
C LYS E 63 -3.04 11.25 -36.15
N GLU E 64 -3.42 12.36 -35.51
CA GLU E 64 -3.82 12.38 -34.10
C GLU E 64 -4.62 11.17 -33.70
N THR E 65 -5.59 10.79 -34.53
CA THR E 65 -6.47 9.69 -34.16
C THR E 65 -5.76 8.38 -34.27
N THR E 66 -4.98 8.20 -35.34
CA THR E 66 -4.22 6.95 -35.54
C THR E 66 -3.26 6.79 -34.41
N ASP E 67 -2.29 7.72 -34.33
CA ASP E 67 -1.33 7.74 -33.23
C ASP E 67 -1.94 7.33 -31.85
N LEU E 68 -3.19 7.67 -31.57
CA LEU E 68 -3.76 7.36 -30.27
C LEU E 68 -4.38 5.99 -30.14
N ARG E 69 -5.08 5.54 -31.18
CA ARG E 69 -5.67 4.19 -31.19
C ARG E 69 -4.58 3.18 -30.89
N ILE E 70 -3.48 3.26 -31.64
CA ILE E 70 -2.27 2.54 -31.28
C ILE E 70 -2.02 2.63 -29.77
N LYS E 71 -1.74 3.84 -29.27
CA LYS E 71 -1.30 4.01 -27.90
C LYS E 71 -2.26 3.28 -26.99
N GLU E 72 -3.54 3.33 -27.35
CA GLU E 72 -4.58 2.66 -26.59
C GLU E 72 -4.28 1.16 -26.48
N LYS E 73 -4.01 0.52 -27.63
CA LYS E 73 -3.58 -0.91 -27.64
C LYS E 73 -2.38 -1.11 -26.74
N LEU E 74 -1.22 -0.49 -27.00
CA LEU E 74 -0.04 -0.68 -26.11
C LEU E 74 -0.32 -0.58 -24.61
N PHE E 75 -1.18 0.36 -24.22
CA PHE E 75 -1.65 0.55 -22.84
C PHE E 75 -2.51 -0.61 -22.33
N LEU E 76 -3.57 -0.95 -23.04
CA LEU E 76 -4.33 -2.11 -22.62
C LEU E 76 -3.45 -3.37 -22.57
N GLU E 77 -2.32 -3.39 -23.29
CA GLU E 77 -1.50 -4.61 -23.37
C GLU E 77 -0.61 -4.79 -22.15
N ALA E 78 -0.24 -3.67 -21.52
CA ALA E 78 0.60 -3.70 -20.32
C ALA E 78 -0.15 -4.29 -19.15
N PHE E 79 -1.49 -4.22 -19.22
CA PHE E 79 -2.32 -4.91 -18.26
C PHE E 79 -2.08 -6.41 -18.31
N LYS E 80 -2.32 -7.03 -19.49
CA LYS E 80 -2.06 -8.46 -19.72
C LYS E 80 -0.62 -8.81 -19.35
N ALA E 81 0.24 -7.81 -19.33
CA ALA E 81 1.64 -8.03 -19.03
C ALA E 81 1.93 -8.15 -17.51
N LEU E 82 0.89 -8.20 -16.70
CA LEU E 82 1.07 -7.96 -15.27
C LEU E 82 0.66 -9.06 -14.31
N GLY E 83 1.53 -9.25 -13.31
CA GLY E 83 1.48 -10.36 -12.35
C GLY E 83 0.29 -10.46 -11.40
N GLY E 84 -0.90 -10.71 -11.96
CA GLY E 84 -2.04 -11.15 -11.16
C GLY E 84 -3.31 -10.32 -11.16
N LYS E 85 -3.75 -9.96 -9.94
CA LYS E 85 -5.11 -9.45 -9.68
C LYS E 85 -5.27 -7.90 -9.71
N GLY E 86 -4.29 -7.17 -9.16
CA GLY E 86 -4.36 -5.71 -9.13
C GLY E 86 -5.56 -5.24 -8.31
N PRO E 87 -6.40 -4.30 -8.86
CA PRO E 87 -6.54 -3.89 -10.26
C PRO E 87 -5.62 -2.75 -10.58
N TYR E 88 -5.19 -2.63 -11.83
CA TYR E 88 -4.16 -1.67 -12.15
C TYR E 88 -4.67 -0.36 -12.79
N THR E 89 -4.00 0.73 -12.50
CA THR E 89 -4.35 2.01 -13.10
C THR E 89 -3.08 2.51 -13.77
N LEU E 90 -3.08 2.48 -15.08
CA LEU E 90 -1.87 2.88 -15.78
C LEU E 90 -2.02 4.29 -16.33
N GLN E 91 -1.02 5.13 -16.07
CA GLN E 91 -1.06 6.52 -16.46
C GLN E 91 0.25 6.97 -16.99
N GLY E 92 0.24 7.48 -18.21
CA GLY E 92 1.43 7.99 -18.91
C GLY E 92 1.24 9.44 -19.32
N LEU E 93 2.32 10.22 -19.18
CA LEU E 93 2.35 11.63 -19.53
C LEU E 93 3.39 11.83 -20.63
N LEU E 94 3.01 12.49 -21.71
CA LEU E 94 3.80 12.33 -22.88
C LEU E 94 3.68 13.52 -23.75
N GLY E 95 4.80 14.17 -24.05
CA GLY E 95 4.79 15.26 -25.00
C GLY E 95 6.12 15.92 -25.23
N CYS E 96 6.06 17.20 -25.52
CA CYS E 96 7.26 17.98 -25.72
C CYS E 96 6.94 19.43 -25.42
N GLU E 97 7.98 20.26 -25.41
CA GLU E 97 7.85 21.64 -25.10
C GLU E 97 8.93 22.39 -25.79
N LEU E 98 8.53 23.35 -26.59
CA LEU E 98 9.49 24.09 -27.38
C LEU E 98 10.33 24.94 -26.49
N GLY E 99 11.64 24.70 -26.58
CA GLY E 99 12.64 25.49 -25.91
C GLY E 99 12.96 26.63 -26.85
N PRO E 100 13.91 27.50 -26.43
CA PRO E 100 14.57 28.49 -27.27
C PRO E 100 15.41 27.86 -28.39
N ASP E 101 16.04 28.73 -29.17
CA ASP E 101 16.77 28.38 -30.41
C ASP E 101 16.11 27.36 -31.35
N ASN E 102 14.77 27.36 -31.43
CA ASN E 102 13.99 26.31 -32.14
C ASN E 102 14.39 24.86 -31.74
N THR E 103 14.79 24.68 -30.48
CA THR E 103 15.06 23.36 -29.88
C THR E 103 13.79 22.88 -29.17
N SER E 104 13.65 21.57 -28.93
CA SER E 104 12.50 21.11 -28.17
C SER E 104 12.85 19.94 -27.29
N VAL E 105 12.27 19.91 -26.10
CA VAL E 105 12.63 18.88 -25.10
C VAL E 105 11.48 17.93 -25.02
N PRO E 106 11.74 16.63 -24.79
CA PRO E 106 10.55 15.76 -24.84
C PRO E 106 10.24 15.14 -23.51
N THR E 107 9.01 14.68 -23.30
CA THR E 107 8.63 14.07 -22.03
C THR E 107 7.88 12.80 -22.30
N ALA E 108 8.30 11.70 -21.66
CA ALA E 108 7.44 10.54 -21.47
C ALA E 108 7.71 9.96 -20.10
N LYS E 109 6.67 9.88 -19.30
CA LYS E 109 6.79 9.38 -17.92
C LYS E 109 5.54 8.58 -17.69
N PHE E 110 5.64 7.53 -16.86
CA PHE E 110 4.52 6.64 -16.62
C PHE E 110 4.35 6.36 -15.13
N ALA E 111 3.16 5.93 -14.75
CA ALA E 111 2.91 5.78 -13.34
C ALA E 111 1.98 4.64 -13.08
N LEU E 112 2.39 3.76 -12.18
CA LEU E 112 1.52 2.66 -11.89
C LEU E 112 0.77 3.01 -10.66
N ASN E 113 -0.53 2.74 -10.68
CA ASN E 113 -1.40 2.97 -9.53
C ASN E 113 -1.17 4.34 -8.81
N GLY E 114 -1.11 5.39 -9.63
CA GLY E 114 -0.70 6.71 -9.18
C GLY E 114 0.71 6.73 -8.60
N GLU E 115 1.62 5.92 -9.12
CA GLU E 115 3.01 6.08 -8.75
C GLU E 115 3.89 6.04 -9.96
N GLU E 116 4.70 7.09 -10.07
CA GLU E 116 5.69 7.19 -11.10
C GLU E 116 6.56 5.98 -10.94
N PHE E 117 6.73 5.23 -12.02
CA PHE E 117 7.75 4.16 -12.14
C PHE E 117 8.60 4.29 -13.43
N MET E 118 8.06 3.78 -14.54
CA MET E 118 8.69 3.84 -15.86
C MET E 118 8.76 5.20 -16.47
N ASN E 119 9.94 5.57 -16.96
CA ASN E 119 10.04 6.64 -17.96
C ASN E 119 10.21 6.01 -19.35
N PHE E 120 10.53 6.81 -20.35
CA PHE E 120 10.86 6.26 -21.67
C PHE E 120 12.10 6.97 -22.10
N ASP E 121 13.19 6.21 -22.19
CA ASP E 121 14.51 6.73 -22.44
C ASP E 121 14.76 6.90 -23.94
N LEU E 122 14.49 8.07 -24.49
CA LEU E 122 14.75 8.33 -25.91
C LEU E 122 16.13 7.92 -26.30
N LYS E 123 17.13 8.44 -25.59
CA LYS E 123 18.49 8.23 -25.99
C LYS E 123 18.65 6.73 -26.22
N GLN E 124 18.24 5.88 -25.30
CA GLN E 124 18.35 4.45 -25.64
C GLN E 124 17.06 3.65 -25.99
N GLY E 125 16.13 4.34 -26.65
CA GLY E 125 14.98 3.72 -27.30
C GLY E 125 14.26 2.67 -26.51
N THR E 126 13.94 2.97 -25.28
CA THR E 126 13.32 1.97 -24.41
C THR E 126 12.60 2.61 -23.23
N TRP E 127 11.56 1.92 -22.80
CA TRP E 127 10.97 2.22 -21.53
C TRP E 127 11.81 1.73 -20.34
N GLY E 128 12.68 2.62 -19.83
CA GLY E 128 13.42 2.39 -18.58
C GLY E 128 12.71 2.16 -17.22
N GLY E 129 13.47 1.58 -16.27
CA GLY E 129 12.98 1.28 -14.90
C GLY E 129 13.23 -0.14 -14.35
N ASP E 130 14.30 -0.32 -13.55
CA ASP E 130 14.66 -1.60 -12.92
C ASP E 130 13.57 -2.23 -12.01
N TRP E 131 12.53 -1.48 -11.68
CA TRP E 131 11.44 -2.05 -10.89
C TRP E 131 10.68 -3.21 -11.59
N PRO E 132 10.36 -4.30 -10.83
CA PRO E 132 9.56 -5.43 -11.36
C PRO E 132 8.51 -5.05 -12.41
N GLU E 133 7.31 -4.62 -11.97
CA GLU E 133 6.23 -4.29 -12.91
C GLU E 133 6.61 -3.34 -14.06
N ALA E 134 7.64 -2.53 -13.86
CA ALA E 134 8.20 -1.79 -15.00
C ALA E 134 8.75 -2.74 -16.04
N LEU E 135 9.76 -3.53 -15.69
CA LEU E 135 10.33 -4.54 -16.61
C LEU E 135 9.20 -5.41 -17.18
N ALA E 136 8.25 -5.77 -16.32
CA ALA E 136 7.23 -6.70 -16.70
C ALA E 136 6.30 -6.13 -17.77
N ILE E 137 6.55 -4.87 -18.14
CA ILE E 137 5.76 -4.13 -19.13
C ILE E 137 6.62 -3.61 -20.27
N SER E 138 7.79 -3.08 -19.92
CA SER E 138 8.75 -2.66 -20.93
C SER E 138 9.03 -3.79 -21.94
N GLN E 139 9.31 -5.00 -21.42
CA GLN E 139 9.43 -6.23 -22.22
C GLN E 139 8.27 -6.33 -23.21
N ARG E 140 7.07 -6.58 -22.71
CA ARG E 140 5.89 -6.62 -23.56
C ARG E 140 5.95 -5.66 -24.79
N TRP E 141 6.22 -4.38 -24.54
CA TRP E 141 6.11 -3.36 -25.56
C TRP E 141 7.29 -3.31 -26.53
N GLN E 142 8.49 -3.69 -26.06
CA GLN E 142 9.69 -3.74 -26.89
C GLN E 142 9.48 -4.87 -27.86
N GLN E 143 8.71 -5.85 -27.44
CA GLN E 143 8.43 -6.98 -28.28
C GLN E 143 7.31 -6.73 -29.26
N GLN E 144 6.68 -5.57 -29.22
CA GLN E 144 5.64 -5.20 -30.19
C GLN E 144 6.32 -4.47 -31.32
N ASP E 145 5.98 -4.78 -32.56
CA ASP E 145 6.81 -4.27 -33.62
C ASP E 145 6.67 -2.79 -33.84
N LYS E 146 7.82 -2.13 -33.95
CA LYS E 146 7.88 -0.72 -34.29
C LYS E 146 7.22 0.19 -33.23
N ALA E 147 7.10 -0.33 -32.00
CA ALA E 147 6.76 0.49 -30.83
C ALA E 147 7.93 1.43 -30.56
N ALA E 148 8.93 1.03 -29.80
CA ALA E 148 10.09 1.91 -29.55
C ALA E 148 10.27 2.95 -30.63
N ASN E 149 10.15 2.51 -31.87
CA ASN E 149 10.30 3.39 -33.00
C ASN E 149 9.21 4.50 -33.04
N LYS E 150 7.93 4.07 -33.05
CA LYS E 150 6.76 4.98 -33.07
C LYS E 150 6.65 6.04 -31.97
N GLU E 151 7.10 5.68 -30.76
CA GLU E 151 7.21 6.64 -29.71
C GLU E 151 8.32 7.53 -30.15
N LEU E 152 9.52 7.01 -30.27
CA LEU E 152 10.58 7.79 -30.93
C LEU E 152 10.05 8.79 -31.98
N THR E 153 9.28 8.33 -32.95
CA THR E 153 8.70 9.22 -33.96
C THR E 153 7.64 10.12 -33.38
N PHE E 154 6.77 9.53 -32.59
CA PHE E 154 5.81 10.32 -31.84
C PHE E 154 6.44 11.50 -31.12
N LEU E 155 7.49 11.29 -30.33
CA LEU E 155 7.94 12.36 -29.49
C LEU E 155 8.82 13.37 -30.18
N LEU E 156 9.66 12.89 -31.10
CA LEU E 156 10.76 13.72 -31.62
C LEU E 156 10.34 14.50 -32.81
N PHE E 157 9.40 13.92 -33.55
CA PHE E 157 8.88 14.45 -34.78
C PHE E 157 7.46 14.93 -34.68
N SER E 158 6.51 14.01 -34.38
CA SER E 158 5.08 14.34 -34.55
C SER E 158 4.45 15.28 -33.53
N CYS E 159 5.21 15.51 -32.46
CA CYS E 159 4.86 16.42 -31.37
C CYS E 159 5.28 17.90 -31.65
N PRO E 160 6.54 18.15 -32.03
CA PRO E 160 6.95 19.51 -32.32
C PRO E 160 6.28 20.13 -33.53
N HIS E 161 5.81 19.31 -34.46
CA HIS E 161 5.14 19.73 -35.71
C HIS E 161 3.76 20.13 -35.28
N ARG E 162 3.04 19.20 -34.68
CA ARG E 162 1.78 19.55 -34.03
C ARG E 162 1.87 20.87 -33.29
N LEU E 163 2.98 21.05 -32.62
CA LEU E 163 3.10 22.21 -31.81
C LEU E 163 3.35 23.36 -32.74
N ARG E 164 4.43 23.32 -33.51
CA ARG E 164 4.68 24.38 -34.48
C ARG E 164 3.36 24.70 -35.20
N GLU E 165 2.59 23.66 -35.44
CA GLU E 165 1.39 23.77 -36.22
C GLU E 165 0.28 24.61 -35.59
N HIS E 166 0.13 24.50 -34.27
CA HIS E 166 -0.84 25.34 -33.53
C HIS E 166 -0.31 26.70 -33.30
N LEU E 167 0.81 26.77 -32.62
CA LEU E 167 1.51 27.99 -32.53
C LEU E 167 1.26 28.94 -33.73
N GLU E 168 1.19 28.39 -34.95
CA GLU E 168 0.90 29.20 -36.13
C GLU E 168 -0.58 29.59 -36.23
N ARG E 169 -1.41 28.58 -36.34
CA ARG E 169 -2.82 28.75 -36.64
C ARG E 169 -3.72 29.01 -35.41
N GLY E 170 -3.13 29.13 -34.24
CA GLY E 170 -3.91 29.25 -33.02
C GLY E 170 -3.15 30.15 -32.06
N ARG E 171 -2.30 31.02 -32.61
CA ARG E 171 -1.52 31.89 -31.73
C ARG E 171 -2.42 32.78 -30.85
N GLY E 172 -3.60 33.14 -31.35
CA GLY E 172 -4.48 34.00 -30.59
C GLY E 172 -4.89 33.25 -29.36
N ASN E 173 -5.28 31.99 -29.57
CA ASN E 173 -5.61 31.07 -28.46
C ASN E 173 -4.53 30.90 -27.42
N LEU E 174 -3.30 30.66 -27.90
CA LEU E 174 -2.18 30.50 -27.01
C LEU E 174 -1.92 31.76 -26.24
N GLU E 175 -2.10 32.92 -26.87
CA GLU E 175 -1.73 34.18 -26.21
C GLU E 175 -2.90 34.95 -25.66
N TRP E 176 -4.08 34.34 -25.67
CA TRP E 176 -5.25 34.79 -24.92
C TRP E 176 -4.87 35.22 -23.49
N LYS E 177 -5.40 36.35 -23.06
CA LYS E 177 -5.11 36.94 -21.75
C LYS E 177 -6.32 37.73 -21.25
N GLU E 178 -7.00 37.30 -20.20
CA GLU E 178 -8.23 37.97 -19.85
C GLU E 178 -8.34 38.13 -18.37
N PRO E 179 -8.31 39.39 -17.91
CA PRO E 179 -8.34 39.81 -16.50
C PRO E 179 -9.57 39.35 -15.73
N PRO E 180 -9.48 39.29 -14.40
CA PRO E 180 -10.51 38.72 -13.53
C PRO E 180 -11.50 39.74 -12.95
N SER E 181 -12.81 39.46 -12.96
CA SER E 181 -13.76 40.26 -12.15
C SER E 181 -13.41 40.13 -10.68
N MET E 182 -13.29 41.23 -9.96
CA MET E 182 -12.88 41.16 -8.57
C MET E 182 -14.04 41.25 -7.60
N ARG E 183 -13.79 41.01 -6.32
CA ARG E 183 -14.87 40.98 -5.34
C ARG E 183 -14.33 40.68 -3.93
N LEU E 184 -14.73 41.50 -2.96
CA LEU E 184 -14.23 41.34 -1.60
C LEU E 184 -15.38 41.54 -0.65
N LYS E 185 -15.95 40.44 -0.21
CA LYS E 185 -17.05 40.46 0.74
C LYS E 185 -16.48 40.17 2.12
N ALA E 186 -17.31 40.34 3.14
CA ALA E 186 -16.95 40.05 4.53
C ALA E 186 -18.11 39.28 5.19
N ARG E 187 -17.81 38.29 6.00
CA ARG E 187 -18.82 37.54 6.74
C ARG E 187 -18.16 37.46 8.11
N PRO E 188 -18.94 37.18 9.19
CA PRO E 188 -18.28 37.07 10.53
C PRO E 188 -18.02 35.64 10.96
N SER E 189 -16.87 35.40 11.59
CA SER E 189 -16.50 34.08 12.16
C SER E 189 -17.03 33.92 13.62
N SER E 190 -16.17 33.51 14.54
CA SER E 190 -16.47 33.56 15.97
C SER E 190 -16.72 35.03 16.42
N PRO E 191 -17.60 35.24 17.43
CA PRO E 191 -17.76 36.52 18.13
C PRO E 191 -16.43 37.24 18.41
N GLY E 192 -16.20 38.32 17.68
CA GLY E 192 -15.00 39.12 17.87
C GLY E 192 -14.34 39.36 16.53
N PHE E 193 -14.63 38.48 15.57
CA PHE E 193 -13.88 38.42 14.32
C PHE E 193 -14.79 38.38 13.13
N SER E 194 -14.21 38.48 11.95
CA SER E 194 -14.96 38.31 10.71
C SER E 194 -13.93 37.79 9.67
N VAL E 195 -14.36 36.93 8.74
CA VAL E 195 -13.46 36.52 7.66
C VAL E 195 -13.81 37.21 6.35
N LEU E 196 -12.83 37.93 5.80
CA LEU E 196 -12.94 38.67 4.52
C LEU E 196 -12.58 37.71 3.44
N THR E 197 -13.20 37.86 2.28
CA THR E 197 -12.88 36.99 1.14
C THR E 197 -12.73 37.70 -0.18
N CYS E 198 -11.50 37.67 -0.69
CA CYS E 198 -11.17 38.07 -2.06
C CYS E 198 -11.45 36.98 -3.06
N SER E 199 -12.01 37.33 -4.20
CA SER E 199 -12.40 36.29 -5.14
C SER E 199 -12.24 36.76 -6.57
N ALA E 200 -11.38 36.04 -7.30
CA ALA E 200 -11.05 36.35 -8.69
C ALA E 200 -11.95 35.53 -9.57
N PHE E 201 -12.52 36.16 -10.58
CA PHE E 201 -13.43 35.47 -11.45
C PHE E 201 -13.00 35.42 -12.92
N SER E 202 -13.10 34.22 -13.53
CA SER E 202 -12.90 33.99 -14.96
C SER E 202 -11.66 34.66 -15.57
N PHE E 203 -10.47 34.21 -15.20
CA PHE E 203 -9.25 34.71 -15.81
C PHE E 203 -8.43 33.62 -16.47
N TYR E 204 -7.62 34.03 -17.44
CA TYR E 204 -6.65 33.17 -18.04
C TYR E 204 -5.49 34.06 -18.39
N PRO E 205 -4.23 33.57 -18.26
CA PRO E 205 -3.71 32.28 -17.81
C PRO E 205 -3.82 32.16 -16.31
N PRO E 206 -3.40 31.01 -15.74
CA PRO E 206 -3.79 30.92 -14.35
C PRO E 206 -2.90 31.64 -13.37
N GLU E 207 -1.81 32.25 -13.77
CA GLU E 207 -1.00 32.91 -12.74
C GLU E 207 -1.68 34.15 -12.12
N LEU E 208 -1.91 34.10 -10.82
CA LEU E 208 -2.62 35.15 -10.16
C LEU E 208 -2.11 35.32 -8.76
N GLN E 209 -1.96 36.53 -8.31
CA GLN E 209 -1.57 36.85 -6.96
C GLN E 209 -2.78 37.52 -6.28
N LEU E 210 -3.16 37.10 -5.08
CA LEU E 210 -4.07 37.91 -4.30
C LEU E 210 -3.30 38.18 -3.06
N ARG E 211 -3.57 39.32 -2.43
CA ARG E 211 -2.82 39.74 -1.23
C ARG E 211 -3.71 40.76 -0.53
N PHE E 212 -3.46 41.02 0.76
CA PHE E 212 -4.28 42.05 1.45
C PHE E 212 -3.38 43.10 2.04
N LEU E 213 -3.97 44.29 2.24
CA LEU E 213 -3.36 45.36 3.04
C LEU E 213 -4.47 46.00 3.81
N ARG E 214 -4.26 46.23 5.10
CA ARG E 214 -5.17 47.01 5.91
C ARG E 214 -4.52 48.38 5.90
N ASN E 215 -5.30 49.35 5.44
CA ASN E 215 -4.88 50.76 5.33
C ASN E 215 -3.49 50.86 4.66
N GLY E 216 -3.40 50.36 3.43
CA GLY E 216 -2.26 50.64 2.56
C GLY E 216 -0.95 49.99 2.91
N LEU E 217 -0.64 49.91 4.19
CA LEU E 217 0.33 48.95 4.72
C LEU E 217 -0.13 47.45 4.42
N ALA E 218 0.81 46.51 4.19
CA ALA E 218 0.49 45.06 3.93
C ALA E 218 0.02 44.22 5.14
N ALA E 219 -1.09 43.48 4.95
CA ALA E 219 -1.73 42.67 6.00
C ALA E 219 -1.73 41.18 5.62
N GLY E 220 -1.56 40.94 4.32
CA GLY E 220 -0.83 39.76 3.81
C GLY E 220 -1.62 38.50 3.60
N THR E 221 -1.44 37.85 2.45
CA THR E 221 -2.25 36.71 1.95
C THR E 221 -3.05 35.90 2.94
N GLY E 222 -4.29 35.66 2.58
CA GLY E 222 -5.10 34.82 3.40
C GLY E 222 -4.74 33.39 3.13
N GLN E 223 -5.75 32.55 3.32
CA GLN E 223 -5.65 31.14 3.05
C GLN E 223 -6.35 30.97 1.70
N GLY E 224 -5.57 30.65 0.66
CA GLY E 224 -6.05 30.66 -0.73
C GLY E 224 -6.71 29.41 -1.30
N ASP E 225 -7.01 29.44 -2.60
CA ASP E 225 -7.61 28.34 -3.32
C ASP E 225 -7.85 28.73 -4.77
N PHE E 226 -7.36 27.95 -5.73
CA PHE E 226 -7.79 28.12 -7.14
C PHE E 226 -8.54 26.91 -7.71
N GLY E 227 -9.02 27.00 -8.95
CA GLY E 227 -9.66 25.90 -9.60
C GLY E 227 -10.17 26.48 -10.89
N PRO E 228 -10.54 25.64 -11.88
CA PRO E 228 -10.92 26.02 -13.23
C PRO E 228 -12.42 26.21 -13.50
N ASN E 229 -12.70 26.89 -14.61
CA ASN E 229 -14.06 27.03 -15.17
C ASN E 229 -14.38 25.99 -16.29
N SER E 230 -15.65 25.62 -16.47
CA SER E 230 -16.08 24.99 -17.73
C SER E 230 -15.47 25.61 -19.03
N ASP E 231 -15.37 26.94 -19.15
CA ASP E 231 -14.75 27.55 -20.36
C ASP E 231 -13.20 27.54 -20.46
N GLY E 232 -12.55 26.76 -19.60
CA GLY E 232 -11.10 26.73 -19.50
C GLY E 232 -10.45 28.03 -19.03
N SER E 233 -11.09 28.73 -18.13
CA SER E 233 -10.44 29.90 -17.56
C SER E 233 -10.38 29.59 -16.09
N PHE E 234 -10.01 30.56 -15.27
CA PHE E 234 -9.74 30.19 -13.89
C PHE E 234 -10.55 30.91 -12.83
N HIS E 235 -10.55 30.39 -11.61
CA HIS E 235 -11.21 31.07 -10.53
C HIS E 235 -10.33 30.83 -9.33
N ALA E 236 -10.33 31.77 -8.42
CA ALA E 236 -9.44 31.67 -7.29
C ALA E 236 -10.06 32.59 -6.33
N SER E 237 -9.60 32.48 -5.08
CA SER E 237 -10.14 33.27 -4.00
C SER E 237 -9.48 32.93 -2.73
N SER E 238 -8.74 33.89 -2.21
CA SER E 238 -8.24 33.83 -0.85
C SER E 238 -9.15 34.47 0.24
N SER E 239 -8.92 34.06 1.49
CA SER E 239 -9.80 34.38 2.63
C SER E 239 -9.00 34.74 3.87
N LEU E 240 -9.34 35.87 4.48
CA LEU E 240 -8.55 36.46 5.55
C LEU E 240 -9.35 36.81 6.80
N THR E 241 -8.84 36.45 7.98
CA THR E 241 -9.53 36.65 9.26
C THR E 241 -9.14 37.96 9.89
N VAL E 242 -10.13 38.82 10.13
CA VAL E 242 -9.94 40.17 10.69
C VAL E 242 -10.71 40.30 11.98
N LYS E 243 -10.15 41.08 12.90
CA LYS E 243 -10.86 41.61 14.10
C LYS E 243 -12.24 42.21 13.71
N SER E 244 -13.29 41.85 14.45
CA SER E 244 -14.66 42.28 14.04
C SER E 244 -14.82 43.79 13.88
N GLY E 245 -15.77 44.17 13.03
CA GLY E 245 -15.97 45.57 12.65
C GLY E 245 -14.67 46.31 12.40
N ASP E 246 -13.78 45.66 11.63
CA ASP E 246 -12.54 46.29 11.12
C ASP E 246 -12.48 46.15 9.61
N GLU E 247 -13.33 45.30 9.05
CA GLU E 247 -13.43 45.13 7.62
C GLU E 247 -12.98 46.38 6.87
N HIS E 248 -13.61 47.52 7.18
CA HIS E 248 -13.61 48.66 6.28
C HIS E 248 -12.20 49.16 6.09
N HIS E 249 -11.30 48.70 6.95
CA HIS E 249 -9.96 49.20 6.95
C HIS E 249 -8.97 48.42 6.07
N TYR E 250 -9.47 47.32 5.50
CA TYR E 250 -8.74 46.41 4.63
C TYR E 250 -9.05 46.66 3.16
N CYS E 251 -8.36 45.99 2.27
CA CYS E 251 -8.80 45.91 0.88
C CYS E 251 -7.90 44.96 0.12
N CYS E 252 -8.42 44.42 -0.98
CA CYS E 252 -7.76 43.32 -1.67
C CYS E 252 -6.83 43.76 -2.84
N ILE E 253 -5.66 43.11 -2.99
CA ILE E 253 -4.72 43.43 -4.10
C ILE E 253 -4.42 42.29 -5.04
N VAL E 254 -4.68 42.48 -6.32
CA VAL E 254 -4.61 41.41 -7.28
C VAL E 254 -3.63 41.70 -8.37
N GLN E 255 -2.60 40.86 -8.46
CA GLN E 255 -1.68 40.84 -9.60
C GLN E 255 -2.06 39.73 -10.54
N HIS E 256 -2.31 40.08 -11.79
CA HIS E 256 -2.56 39.13 -12.86
C HIS E 256 -1.97 39.73 -14.11
N ALA E 257 -1.88 38.97 -15.20
CA ALA E 257 -1.02 39.36 -16.29
C ALA E 257 -1.81 40.17 -17.24
N GLY E 258 -3.12 40.01 -17.26
CA GLY E 258 -3.98 40.88 -18.12
C GLY E 258 -4.19 42.30 -17.54
N LEU E 259 -3.40 42.68 -16.55
CA LEU E 259 -3.60 43.96 -15.91
C LEU E 259 -2.40 44.82 -16.18
N ALA E 260 -2.60 46.07 -16.51
CA ALA E 260 -1.49 47.01 -16.55
C ALA E 260 -0.67 47.05 -15.24
N GLN E 261 -1.31 47.35 -14.10
CA GLN E 261 -0.64 47.28 -12.78
C GLN E 261 -1.31 46.27 -11.88
N PRO E 262 -0.87 46.16 -10.61
CA PRO E 262 -1.67 45.56 -9.57
C PRO E 262 -2.96 46.30 -9.46
N LEU E 263 -3.93 45.71 -8.80
CA LEU E 263 -5.24 46.29 -8.74
C LEU E 263 -5.74 46.30 -7.29
N ARG E 264 -6.11 47.47 -6.82
CA ARG E 264 -6.62 47.58 -5.47
C ARG E 264 -8.11 47.25 -5.53
N VAL E 265 -8.58 46.41 -4.60
CA VAL E 265 -10.00 45.99 -4.63
C VAL E 265 -10.66 46.20 -3.29
N GLU E 266 -11.76 46.96 -3.28
CA GLU E 266 -12.30 47.47 -2.03
C GLU E 266 -13.64 46.83 -1.61
N LEU E 267 -13.93 46.94 -0.32
CA LEU E 267 -15.12 46.28 0.19
C LEU E 267 -16.34 47.10 -0.22
N ILE F 1 -0.28 4.47 -4.36
CA ILE F 1 -1.10 5.19 -3.32
C ILE F 1 -2.58 5.06 -3.59
N GLN F 2 -3.37 5.70 -2.74
CA GLN F 2 -4.77 6.02 -2.99
C GLN F 2 -4.92 7.44 -2.45
N ARG F 3 -5.71 8.29 -3.10
CA ARG F 3 -5.66 9.72 -2.70
C ARG F 3 -7.02 10.30 -2.57
N THR F 4 -7.21 11.11 -1.54
CA THR F 4 -8.56 11.48 -1.08
C THR F 4 -9.01 12.88 -1.56
N PRO F 5 -10.18 12.97 -2.25
CA PRO F 5 -10.52 14.14 -3.10
C PRO F 5 -10.82 15.48 -2.39
N LYS F 6 -10.13 16.56 -2.80
CA LYS F 6 -10.46 17.93 -2.37
C LYS F 6 -11.65 18.55 -3.13
N ILE F 7 -12.59 19.19 -2.43
CA ILE F 7 -13.82 19.71 -3.12
C ILE F 7 -14.09 21.20 -3.00
N GLN F 8 -14.18 21.88 -4.13
CA GLN F 8 -14.58 23.26 -4.11
C GLN F 8 -15.89 23.45 -4.91
N VAL F 9 -16.75 24.30 -4.36
CA VAL F 9 -17.93 24.76 -5.07
C VAL F 9 -17.79 26.27 -5.30
N TYR F 10 -18.04 26.73 -6.51
CA TYR F 10 -17.87 28.16 -6.81
C TYR F 10 -18.61 28.51 -8.08
N SER F 11 -19.00 29.77 -8.27
CA SER F 11 -19.77 30.15 -9.47
C SER F 11 -18.83 30.61 -10.58
N ARG F 12 -19.28 30.51 -11.83
CA ARG F 12 -18.41 30.83 -12.96
C ARG F 12 -18.23 32.32 -13.15
N HIS F 13 -19.31 33.04 -12.84
CA HIS F 13 -19.37 34.51 -12.73
C HIS F 13 -19.79 34.96 -11.31
N PRO F 14 -19.50 36.24 -10.98
CA PRO F 14 -19.87 36.76 -9.66
C PRO F 14 -21.37 36.71 -9.45
N ALA F 15 -21.78 35.99 -8.42
CA ALA F 15 -23.19 35.77 -8.17
C ALA F 15 -23.86 37.02 -7.64
N GLU F 16 -24.78 37.53 -8.44
CA GLU F 16 -25.73 38.51 -7.99
C GLU F 16 -27.09 37.90 -8.35
N ASN F 17 -27.98 37.83 -7.37
CA ASN F 17 -29.24 37.09 -7.49
C ASN F 17 -30.07 37.44 -8.72
N GLY F 18 -30.62 36.42 -9.38
CA GLY F 18 -31.46 36.63 -10.56
C GLY F 18 -30.72 36.92 -11.85
N LYS F 19 -29.48 36.44 -11.94
CA LYS F 19 -28.72 36.43 -13.20
C LYS F 19 -28.19 35.01 -13.58
N SER F 20 -28.32 34.64 -14.85
CA SER F 20 -27.88 33.34 -15.42
C SER F 20 -26.42 33.13 -15.13
N ASN F 21 -25.99 31.88 -15.03
CA ASN F 21 -24.69 31.59 -14.37
C ASN F 21 -24.41 30.11 -14.30
N PHE F 22 -23.14 29.78 -14.12
CA PHE F 22 -22.75 28.39 -13.98
C PHE F 22 -22.16 28.21 -12.60
N LEU F 23 -22.64 27.20 -11.90
CA LEU F 23 -22.04 26.82 -10.63
C LEU F 23 -21.14 25.61 -10.90
N ASN F 24 -19.96 25.61 -10.30
CA ASN F 24 -18.94 24.59 -10.54
C ASN F 24 -18.64 23.89 -9.26
N CYS F 25 -18.78 22.57 -9.26
CA CYS F 25 -18.28 21.73 -8.18
C CYS F 25 -17.01 21.06 -8.74
N TYR F 26 -15.96 21.04 -7.93
CA TYR F 26 -14.62 20.71 -8.45
C TYR F 26 -13.77 19.88 -7.54
N VAL F 27 -13.56 18.66 -8.00
CA VAL F 27 -12.84 17.64 -7.27
C VAL F 27 -11.43 17.39 -7.84
N SER F 28 -10.47 17.24 -6.94
CA SER F 28 -9.05 17.26 -7.33
C SER F 28 -8.18 16.52 -6.31
N GLY F 29 -6.96 16.17 -6.72
CA GLY F 29 -6.10 15.36 -5.88
C GLY F 29 -6.67 14.02 -5.42
N PHE F 30 -7.51 13.40 -6.23
CA PHE F 30 -7.89 12.03 -5.90
C PHE F 30 -7.20 10.93 -6.69
N HIS F 31 -7.63 9.68 -6.47
CA HIS F 31 -7.04 8.46 -7.06
C HIS F 31 -7.52 7.23 -6.32
N PRO F 32 -8.00 6.21 -7.05
CA PRO F 32 -8.27 6.02 -8.48
C PRO F 32 -9.29 6.95 -9.09
N SER F 33 -9.44 6.86 -10.41
CA SER F 33 -10.23 7.77 -11.20
C SER F 33 -11.73 7.61 -11.05
N ASP F 34 -12.18 6.98 -9.99
CA ASP F 34 -13.54 6.52 -9.95
C ASP F 34 -14.36 7.25 -8.90
N ILE F 35 -15.17 8.21 -9.31
CA ILE F 35 -15.81 9.07 -8.34
C ILE F 35 -17.33 9.27 -8.56
N GLU F 36 -18.06 9.48 -7.47
CA GLU F 36 -19.46 9.90 -7.57
C GLU F 36 -19.64 11.33 -7.08
N VAL F 37 -20.00 12.20 -8.01
CA VAL F 37 -20.18 13.61 -7.74
C VAL F 37 -21.63 14.02 -8.02
N ASP F 38 -22.31 14.58 -7.00
CA ASP F 38 -23.72 15.02 -7.08
C ASP F 38 -23.85 16.54 -7.00
N LEU F 39 -24.70 17.11 -7.86
CA LEU F 39 -25.05 18.54 -7.72
C LEU F 39 -26.38 18.83 -7.00
N LEU F 40 -26.30 19.32 -5.76
CA LEU F 40 -27.50 19.53 -4.97
C LEU F 40 -28.03 20.97 -4.98
N LYS F 41 -29.35 21.06 -5.14
CA LYS F 41 -30.15 22.27 -4.92
C LYS F 41 -31.06 22.05 -3.69
N ASN F 42 -30.64 22.59 -2.53
CA ASN F 42 -31.24 22.32 -1.19
C ASN F 42 -31.17 20.83 -0.80
N GLY F 43 -31.73 19.96 -1.63
CA GLY F 43 -31.69 18.55 -1.38
C GLY F 43 -31.75 17.76 -2.66
N GLU F 44 -32.59 18.20 -3.59
CA GLU F 44 -32.82 17.44 -4.82
C GLU F 44 -31.59 17.48 -5.72
N ARG F 45 -31.02 16.30 -5.99
CA ARG F 45 -29.94 16.13 -6.96
C ARG F 45 -30.31 16.84 -8.28
N ILE F 46 -29.32 17.32 -9.04
CA ILE F 46 -29.64 18.14 -10.22
C ILE F 46 -29.54 17.35 -11.51
N GLU F 47 -30.43 17.66 -12.45
CA GLU F 47 -30.54 16.90 -13.69
C GLU F 47 -29.38 17.22 -14.62
N LYS F 48 -29.59 18.25 -15.45
CA LYS F 48 -28.83 18.52 -16.68
C LYS F 48 -27.38 19.08 -16.50
N VAL F 49 -26.60 18.40 -15.67
CA VAL F 49 -25.20 18.74 -15.43
C VAL F 49 -24.28 18.17 -16.52
N GLU F 50 -23.37 19.00 -17.03
CA GLU F 50 -22.24 18.55 -17.84
C GLU F 50 -20.96 18.47 -16.96
N HIS F 51 -19.93 17.76 -17.41
CA HIS F 51 -18.66 17.62 -16.67
C HIS F 51 -17.45 17.57 -17.61
N SER F 52 -16.29 18.08 -17.18
CA SER F 52 -15.08 18.08 -18.01
C SER F 52 -14.56 16.65 -18.11
N ASP F 53 -13.58 16.41 -18.99
CA ASP F 53 -12.93 15.08 -19.04
C ASP F 53 -11.98 14.87 -17.89
N LEU F 54 -12.13 13.76 -17.18
CA LEU F 54 -11.14 13.34 -16.18
C LEU F 54 -9.66 13.64 -16.57
N SER F 55 -8.94 14.44 -15.79
CA SER F 55 -7.51 14.61 -16.09
C SER F 55 -6.62 14.59 -14.88
N PHE F 56 -5.37 14.95 -15.03
CA PHE F 56 -4.47 14.82 -13.88
C PHE F 56 -3.30 15.80 -13.73
N SER F 57 -2.78 15.83 -12.52
CA SER F 57 -1.77 16.78 -12.17
C SER F 57 -0.43 16.23 -12.62
N LYS F 58 0.64 16.74 -12.05
CA LYS F 58 1.92 16.28 -12.40
C LYS F 58 2.38 15.65 -11.08
N ASP F 59 1.46 14.84 -10.52
CA ASP F 59 1.76 13.89 -9.43
C ASP F 59 0.63 12.92 -9.52
N TRP F 60 -0.01 12.92 -10.67
CA TRP F 60 -0.81 11.81 -11.09
C TRP F 60 -2.16 11.75 -10.36
N SER F 61 -2.30 12.62 -9.37
CA SER F 61 -3.57 12.81 -8.68
C SER F 61 -4.59 13.21 -9.71
N PHE F 62 -5.78 12.64 -9.67
CA PHE F 62 -6.84 12.99 -10.64
C PHE F 62 -7.61 14.28 -10.30
N TYR F 63 -8.34 14.83 -11.28
CA TYR F 63 -9.26 15.92 -11.04
C TYR F 63 -10.29 15.94 -12.13
N LEU F 64 -11.50 16.32 -11.75
CA LEU F 64 -12.66 16.44 -12.64
C LEU F 64 -13.32 17.75 -12.22
N LEU F 65 -14.03 18.37 -13.17
CA LEU F 65 -14.84 19.56 -12.89
C LEU F 65 -16.28 19.36 -13.34
N TYR F 66 -17.18 19.14 -12.39
CA TYR F 66 -18.61 19.10 -12.72
C TYR F 66 -19.26 20.50 -12.72
N TYR F 67 -20.21 20.74 -13.63
CA TYR F 67 -20.86 22.06 -13.71
C TYR F 67 -22.26 22.08 -14.30
N THR F 68 -22.98 23.18 -14.06
CA THR F 68 -24.32 23.38 -14.60
C THR F 68 -24.68 24.87 -14.76
N GLU F 69 -25.65 25.14 -15.63
CA GLU F 69 -26.35 26.44 -15.70
C GLU F 69 -27.20 26.62 -14.46
N PHE F 70 -27.31 27.85 -13.97
CA PHE F 70 -28.32 28.17 -12.98
C PHE F 70 -28.68 29.68 -12.88
N THR F 71 -29.43 30.05 -11.84
CA THR F 71 -29.66 31.44 -11.50
C THR F 71 -29.98 31.43 -10.01
N PRO F 72 -29.19 32.14 -9.19
CA PRO F 72 -29.44 32.10 -7.74
C PRO F 72 -30.44 33.15 -7.20
N THR F 73 -30.80 32.96 -5.93
CA THR F 73 -31.84 33.72 -5.26
C THR F 73 -31.34 34.06 -3.88
N GLU F 74 -31.88 35.13 -3.30
CA GLU F 74 -31.70 35.36 -1.86
C GLU F 74 -32.06 34.06 -1.13
N LYS F 75 -32.83 33.22 -1.82
CA LYS F 75 -33.55 32.11 -1.20
C LYS F 75 -32.76 30.80 -1.02
N ASP F 76 -32.68 30.02 -2.10
CA ASP F 76 -32.23 28.62 -2.05
C ASP F 76 -30.75 28.39 -1.77
N GLU F 77 -30.45 27.24 -1.18
CA GLU F 77 -29.08 26.77 -0.96
C GLU F 77 -28.62 25.84 -2.13
N TYR F 78 -27.31 25.54 -2.18
CA TYR F 78 -26.72 24.65 -3.19
C TYR F 78 -25.56 23.85 -2.60
N ALA F 79 -25.30 22.67 -3.15
CA ALA F 79 -24.34 21.75 -2.57
C ALA F 79 -23.68 20.87 -3.60
N CYS F 80 -22.66 20.14 -3.18
CA CYS F 80 -22.06 19.13 -4.01
C CYS F 80 -21.88 17.86 -3.18
N ARG F 81 -22.61 16.79 -3.52
CA ARG F 81 -22.38 15.50 -2.88
C ARG F 81 -21.33 14.78 -3.69
N VAL F 82 -20.49 14.02 -2.98
CA VAL F 82 -19.26 13.45 -3.49
C VAL F 82 -19.00 12.13 -2.78
N ASN F 83 -18.42 11.17 -3.52
CA ASN F 83 -18.26 9.78 -3.07
C ASN F 83 -17.03 9.13 -3.70
N HIS F 84 -16.15 8.57 -2.86
CA HIS F 84 -14.83 8.04 -3.29
C HIS F 84 -14.19 7.16 -2.24
N VAL F 85 -14.00 5.89 -2.61
CA VAL F 85 -13.46 4.86 -1.72
C VAL F 85 -12.73 5.41 -0.49
N THR F 86 -11.68 6.21 -0.70
CA THR F 86 -10.92 6.80 0.40
C THR F 86 -11.82 7.33 1.51
N LEU F 87 -12.94 7.94 1.14
CA LEU F 87 -13.82 8.59 2.10
C LEU F 87 -14.63 7.54 2.77
N SER F 88 -14.86 7.74 4.05
CA SER F 88 -15.83 6.94 4.78
C SER F 88 -17.18 7.27 4.15
N GLN F 89 -18.08 7.91 4.89
CA GLN F 89 -19.33 8.27 4.27
C GLN F 89 -19.03 9.35 3.23
N PRO F 90 -19.97 9.57 2.27
CA PRO F 90 -19.98 10.66 1.29
C PRO F 90 -19.64 12.02 1.89
N LYS F 91 -19.30 12.98 1.03
CA LYS F 91 -18.98 14.33 1.49
C LYS F 91 -19.85 15.36 0.80
N ILE F 92 -20.53 16.15 1.61
CA ILE F 92 -21.29 17.29 1.09
C ILE F 92 -20.53 18.54 1.43
N VAL F 93 -20.19 19.30 0.40
CA VAL F 93 -19.47 20.52 0.63
C VAL F 93 -20.42 21.55 0.12
N LYS F 94 -20.51 22.64 0.87
CA LYS F 94 -21.61 23.60 0.78
C LYS F 94 -21.22 24.86 -0.01
N TRP F 95 -22.02 25.23 -1.01
CA TRP F 95 -21.63 26.38 -1.78
C TRP F 95 -21.71 27.62 -0.96
N ASP F 96 -20.69 27.92 -0.19
CA ASP F 96 -20.69 29.21 0.49
C ASP F 96 -20.49 30.28 -0.60
N ARG F 97 -21.56 30.98 -0.98
CA ARG F 97 -21.45 31.98 -2.05
C ARG F 97 -20.31 32.95 -1.75
N ASP F 98 -20.07 33.92 -2.62
CA ASP F 98 -19.09 34.96 -2.31
C ASP F 98 -17.72 34.41 -1.86
N MET F 99 -17.47 33.12 -2.10
CA MET F 99 -16.19 32.47 -1.77
C MET F 99 -15.49 32.06 -3.07
N LEU G 5 -30.87 -4.40 1.21
CA LEU G 5 -29.41 -4.68 1.29
C LEU G 5 -29.05 -5.76 2.33
N SER G 6 -28.41 -6.82 1.82
CA SER G 6 -27.97 -7.96 2.63
C SER G 6 -26.59 -8.48 2.20
N LEU G 7 -25.70 -8.64 3.19
CA LEU G 7 -24.40 -9.33 3.03
C LEU G 7 -24.59 -10.84 3.22
N LEU G 8 -24.32 -11.61 2.17
CA LEU G 8 -24.52 -13.07 2.17
C LEU G 8 -23.27 -13.80 1.68
N TYR G 9 -22.85 -14.83 2.41
CA TYR G 9 -21.70 -15.66 2.03
C TYR G 9 -22.22 -16.90 1.34
N HIS G 10 -21.37 -17.51 0.52
CA HIS G 10 -21.73 -18.71 -0.22
C HIS G 10 -20.60 -19.77 -0.11
N LEU G 11 -20.65 -20.53 0.99
CA LEU G 11 -19.57 -21.45 1.41
C LEU G 11 -19.75 -22.87 0.91
N THR G 12 -18.64 -23.52 0.54
CA THR G 12 -18.70 -24.84 -0.06
C THR G 12 -17.45 -25.70 0.14
N ALA G 13 -17.62 -26.86 0.77
CA ALA G 13 -16.59 -27.89 0.80
C ALA G 13 -17.01 -28.98 -0.15
N VAL G 14 -16.18 -30.01 -0.31
CA VAL G 14 -16.49 -31.22 -1.07
C VAL G 14 -15.56 -32.28 -0.54
N SER G 15 -16.07 -33.51 -0.45
CA SER G 15 -15.32 -34.57 0.20
C SER G 15 -14.30 -35.20 -0.74
N SER G 16 -14.56 -35.16 -2.04
CA SER G 16 -13.55 -35.58 -3.04
C SER G 16 -13.41 -34.53 -4.16
N PRO G 17 -12.48 -33.55 -3.97
CA PRO G 17 -12.31 -32.47 -4.95
C PRO G 17 -11.67 -32.93 -6.25
N ALA G 18 -12.09 -32.32 -7.35
CA ALA G 18 -11.50 -32.56 -8.66
C ALA G 18 -9.99 -32.28 -8.55
N PRO G 19 -9.15 -33.24 -9.02
CA PRO G 19 -7.70 -33.16 -8.79
C PRO G 19 -7.20 -31.83 -9.29
N GLY G 20 -6.57 -31.08 -8.40
CA GLY G 20 -6.14 -29.73 -8.69
C GLY G 20 -7.14 -28.63 -8.38
N THR G 21 -8.37 -29.01 -8.00
CA THR G 21 -9.39 -28.07 -7.48
C THR G 21 -9.25 -27.94 -5.95
N PRO G 22 -9.57 -26.75 -5.39
CA PRO G 22 -9.70 -26.64 -3.93
C PRO G 22 -10.78 -27.58 -3.35
N ALA G 23 -10.54 -28.22 -2.21
CA ALA G 23 -11.63 -28.91 -1.52
C ALA G 23 -12.64 -27.97 -0.83
N PHE G 24 -12.29 -26.70 -0.65
CA PHE G 24 -13.13 -25.71 0.01
C PHE G 24 -13.05 -24.35 -0.70
N TRP G 25 -14.18 -23.64 -0.82
CA TRP G 25 -14.18 -22.25 -1.28
C TRP G 25 -15.33 -21.39 -0.73
N VAL G 26 -15.17 -20.07 -0.86
CA VAL G 26 -16.21 -19.13 -0.47
C VAL G 26 -16.36 -18.05 -1.55
N SER G 27 -17.60 -17.65 -1.80
CA SER G 27 -17.91 -16.53 -2.66
C SER G 27 -18.81 -15.52 -1.90
N GLY G 28 -18.22 -14.38 -1.50
CA GLY G 28 -18.89 -13.36 -0.67
C GLY G 28 -19.66 -12.22 -1.35
N TRP G 29 -20.97 -12.21 -1.15
CA TRP G 29 -21.90 -11.39 -1.92
C TRP G 29 -22.54 -10.21 -1.19
N LEU G 30 -21.85 -9.08 -1.26
CA LEU G 30 -22.42 -7.76 -1.01
C LEU G 30 -23.37 -7.36 -2.16
N GLY G 31 -24.64 -7.74 -2.01
CA GLY G 31 -25.69 -7.34 -2.93
C GLY G 31 -25.90 -8.19 -4.17
N PRO G 32 -25.64 -7.60 -5.35
CA PRO G 32 -25.87 -8.36 -6.58
C PRO G 32 -24.57 -8.86 -7.24
N GLN G 33 -23.42 -8.41 -6.72
CA GLN G 33 -22.11 -8.76 -7.27
C GLN G 33 -21.18 -9.35 -6.20
N GLN G 34 -20.26 -10.22 -6.65
CA GLN G 34 -19.34 -10.94 -5.77
C GLN G 34 -18.20 -10.04 -5.26
N TYR G 35 -18.25 -9.68 -3.97
CA TYR G 35 -17.21 -8.88 -3.36
C TYR G 35 -15.99 -9.75 -3.09
N LEU G 36 -16.16 -10.70 -2.17
CA LEU G 36 -15.06 -11.57 -1.71
C LEU G 36 -14.80 -12.82 -2.58
N SER G 37 -13.66 -13.48 -2.32
CA SER G 37 -13.29 -14.73 -3.00
C SER G 37 -12.24 -15.56 -2.19
N TYR G 38 -12.70 -16.64 -1.56
CA TYR G 38 -11.81 -17.59 -0.90
C TYR G 38 -11.71 -18.90 -1.72
N ASN G 39 -10.67 -19.68 -1.43
CA ASN G 39 -10.54 -21.10 -1.84
C ASN G 39 -9.28 -21.67 -1.19
N SER G 40 -9.40 -22.84 -0.59
CA SER G 40 -8.33 -23.37 0.24
C SER G 40 -7.17 -23.95 -0.55
N LEU G 41 -6.94 -23.43 -1.75
CA LEU G 41 -5.76 -23.80 -2.53
C LEU G 41 -4.63 -22.86 -2.11
N ARG G 42 -4.99 -21.58 -1.91
CA ARG G 42 -4.07 -20.55 -1.44
C ARG G 42 -4.16 -20.38 0.08
N GLY G 43 -5.15 -19.60 0.52
CA GLY G 43 -5.44 -19.41 1.95
C GLY G 43 -5.57 -17.95 2.32
N GLU G 44 -6.17 -17.17 1.42
CA GLU G 44 -6.23 -15.72 1.56
C GLU G 44 -7.31 -15.16 0.66
N ALA G 45 -8.13 -14.26 1.19
CA ALA G 45 -9.18 -13.62 0.41
C ALA G 45 -8.60 -12.84 -0.78
N GLU G 46 -8.92 -13.29 -2.00
CA GLU G 46 -8.50 -12.62 -3.23
C GLU G 46 -9.71 -11.91 -3.85
N PRO G 47 -9.93 -10.62 -3.47
CA PRO G 47 -11.11 -9.74 -3.70
C PRO G 47 -11.56 -9.57 -5.17
N CYS G 48 -12.88 -9.53 -5.41
CA CYS G 48 -13.44 -9.58 -6.78
C CYS G 48 -14.62 -8.62 -7.05
N GLY G 49 -15.11 -8.66 -8.30
CA GLY G 49 -16.37 -8.02 -8.69
C GLY G 49 -16.26 -6.61 -9.25
N ALA G 50 -16.75 -5.65 -8.49
CA ALA G 50 -16.67 -4.22 -8.82
C ALA G 50 -16.34 -3.37 -7.58
N TRP G 51 -15.95 -4.06 -6.49
CA TRP G 51 -15.47 -3.46 -5.25
C TRP G 51 -13.96 -3.73 -5.22
N VAL G 52 -13.45 -4.16 -6.38
CA VAL G 52 -12.12 -4.74 -6.56
C VAL G 52 -11.01 -3.92 -5.91
N TRP G 53 -11.04 -2.61 -6.15
CA TRP G 53 -10.08 -1.70 -5.55
C TRP G 53 -10.19 -1.85 -4.02
N GLU G 54 -9.39 -2.78 -3.48
CA GLU G 54 -9.44 -3.21 -2.07
C GLU G 54 -8.86 -2.13 -1.19
N ASN G 55 -9.54 -0.98 -1.24
CA ASN G 55 -9.12 0.29 -0.62
C ASN G 55 -8.46 0.13 0.75
N GLN G 56 -9.27 -0.30 1.71
CA GLN G 56 -8.80 -0.63 3.05
C GLN G 56 -7.68 -1.69 2.90
N VAL G 57 -6.48 -1.20 2.62
CA VAL G 57 -5.31 -2.02 2.32
C VAL G 57 -4.71 -2.59 3.61
N SER G 58 -4.00 -3.71 3.47
CA SER G 58 -3.46 -4.52 4.58
C SER G 58 -4.52 -5.10 5.53
N TRP G 59 -5.49 -4.27 5.96
CA TRP G 59 -6.38 -4.61 7.09
C TRP G 59 -7.72 -5.34 6.82
N TYR G 60 -8.52 -4.89 5.85
CA TYR G 60 -9.90 -5.43 5.65
C TYR G 60 -9.93 -6.94 5.31
N TRP G 61 -9.30 -7.29 4.20
CA TRP G 61 -9.16 -8.66 3.75
C TRP G 61 -8.13 -9.41 4.61
N GLU G 62 -7.95 -8.94 5.85
CA GLU G 62 -7.12 -9.64 6.85
C GLU G 62 -7.97 -10.03 8.04
N LYS G 63 -9.17 -9.44 8.13
CA LYS G 63 -10.21 -9.97 9.00
C LYS G 63 -10.79 -11.18 8.26
N GLU G 64 -11.55 -10.89 7.21
CA GLU G 64 -12.20 -11.90 6.37
C GLU G 64 -11.35 -13.16 6.24
N THR G 65 -10.11 -12.99 5.77
CA THR G 65 -9.18 -14.13 5.66
C THR G 65 -9.11 -14.98 6.94
N THR G 66 -8.70 -14.39 8.06
CA THR G 66 -8.54 -15.15 9.30
C THR G 66 -9.85 -15.85 9.68
N ASP G 67 -10.98 -15.20 9.38
CA ASP G 67 -12.31 -15.74 9.65
C ASP G 67 -12.50 -17.08 8.95
N LEU G 68 -12.36 -17.05 7.62
CA LEU G 68 -12.63 -18.20 6.76
C LEU G 68 -11.76 -19.42 7.03
N ARG G 69 -10.50 -19.20 7.43
CA ARG G 69 -9.61 -20.28 7.91
C ARG G 69 -10.12 -20.93 9.22
N ILE G 70 -11.27 -20.48 9.71
CA ILE G 70 -11.95 -21.16 10.80
C ILE G 70 -13.20 -21.87 10.22
N LYS G 71 -14.10 -21.11 9.60
CA LYS G 71 -15.25 -21.71 8.91
C LYS G 71 -14.79 -22.89 8.04
N GLU G 72 -13.54 -22.84 7.58
CA GLU G 72 -12.98 -23.83 6.66
C GLU G 72 -12.62 -25.13 7.34
N LYS G 73 -11.94 -25.03 8.47
CA LYS G 73 -11.43 -26.23 9.16
C LYS G 73 -12.60 -27.07 9.62
N LEU G 74 -13.68 -26.37 10.01
CA LEU G 74 -14.92 -26.95 10.51
C LEU G 74 -15.72 -27.65 9.40
N PHE G 75 -15.83 -27.01 8.23
CA PHE G 75 -16.41 -27.67 7.03
C PHE G 75 -15.69 -29.00 6.68
N LEU G 76 -14.35 -28.99 6.68
CA LEU G 76 -13.59 -30.19 6.32
C LEU G 76 -13.62 -31.28 7.42
N GLU G 77 -13.47 -30.87 8.68
CA GLU G 77 -13.58 -31.79 9.83
C GLU G 77 -14.96 -32.42 9.90
N ALA G 78 -15.89 -31.86 9.09
CA ALA G 78 -17.29 -32.29 9.01
C ALA G 78 -17.49 -33.56 8.20
N PHE G 79 -16.57 -33.85 7.27
CA PHE G 79 -16.66 -35.06 6.44
C PHE G 79 -16.42 -36.31 7.25
N LYS G 80 -15.42 -36.26 8.14
CA LYS G 80 -15.15 -37.38 9.06
C LYS G 80 -16.06 -37.37 10.29
N ALA G 81 -17.12 -36.54 10.26
CA ALA G 81 -18.15 -36.48 11.31
C ALA G 81 -19.44 -37.08 10.76
N LEU G 82 -19.54 -37.11 9.44
CA LEU G 82 -20.45 -38.04 8.76
C LEU G 82 -19.73 -39.40 8.70
N GLY G 83 -20.31 -40.42 9.33
CA GLY G 83 -19.65 -41.73 9.33
C GLY G 83 -19.38 -42.32 7.95
N GLY G 84 -20.29 -42.07 7.01
CA GLY G 84 -20.24 -42.71 5.70
C GLY G 84 -18.97 -42.55 4.89
N LYS G 85 -18.95 -43.29 3.79
CA LYS G 85 -17.85 -43.28 2.85
C LYS G 85 -18.06 -42.19 1.79
N GLY G 86 -19.16 -41.43 1.93
CA GLY G 86 -19.52 -40.38 0.97
C GLY G 86 -19.76 -40.90 -0.44
N PRO G 87 -19.45 -40.09 -1.48
CA PRO G 87 -18.85 -38.77 -1.34
C PRO G 87 -19.85 -37.66 -0.99
N TYR G 88 -19.31 -36.67 -0.29
CA TYR G 88 -20.08 -35.62 0.31
C TYR G 88 -19.90 -34.25 -0.35
N THR G 89 -20.88 -33.38 -0.11
CA THR G 89 -20.91 -32.03 -0.65
C THR G 89 -21.58 -31.11 0.37
N LEU G 90 -20.94 -30.88 1.53
CA LEU G 90 -21.48 -29.92 2.48
C LEU G 90 -21.40 -28.52 1.87
N GLN G 91 -22.44 -27.70 2.12
CA GLN G 91 -22.54 -26.31 1.60
C GLN G 91 -23.14 -25.40 2.65
N GLY G 92 -22.71 -24.14 2.67
CA GLY G 92 -23.22 -23.15 3.65
C GLY G 92 -23.46 -21.73 3.12
N LEU G 93 -24.40 -21.05 3.76
CA LEU G 93 -24.83 -19.71 3.36
C LEU G 93 -25.08 -18.81 4.58
N LEU G 94 -24.06 -18.09 5.01
CA LEU G 94 -24.18 -17.23 6.18
C LEU G 94 -24.32 -15.79 5.74
N GLY G 95 -24.55 -14.86 6.67
CA GLY G 95 -24.67 -13.44 6.33
C GLY G 95 -25.83 -12.75 7.01
N CYS G 96 -26.10 -11.50 6.65
CA CYS G 96 -27.20 -10.72 7.27
C CYS G 96 -27.76 -9.52 6.45
N GLU G 97 -29.06 -9.23 6.67
CA GLU G 97 -29.80 -8.12 6.03
C GLU G 97 -29.96 -6.89 6.97
N LEU G 98 -30.74 -5.88 6.54
CA LEU G 98 -31.15 -4.73 7.38
C LEU G 98 -32.68 -4.53 7.42
N GLY G 99 -33.24 -4.31 8.63
CA GLY G 99 -34.70 -4.25 8.86
C GLY G 99 -35.32 -2.86 8.86
N PRO G 100 -35.96 -2.45 9.98
CA PRO G 100 -36.30 -1.01 10.13
C PRO G 100 -35.06 -0.11 10.46
N ASP G 101 -34.83 0.16 11.75
CA ASP G 101 -33.58 0.74 12.24
C ASP G 101 -33.04 -0.18 13.34
N ASN G 102 -31.76 -0.05 13.68
CA ASN G 102 -31.09 -0.86 14.75
C ASN G 102 -31.16 -2.41 14.61
N THR G 103 -32.38 -2.96 14.68
CA THR G 103 -32.64 -4.39 14.47
C THR G 103 -32.25 -4.84 13.05
N SER G 104 -31.73 -6.06 12.95
CA SER G 104 -31.29 -6.66 11.70
C SER G 104 -31.47 -8.17 11.79
N VAL G 105 -31.31 -8.85 10.65
CA VAL G 105 -31.72 -10.27 10.49
C VAL G 105 -30.66 -11.19 9.85
N PRO G 106 -30.13 -12.16 10.64
CA PRO G 106 -29.14 -13.11 10.11
C PRO G 106 -29.75 -14.43 9.60
N THR G 107 -29.13 -15.01 8.58
CA THR G 107 -29.48 -16.34 8.11
C THR G 107 -28.22 -17.20 8.00
N ALA G 108 -28.16 -18.24 8.83
CA ALA G 108 -27.14 -19.27 8.75
C ALA G 108 -27.84 -20.62 8.65
N LYS G 109 -27.88 -21.18 7.44
CA LYS G 109 -28.62 -22.40 7.17
C LYS G 109 -27.92 -23.22 6.10
N PHE G 110 -27.24 -24.28 6.52
CA PHE G 110 -26.34 -25.08 5.69
C PHE G 110 -27.09 -26.23 4.97
N ALA G 111 -26.57 -26.69 3.82
CA ALA G 111 -27.13 -27.87 3.10
C ALA G 111 -26.14 -28.99 2.77
N LEU G 112 -26.59 -30.24 3.00
CA LEU G 112 -25.81 -31.46 2.70
C LEU G 112 -26.37 -32.18 1.50
N ASN G 113 -25.46 -32.54 0.59
CA ASN G 113 -25.75 -33.17 -0.70
C ASN G 113 -27.01 -32.68 -1.43
N GLY G 114 -27.28 -31.37 -1.35
CA GLY G 114 -28.42 -30.78 -2.05
C GLY G 114 -29.77 -30.75 -1.34
N GLU G 115 -29.75 -30.84 -0.01
CA GLU G 115 -30.92 -30.51 0.80
C GLU G 115 -30.51 -29.66 2.01
N GLU G 116 -31.24 -28.57 2.22
CA GLU G 116 -31.18 -27.74 3.44
C GLU G 116 -31.42 -28.70 4.60
N PHE G 117 -30.59 -28.63 5.64
CA PHE G 117 -30.63 -29.61 6.75
C PHE G 117 -30.07 -29.18 8.13
N MET G 118 -29.41 -28.02 8.19
CA MET G 118 -28.95 -27.47 9.45
C MET G 118 -28.99 -25.95 9.46
N ASN G 119 -29.40 -25.37 10.59
CA ASN G 119 -29.32 -23.92 10.86
C ASN G 119 -28.51 -23.61 12.13
N PHE G 120 -28.00 -22.39 12.23
CA PHE G 120 -27.44 -21.92 13.49
C PHE G 120 -28.51 -21.08 14.18
N ASP G 121 -28.60 -21.22 15.50
CA ASP G 121 -29.75 -20.69 16.27
C ASP G 121 -29.48 -19.43 17.05
N LEU G 122 -30.05 -18.31 16.60
CA LEU G 122 -29.88 -17.04 17.31
C LEU G 122 -30.75 -16.93 18.60
N LYS G 123 -31.19 -18.08 19.13
CA LYS G 123 -31.83 -18.17 20.47
C LYS G 123 -31.02 -19.11 21.41
N GLN G 124 -30.76 -20.33 20.93
CA GLN G 124 -29.99 -21.33 21.67
C GLN G 124 -28.50 -21.07 21.55
N GLY G 125 -28.10 -20.46 20.44
CA GLY G 125 -26.69 -20.29 20.15
C GLY G 125 -26.02 -21.58 19.69
N THR G 126 -26.81 -22.51 19.14
CA THR G 126 -26.23 -23.74 18.62
C THR G 126 -26.71 -24.08 17.21
N TRP G 127 -26.28 -25.24 16.70
CA TRP G 127 -26.66 -25.73 15.37
C TRP G 127 -27.90 -26.66 15.42
N GLY G 128 -29.00 -26.22 14.79
CA GLY G 128 -30.26 -26.99 14.71
C GLY G 128 -30.27 -28.17 13.74
N GLY G 129 -31.09 -29.18 14.03
CA GLY G 129 -31.10 -30.43 13.24
C GLY G 129 -32.24 -31.43 13.36
N ASP G 130 -32.71 -31.88 12.22
CA ASP G 130 -33.58 -33.05 12.18
C ASP G 130 -32.70 -34.24 11.90
N TRP G 131 -32.88 -34.79 10.70
CA TRP G 131 -31.93 -35.63 9.98
C TRP G 131 -30.62 -35.84 10.77
N PRO G 132 -30.35 -37.09 11.23
CA PRO G 132 -29.20 -37.52 12.02
C PRO G 132 -27.82 -37.12 11.47
N GLU G 133 -27.79 -36.63 10.23
CA GLU G 133 -26.58 -36.01 9.65
C GLU G 133 -26.31 -34.59 10.19
N ALA G 134 -27.37 -33.89 10.60
CA ALA G 134 -27.27 -32.58 11.23
C ALA G 134 -26.93 -32.70 12.71
N LEU G 135 -27.07 -33.91 13.25
CA LEU G 135 -26.60 -34.17 14.59
C LEU G 135 -25.10 -34.36 14.55
N ALA G 136 -24.64 -35.16 13.60
CA ALA G 136 -23.25 -35.61 13.56
C ALA G 136 -22.30 -34.41 13.48
N ILE G 137 -22.54 -33.57 12.49
CA ILE G 137 -21.70 -32.41 12.20
C ILE G 137 -21.77 -31.35 13.28
N SER G 138 -22.99 -30.88 13.58
CA SER G 138 -23.24 -29.84 14.59
C SER G 138 -22.82 -30.21 16.02
N GLN G 139 -22.46 -31.48 16.22
CA GLN G 139 -21.90 -31.93 17.51
C GLN G 139 -20.38 -31.65 17.61
N ARG G 140 -19.60 -32.09 16.61
CA ARG G 140 -18.15 -31.80 16.57
C ARG G 140 -17.88 -30.28 16.51
N TRP G 141 -18.84 -29.56 15.93
CA TRP G 141 -18.77 -28.10 15.85
C TRP G 141 -18.96 -27.46 17.22
N GLN G 142 -19.93 -27.96 17.98
CA GLN G 142 -20.09 -27.55 19.37
C GLN G 142 -18.89 -28.06 20.20
N GLN G 143 -18.39 -29.26 19.88
CA GLN G 143 -17.18 -29.82 20.54
C GLN G 143 -15.93 -28.93 20.26
N GLN G 144 -16.14 -27.86 19.48
CA GLN G 144 -15.10 -26.91 19.11
C GLN G 144 -15.07 -25.72 20.05
N ASP G 145 -13.90 -25.51 20.65
CA ASP G 145 -13.71 -24.48 21.65
C ASP G 145 -13.71 -23.08 21.07
N LYS G 146 -14.63 -22.25 21.55
CA LYS G 146 -14.85 -20.87 21.09
C LYS G 146 -15.50 -20.78 19.70
N ALA G 147 -15.57 -21.90 18.99
CA ALA G 147 -16.31 -21.98 17.71
C ALA G 147 -17.79 -21.80 17.97
N ALA G 148 -18.23 -22.36 19.11
CA ALA G 148 -19.43 -21.96 19.84
C ALA G 148 -19.83 -20.50 19.57
N ASN G 149 -19.06 -19.58 20.17
CA ASN G 149 -19.24 -18.13 20.08
C ASN G 149 -18.96 -17.54 18.72
N LYS G 150 -17.82 -17.91 18.12
CA LYS G 150 -17.30 -17.25 16.91
C LYS G 150 -18.31 -17.03 15.79
N GLU G 151 -19.26 -17.95 15.64
CA GLU G 151 -20.41 -17.78 14.74
C GLU G 151 -21.20 -16.53 15.14
N LEU G 152 -21.77 -16.55 16.35
CA LEU G 152 -22.57 -15.42 16.86
C LEU G 152 -21.84 -14.07 16.68
N THR G 153 -20.54 -14.05 16.95
CA THR G 153 -19.74 -12.83 16.81
C THR G 153 -19.12 -12.75 15.41
N PHE G 154 -19.81 -13.33 14.45
CA PHE G 154 -19.56 -13.15 13.02
C PHE G 154 -20.91 -12.82 12.44
N LEU G 155 -21.95 -13.18 13.19
CA LEU G 155 -23.33 -13.01 12.76
C LEU G 155 -23.98 -11.77 13.33
N LEU G 156 -23.50 -11.32 14.49
CA LEU G 156 -24.08 -10.14 15.16
C LEU G 156 -23.22 -8.85 15.06
N PHE G 157 -22.24 -8.68 15.95
CA PHE G 157 -21.39 -7.48 15.97
C PHE G 157 -20.21 -7.51 14.98
N SER G 158 -20.39 -8.18 13.83
CA SER G 158 -19.29 -8.37 12.85
C SER G 158 -19.78 -8.56 11.40
N CYS G 159 -21.03 -8.95 11.23
CA CYS G 159 -21.64 -9.06 9.91
C CYS G 159 -22.17 -7.72 9.39
N PRO G 160 -22.99 -7.00 10.20
CA PRO G 160 -23.42 -5.67 9.76
C PRO G 160 -22.29 -4.62 9.82
N HIS G 161 -21.36 -4.78 10.77
CA HIS G 161 -20.14 -3.95 10.87
C HIS G 161 -19.32 -4.01 9.58
N ARG G 162 -19.14 -5.22 9.05
CA ARG G 162 -18.55 -5.44 7.73
C ARG G 162 -19.56 -5.14 6.62
N LEU G 163 -20.52 -4.26 6.92
CA LEU G 163 -21.54 -3.82 5.98
C LEU G 163 -21.61 -2.28 5.97
N ARG G 164 -22.02 -1.69 7.10
CA ARG G 164 -22.28 -0.24 7.22
C ARG G 164 -21.08 0.64 6.83
N GLU G 165 -19.93 0.01 6.66
CA GLU G 165 -18.71 0.68 6.23
C GLU G 165 -18.24 0.17 4.85
N HIS G 166 -19.16 -0.43 4.07
CA HIS G 166 -18.83 -0.99 2.76
C HIS G 166 -19.73 -0.49 1.63
N LEU G 167 -20.84 0.17 1.97
CA LEU G 167 -21.74 0.71 0.94
C LEU G 167 -21.58 2.23 0.70
N GLU G 168 -21.32 2.98 1.77
CA GLU G 168 -20.89 4.38 1.67
C GLU G 168 -19.51 4.43 1.02
N ARG G 169 -18.73 3.38 1.30
CA ARG G 169 -17.38 3.20 0.74
C ARG G 169 -17.40 2.55 -0.66
N GLY G 170 -18.58 2.51 -1.28
CA GLY G 170 -18.74 1.91 -2.60
C GLY G 170 -20.13 2.06 -3.19
N ARG G 171 -20.76 3.21 -2.98
CA ARG G 171 -22.03 3.55 -3.65
C ARG G 171 -21.80 3.82 -5.14
N GLY G 172 -20.56 4.12 -5.50
CA GLY G 172 -20.16 4.25 -6.90
C GLY G 172 -20.33 2.96 -7.68
N ASN G 173 -20.53 1.86 -6.95
CA ASN G 173 -20.67 0.52 -7.54
C ASN G 173 -22.03 -0.19 -7.30
N LEU G 174 -23.03 0.55 -6.79
CA LEU G 174 -24.34 -0.05 -6.42
C LEU G 174 -25.45 0.18 -7.45
N GLU G 175 -26.06 1.36 -7.44
CA GLU G 175 -27.13 1.70 -8.40
C GLU G 175 -26.63 2.53 -9.60
N TRP G 176 -25.36 2.34 -9.97
CA TRP G 176 -24.79 2.89 -11.21
C TRP G 176 -25.37 2.09 -12.36
N LYS G 177 -26.16 2.75 -13.20
CA LYS G 177 -26.99 2.06 -14.21
C LYS G 177 -26.50 2.21 -15.66
N GLU G 178 -27.12 1.44 -16.55
CA GLU G 178 -26.86 1.49 -17.98
C GLU G 178 -28.08 0.98 -18.75
N PRO G 179 -28.53 1.73 -19.77
CA PRO G 179 -29.60 1.21 -20.64
C PRO G 179 -29.14 -0.02 -21.45
N PRO G 180 -29.81 -1.18 -21.25
CA PRO G 180 -29.42 -2.44 -21.91
C PRO G 180 -29.48 -2.42 -23.44
N SER G 181 -28.31 -2.47 -24.08
CA SER G 181 -28.16 -2.36 -25.56
C SER G 181 -29.01 -3.37 -26.36
N MET G 182 -29.23 -3.11 -27.66
CA MET G 182 -30.32 -3.78 -28.39
C MET G 182 -30.15 -4.26 -29.85
N ARG G 183 -30.85 -5.35 -30.14
CA ARG G 183 -31.05 -5.95 -31.47
C ARG G 183 -32.22 -6.96 -31.38
N LEU G 184 -33.39 -6.58 -31.89
CA LEU G 184 -34.64 -7.36 -31.72
C LEU G 184 -34.79 -8.58 -32.66
N LYS G 185 -35.73 -9.47 -32.30
CA LYS G 185 -35.86 -10.83 -32.90
C LYS G 185 -36.41 -10.94 -34.32
N ALA G 186 -35.89 -11.92 -35.07
CA ALA G 186 -36.32 -12.24 -36.45
C ALA G 186 -36.22 -13.75 -36.77
N ARG G 187 -36.08 -14.57 -35.71
CA ARG G 187 -35.91 -16.03 -35.82
C ARG G 187 -37.24 -16.79 -35.79
N PRO G 188 -37.41 -17.78 -36.70
CA PRO G 188 -38.66 -18.57 -36.84
C PRO G 188 -38.72 -19.86 -35.97
N SER G 189 -39.69 -20.74 -36.24
CA SER G 189 -39.89 -21.98 -35.44
C SER G 189 -40.34 -23.22 -36.25
N SER G 190 -41.21 -24.06 -35.61
CA SER G 190 -41.66 -25.36 -36.16
C SER G 190 -42.85 -25.27 -37.17
N PRO G 191 -43.13 -26.35 -37.97
CA PRO G 191 -44.06 -26.29 -39.12
C PRO G 191 -45.46 -25.67 -38.90
N GLY G 192 -45.61 -24.39 -39.26
CA GLY G 192 -46.89 -23.68 -39.15
C GLY G 192 -46.74 -22.25 -38.65
N PHE G 193 -45.90 -22.07 -37.64
CA PHE G 193 -45.71 -20.77 -36.96
C PHE G 193 -44.23 -20.41 -36.73
N SER G 194 -43.95 -19.12 -36.56
CA SER G 194 -42.60 -18.64 -36.21
C SER G 194 -42.56 -18.12 -34.76
N VAL G 195 -41.49 -18.45 -34.04
CA VAL G 195 -41.33 -18.07 -32.62
C VAL G 195 -40.62 -16.70 -32.43
N LEU G 196 -40.16 -16.41 -31.21
CA LEU G 196 -39.48 -15.13 -30.90
C LEU G 196 -38.06 -15.31 -30.32
N THR G 197 -37.35 -14.20 -30.11
CA THR G 197 -36.00 -14.21 -29.53
C THR G 197 -35.50 -12.80 -29.13
N CYS G 198 -36.31 -12.07 -28.36
CA CYS G 198 -36.00 -10.69 -27.97
C CYS G 198 -34.87 -10.56 -26.90
N SER G 199 -33.70 -10.07 -27.33
CA SER G 199 -32.49 -9.97 -26.48
C SER G 199 -32.11 -8.52 -26.10
N ALA G 200 -31.35 -8.38 -25.00
CA ALA G 200 -30.80 -7.09 -24.55
C ALA G 200 -29.77 -7.20 -23.42
N PHE G 201 -28.50 -6.88 -23.73
CA PHE G 201 -27.39 -6.98 -22.76
C PHE G 201 -27.15 -5.71 -21.94
N SER G 202 -26.58 -5.89 -20.74
CA SER G 202 -26.06 -4.82 -19.88
C SER G 202 -27.09 -4.04 -19.04
N PHE G 203 -27.66 -4.73 -18.04
CA PHE G 203 -28.52 -4.09 -17.03
C PHE G 203 -27.75 -3.92 -15.70
N TYR G 204 -28.25 -3.07 -14.80
CA TYR G 204 -27.65 -2.87 -13.46
C TYR G 204 -28.38 -1.82 -12.59
N PRO G 205 -29.08 -2.26 -11.51
CA PRO G 205 -29.31 -3.63 -11.02
C PRO G 205 -30.02 -4.54 -12.03
N PRO G 206 -29.53 -5.78 -12.20
CA PRO G 206 -29.98 -6.71 -13.23
C PRO G 206 -31.44 -7.19 -13.09
N GLU G 207 -32.03 -7.00 -11.92
CA GLU G 207 -33.40 -7.43 -11.64
C GLU G 207 -34.40 -6.81 -12.64
N LEU G 208 -34.75 -7.55 -13.68
CA LEU G 208 -35.51 -7.01 -14.81
C LEU G 208 -36.87 -7.67 -15.04
N GLN G 209 -37.88 -6.85 -15.28
CA GLN G 209 -39.23 -7.31 -15.66
C GLN G 209 -39.34 -7.53 -17.17
N LEU G 210 -40.43 -8.15 -17.63
CA LEU G 210 -40.66 -8.40 -19.06
C LEU G 210 -42.16 -8.55 -19.37
N ARG G 211 -42.54 -8.28 -20.62
CA ARG G 211 -43.92 -8.44 -21.10
C ARG G 211 -44.07 -8.20 -22.62
N PHE G 212 -44.45 -9.25 -23.36
CA PHE G 212 -44.71 -9.19 -24.80
C PHE G 212 -46.22 -9.34 -25.09
N LEU G 213 -46.76 -8.43 -25.91
CA LEU G 213 -48.23 -8.28 -26.11
C LEU G 213 -48.72 -8.52 -27.55
N ARG G 214 -49.70 -9.41 -27.70
CA ARG G 214 -50.14 -9.91 -29.02
C ARG G 214 -51.13 -8.99 -29.77
N ASN G 215 -50.57 -8.14 -30.63
CA ASN G 215 -51.32 -7.30 -31.60
C ASN G 215 -52.42 -6.37 -31.04
N GLY G 216 -51.99 -5.22 -30.51
CA GLY G 216 -52.89 -4.21 -29.95
C GLY G 216 -53.10 -4.36 -28.46
N LEU G 217 -53.81 -5.44 -28.08
CA LEU G 217 -54.12 -5.74 -26.68
C LEU G 217 -52.89 -6.23 -25.92
N ALA G 218 -53.04 -6.47 -24.61
CA ALA G 218 -51.93 -6.94 -23.77
C ALA G 218 -52.22 -8.30 -23.11
N ALA G 219 -51.35 -9.28 -23.37
CA ALA G 219 -51.48 -10.65 -22.81
C ALA G 219 -50.71 -10.88 -21.50
N GLY G 220 -49.38 -10.95 -21.56
CA GLY G 220 -48.56 -11.18 -20.36
C GLY G 220 -47.05 -11.19 -20.64
N THR G 221 -46.30 -11.89 -19.78
CA THR G 221 -44.84 -12.01 -19.94
C THR G 221 -44.50 -13.26 -20.76
N GLY G 222 -43.77 -13.05 -21.87
CA GLY G 222 -43.43 -14.13 -22.82
C GLY G 222 -42.83 -15.38 -22.19
N GLN G 223 -41.50 -15.43 -22.08
CA GLN G 223 -40.79 -16.48 -21.35
C GLN G 223 -39.41 -16.00 -20.89
N GLY G 224 -39.44 -15.05 -19.95
CA GLY G 224 -38.24 -14.41 -19.41
C GLY G 224 -37.27 -15.37 -18.78
N ASP G 225 -36.15 -15.57 -19.47
CA ASP G 225 -35.01 -16.34 -18.94
C ASP G 225 -33.82 -15.39 -18.71
N PHE G 226 -33.98 -14.47 -17.74
CA PHE G 226 -32.97 -13.46 -17.39
C PHE G 226 -31.72 -14.05 -16.71
N GLY G 227 -30.60 -13.33 -16.75
CA GLY G 227 -29.33 -13.81 -16.17
C GLY G 227 -28.06 -13.06 -16.57
N PRO G 228 -27.03 -13.05 -15.69
CA PRO G 228 -25.79 -12.27 -15.83
C PRO G 228 -24.88 -12.60 -17.02
N ASN G 229 -24.16 -11.57 -17.50
CA ASN G 229 -23.25 -11.68 -18.65
C ASN G 229 -21.78 -11.85 -18.23
N SER G 230 -20.87 -11.24 -18.98
CA SER G 230 -19.42 -11.42 -18.78
C SER G 230 -18.80 -10.50 -17.72
N ASP G 231 -19.62 -9.64 -17.12
CA ASP G 231 -19.18 -8.74 -16.05
C ASP G 231 -20.30 -8.38 -15.08
N GLY G 232 -21.32 -9.23 -14.99
CA GLY G 232 -22.38 -9.12 -13.98
C GLY G 232 -23.75 -8.60 -14.40
N SER G 233 -23.95 -8.40 -15.70
CA SER G 233 -25.16 -7.73 -16.21
C SER G 233 -26.17 -8.67 -16.88
N PHE G 234 -27.46 -8.39 -16.67
CA PHE G 234 -28.58 -9.21 -17.15
C PHE G 234 -28.68 -9.37 -18.67
N HIS G 235 -28.97 -10.59 -19.14
CA HIS G 235 -29.08 -10.91 -20.57
C HIS G 235 -30.27 -11.82 -20.94
N ALA G 236 -31.49 -11.28 -20.83
CA ALA G 236 -32.74 -12.07 -20.94
C ALA G 236 -33.20 -12.40 -22.38
N SER G 237 -34.25 -13.23 -22.49
CA SER G 237 -34.92 -13.54 -23.76
C SER G 237 -36.30 -14.21 -23.57
N SER G 238 -37.36 -13.48 -23.90
CA SER G 238 -38.74 -13.99 -23.82
C SER G 238 -39.12 -14.83 -25.04
N SER G 239 -39.98 -15.84 -24.82
CA SER G 239 -40.37 -16.81 -25.87
C SER G 239 -41.86 -17.19 -25.90
N LEU G 240 -42.37 -17.34 -27.12
CA LEU G 240 -43.76 -17.72 -27.41
C LEU G 240 -43.89 -17.91 -28.93
N THR G 241 -45.12 -17.80 -29.47
CA THR G 241 -45.33 -17.98 -30.93
C THR G 241 -46.34 -16.99 -31.55
N VAL G 242 -46.27 -16.82 -32.87
CA VAL G 242 -47.17 -15.94 -33.64
C VAL G 242 -47.64 -16.58 -34.95
N LYS G 243 -48.62 -15.94 -35.61
CA LYS G 243 -49.26 -16.48 -36.82
C LYS G 243 -48.30 -16.73 -38.00
N SER G 244 -48.74 -17.57 -38.94
CA SER G 244 -47.91 -18.06 -40.05
C SER G 244 -47.08 -17.00 -40.77
N GLY G 245 -47.65 -15.81 -40.95
CA GLY G 245 -46.99 -14.71 -41.64
C GLY G 245 -47.49 -13.31 -41.31
N ASP G 246 -48.47 -13.21 -40.41
CA ASP G 246 -49.06 -11.93 -39.98
C ASP G 246 -49.64 -11.95 -38.56
N GLU G 247 -48.85 -11.45 -37.61
CA GLU G 247 -49.26 -11.23 -36.21
C GLU G 247 -48.24 -10.30 -35.55
N HIS G 248 -47.26 -9.87 -36.36
CA HIS G 248 -46.07 -9.15 -35.92
C HIS G 248 -46.20 -7.61 -35.95
N HIS G 249 -47.42 -7.11 -35.71
CA HIS G 249 -47.63 -5.68 -35.44
C HIS G 249 -47.89 -5.55 -33.93
N TYR G 250 -46.81 -5.47 -33.16
CA TYR G 250 -46.87 -5.61 -31.71
C TYR G 250 -45.74 -4.89 -30.93
N CYS G 251 -46.15 -3.98 -30.04
CA CYS G 251 -45.25 -3.21 -29.18
C CYS G 251 -45.08 -3.84 -27.78
N CYS G 252 -43.87 -3.74 -27.22
CA CYS G 252 -43.55 -4.36 -25.91
C CYS G 252 -42.64 -3.53 -25.02
N ILE G 253 -43.07 -3.33 -23.77
CA ILE G 253 -42.24 -2.69 -22.76
C ILE G 253 -41.41 -3.75 -22.03
N VAL G 254 -40.51 -3.32 -21.16
CA VAL G 254 -39.75 -4.19 -20.24
C VAL G 254 -39.22 -3.38 -19.06
N GLN G 255 -39.98 -3.40 -17.95
CA GLN G 255 -39.71 -2.60 -16.76
C GLN G 255 -38.33 -2.85 -16.11
N HIS G 256 -37.50 -1.81 -16.06
CA HIS G 256 -36.15 -1.84 -15.47
C HIS G 256 -35.62 -0.42 -15.20
N ALA G 257 -34.34 -0.18 -15.56
CA ALA G 257 -33.78 1.18 -15.57
C ALA G 257 -33.01 1.45 -16.87
N GLY G 258 -33.65 2.21 -17.78
CA GLY G 258 -33.08 2.56 -19.09
C GLY G 258 -32.85 4.06 -19.25
N LEU G 259 -33.13 4.58 -20.45
CA LEU G 259 -32.92 6.01 -20.77
C LEU G 259 -33.84 6.98 -19.99
N ALA G 260 -34.98 6.46 -19.51
CA ALA G 260 -35.93 7.17 -18.60
C ALA G 260 -37.29 6.46 -18.44
N GLN G 261 -37.93 6.09 -19.56
CA GLN G 261 -39.28 5.47 -19.57
C GLN G 261 -39.43 4.37 -20.66
N PRO G 262 -40.25 3.33 -20.38
CA PRO G 262 -40.38 2.16 -21.28
C PRO G 262 -41.01 2.44 -22.65
N LEU G 263 -40.26 2.19 -23.72
CA LEU G 263 -40.78 2.32 -25.08
C LEU G 263 -41.08 0.93 -25.71
N ARG G 264 -41.47 0.95 -26.99
CA ARG G 264 -41.77 -0.28 -27.76
C ARG G 264 -40.52 -1.13 -28.08
N VAL G 265 -40.66 -2.13 -28.96
CA VAL G 265 -39.54 -3.01 -29.35
C VAL G 265 -39.46 -3.18 -30.87
N GLU G 266 -38.45 -2.55 -31.48
CA GLU G 266 -38.30 -2.53 -32.95
C GLU G 266 -38.03 -3.91 -33.57
N LEU G 267 -39.12 -4.60 -33.93
CA LEU G 267 -39.08 -5.94 -34.53
C LEU G 267 -40.31 -6.19 -35.39
N ILE H 1 -28.66 -35.58 -3.63
CA ILE H 1 -29.55 -35.01 -4.68
C ILE H 1 -28.88 -34.97 -6.05
N GLN H 2 -29.37 -35.79 -6.97
CA GLN H 2 -29.02 -35.70 -8.39
C GLN H 2 -29.70 -34.49 -9.01
N ARG H 3 -28.97 -33.80 -9.87
CA ARG H 3 -29.57 -32.82 -10.79
C ARG H 3 -28.76 -32.73 -12.10
N THR H 4 -29.42 -32.27 -13.15
CA THR H 4 -28.85 -32.28 -14.49
C THR H 4 -28.90 -30.83 -15.05
N PRO H 5 -27.77 -30.35 -15.66
CA PRO H 5 -27.47 -28.92 -15.82
C PRO H 5 -28.46 -28.13 -16.67
N LYS H 6 -28.52 -26.82 -16.45
CA LYS H 6 -29.32 -25.92 -17.27
C LYS H 6 -28.44 -25.01 -18.14
N ILE H 7 -28.14 -25.46 -19.37
CA ILE H 7 -27.16 -24.80 -20.27
C ILE H 7 -27.80 -23.91 -21.32
N GLN H 8 -27.45 -22.63 -21.30
CA GLN H 8 -27.93 -21.65 -22.30
C GLN H 8 -26.84 -20.66 -22.76
N VAL H 9 -26.50 -20.70 -24.05
CA VAL H 9 -25.41 -19.88 -24.64
C VAL H 9 -25.90 -18.53 -25.20
N TYR H 10 -25.20 -17.45 -24.86
CA TYR H 10 -25.52 -16.08 -25.33
C TYR H 10 -24.35 -15.11 -25.19
N SER H 11 -23.89 -14.57 -26.33
CA SER H 11 -22.69 -13.69 -26.38
C SER H 11 -22.78 -12.42 -25.49
N ARG H 12 -21.62 -11.81 -25.19
CA ARG H 12 -21.52 -10.65 -24.27
C ARG H 12 -22.55 -9.55 -24.57
N HIS H 13 -22.84 -9.38 -25.87
CA HIS H 13 -23.93 -8.54 -26.38
C HIS H 13 -24.92 -9.36 -27.27
N PRO H 14 -26.03 -8.74 -27.69
CA PRO H 14 -26.66 -9.23 -28.93
C PRO H 14 -25.69 -9.04 -30.11
N ALA H 15 -25.56 -10.11 -30.90
CA ALA H 15 -24.48 -10.29 -31.90
C ALA H 15 -24.10 -9.08 -32.76
N GLU H 16 -22.79 -8.98 -33.00
CA GLU H 16 -22.19 -8.11 -34.03
C GLU H 16 -20.95 -8.78 -34.64
N ASN H 17 -20.66 -8.44 -35.89
CA ASN H 17 -19.47 -8.95 -36.61
C ASN H 17 -18.44 -7.84 -36.90
N GLY H 18 -17.15 -8.20 -36.83
CA GLY H 18 -16.06 -7.25 -37.04
C GLY H 18 -15.73 -6.46 -35.79
N LYS H 19 -15.81 -7.13 -34.65
CA LYS H 19 -15.66 -6.51 -33.34
C LYS H 19 -15.01 -7.51 -32.38
N SER H 20 -14.01 -7.03 -31.64
CA SER H 20 -13.36 -7.82 -30.59
C SER H 20 -14.30 -7.93 -29.38
N ASN H 21 -15.03 -9.05 -29.29
CA ASN H 21 -16.11 -9.21 -28.30
C ASN H 21 -16.25 -10.64 -27.73
N PHE H 22 -16.84 -10.73 -26.53
CA PHE H 22 -16.95 -11.98 -25.76
C PHE H 22 -18.18 -12.87 -26.17
N LEU H 23 -18.21 -14.10 -25.65
CA LEU H 23 -19.31 -15.08 -25.82
C LEU H 23 -19.47 -15.94 -24.55
N ASN H 24 -20.70 -16.03 -24.03
CA ASN H 24 -20.97 -16.67 -22.72
C ASN H 24 -21.73 -18.02 -22.73
N CYS H 25 -21.41 -18.88 -21.76
CA CYS H 25 -22.14 -20.12 -21.48
C CYS H 25 -22.43 -20.17 -19.96
N TYR H 26 -23.69 -20.01 -19.57
CA TYR H 26 -24.10 -19.86 -18.16
C TYR H 26 -24.93 -21.04 -17.65
N VAL H 27 -24.27 -22.16 -17.41
CA VAL H 27 -24.88 -23.30 -16.73
C VAL H 27 -25.43 -22.76 -15.41
N SER H 28 -26.75 -22.83 -15.23
CA SER H 28 -27.42 -21.98 -14.25
C SER H 28 -28.15 -22.71 -13.11
N GLY H 29 -27.71 -23.91 -12.76
CA GLY H 29 -28.27 -24.61 -11.60
C GLY H 29 -28.14 -26.12 -11.52
N PHE H 30 -26.91 -26.63 -11.48
CA PHE H 30 -26.67 -28.08 -11.42
C PHE H 30 -26.43 -28.62 -10.00
N HIS H 31 -26.20 -29.93 -9.86
CA HIS H 31 -25.85 -30.59 -8.56
C HIS H 31 -25.40 -32.07 -8.76
N PRO H 32 -24.20 -32.45 -8.26
CA PRO H 32 -23.20 -31.72 -7.49
C PRO H 32 -22.20 -31.00 -8.40
N SER H 33 -21.03 -30.64 -7.87
CA SER H 33 -20.06 -29.78 -8.60
C SER H 33 -19.25 -30.44 -9.73
N ASP H 34 -19.00 -31.75 -9.65
CA ASP H 34 -18.16 -32.46 -10.63
C ASP H 34 -18.68 -32.24 -12.05
N ILE H 35 -18.06 -31.29 -12.75
CA ILE H 35 -18.44 -30.91 -14.12
C ILE H 35 -17.22 -30.73 -15.05
N GLU H 36 -17.49 -30.61 -16.35
CA GLU H 36 -16.51 -30.26 -17.39
C GLU H 36 -17.17 -29.52 -18.56
N VAL H 37 -16.90 -28.21 -18.68
CA VAL H 37 -17.49 -27.36 -19.76
C VAL H 37 -16.45 -26.92 -20.82
N ASP H 38 -16.46 -27.64 -21.93
CA ASP H 38 -15.47 -27.48 -22.99
C ASP H 38 -16.12 -26.90 -24.26
N LEU H 39 -15.79 -25.63 -24.53
CA LEU H 39 -16.37 -24.86 -25.66
C LEU H 39 -16.10 -25.48 -27.08
N LEU H 40 -16.81 -25.00 -28.10
CA LEU H 40 -16.78 -25.64 -29.44
C LEU H 40 -16.47 -24.72 -30.63
N LYS H 41 -15.35 -25.02 -31.29
CA LYS H 41 -14.97 -24.38 -32.55
C LYS H 41 -15.25 -25.43 -33.62
N ASN H 42 -16.54 -25.63 -33.89
CA ASN H 42 -17.12 -26.77 -34.66
C ASN H 42 -17.37 -28.06 -33.83
N GLY H 43 -16.39 -28.47 -33.03
CA GLY H 43 -16.51 -29.68 -32.19
C GLY H 43 -15.24 -30.19 -31.52
N GLU H 44 -14.08 -29.64 -31.90
CA GLU H 44 -12.77 -30.03 -31.33
C GLU H 44 -12.20 -28.97 -30.38
N ARG H 45 -11.62 -29.46 -29.28
CA ARG H 45 -11.09 -28.65 -28.14
C ARG H 45 -10.71 -27.19 -28.47
N ILE H 46 -11.50 -26.22 -27.99
CA ILE H 46 -11.14 -24.80 -28.14
C ILE H 46 -9.96 -24.45 -27.24
N GLU H 47 -9.00 -23.76 -27.84
CA GLU H 47 -7.76 -23.38 -27.21
C GLU H 47 -8.00 -22.41 -26.04
N LYS H 48 -9.03 -21.56 -26.17
CA LYS H 48 -9.32 -20.50 -25.16
C LYS H 48 -10.57 -20.73 -24.25
N VAL H 49 -10.36 -21.47 -23.14
CA VAL H 49 -11.41 -21.84 -22.15
C VAL H 49 -11.24 -21.06 -20.83
N GLU H 50 -12.18 -20.16 -20.54
CA GLU H 50 -12.11 -19.32 -19.34
C GLU H 50 -13.34 -19.41 -18.42
N HIS H 51 -13.10 -19.63 -17.12
CA HIS H 51 -14.20 -19.83 -16.17
C HIS H 51 -14.09 -18.95 -14.93
N SER H 52 -15.23 -18.41 -14.54
CA SER H 52 -15.36 -17.58 -13.34
C SER H 52 -15.61 -18.46 -12.14
N ASP H 53 -15.30 -17.95 -10.95
CA ASP H 53 -15.49 -18.67 -9.70
C ASP H 53 -16.85 -19.40 -9.68
N LEU H 54 -16.83 -20.68 -9.34
CA LEU H 54 -18.05 -21.48 -9.18
C LEU H 54 -18.74 -21.19 -7.82
N SER H 55 -19.78 -20.38 -7.83
CA SER H 55 -20.58 -20.11 -6.61
C SER H 55 -21.96 -20.79 -6.74
N PHE H 56 -22.85 -20.62 -5.77
CA PHE H 56 -24.18 -21.28 -5.84
C PHE H 56 -25.39 -20.38 -5.57
N SER H 57 -26.53 -20.73 -6.21
CA SER H 57 -27.79 -19.99 -6.02
C SER H 57 -28.54 -20.39 -4.76
N LYS H 58 -29.38 -19.48 -4.26
CA LYS H 58 -30.10 -19.64 -2.99
C LYS H 58 -30.99 -20.88 -2.89
N ASP H 59 -31.11 -21.61 -3.99
CA ASP H 59 -31.91 -22.85 -4.08
C ASP H 59 -31.07 -24.12 -3.90
N TRP H 60 -29.75 -23.91 -3.77
CA TRP H 60 -28.73 -24.94 -3.44
C TRP H 60 -28.04 -25.59 -4.64
N SER H 61 -28.35 -25.09 -5.84
CA SER H 61 -27.73 -25.61 -7.06
C SER H 61 -26.49 -24.81 -7.50
N PHE H 62 -25.53 -25.49 -8.10
CA PHE H 62 -24.35 -24.80 -8.60
C PHE H 62 -24.67 -24.10 -9.93
N TYR H 63 -24.23 -22.84 -10.07
CA TYR H 63 -24.15 -22.19 -11.37
C TYR H 63 -22.73 -21.81 -11.79
N LEU H 64 -22.37 -22.12 -13.03
CA LEU H 64 -21.05 -21.80 -13.57
C LEU H 64 -21.20 -20.87 -14.76
N LEU H 65 -20.13 -20.12 -15.05
CA LEU H 65 -20.09 -19.11 -16.13
C LEU H 65 -18.88 -19.29 -17.06
N TYR H 66 -19.13 -19.45 -18.36
CA TYR H 66 -18.06 -19.63 -19.36
C TYR H 66 -17.96 -18.49 -20.39
N TYR H 67 -16.76 -17.90 -20.51
CA TYR H 67 -16.51 -16.77 -21.41
C TYR H 67 -15.29 -17.01 -22.32
N THR H 68 -15.35 -16.46 -23.52
CA THR H 68 -14.24 -16.50 -24.50
C THR H 68 -14.12 -15.18 -25.33
N GLU H 69 -13.48 -15.21 -26.50
CA GLU H 69 -13.33 -14.03 -27.36
C GLU H 69 -13.32 -14.42 -28.84
N PHE H 70 -13.98 -13.61 -29.67
CA PHE H 70 -14.07 -13.89 -31.11
C PHE H 70 -14.34 -12.68 -32.02
N THR H 71 -13.95 -12.82 -33.31
CA THR H 71 -14.20 -11.82 -34.35
C THR H 71 -14.98 -12.49 -35.51
N PRO H 72 -16.32 -12.59 -35.36
CA PRO H 72 -17.19 -13.47 -36.18
C PRO H 72 -17.68 -12.90 -37.54
N THR H 73 -18.26 -13.77 -38.38
CA THR H 73 -18.90 -13.41 -39.67
C THR H 73 -19.94 -14.47 -40.16
N GLU H 74 -21.00 -14.01 -40.84
CA GLU H 74 -22.04 -14.84 -41.49
C GLU H 74 -22.87 -15.79 -40.57
N LYS H 75 -23.68 -16.67 -41.20
CA LYS H 75 -24.75 -17.44 -40.51
C LYS H 75 -24.25 -18.49 -39.49
N ASP H 76 -24.59 -18.27 -38.23
CA ASP H 76 -23.92 -18.95 -37.12
C ASP H 76 -24.57 -20.23 -36.58
N GLU H 77 -23.73 -21.05 -35.95
CA GLU H 77 -24.10 -22.30 -35.28
C GLU H 77 -22.96 -22.89 -34.42
N TYR H 78 -22.72 -22.30 -33.25
CA TYR H 78 -21.83 -22.87 -32.19
C TYR H 78 -22.65 -23.57 -31.11
N ALA H 79 -22.02 -24.49 -30.35
CA ALA H 79 -22.69 -25.17 -29.24
C ALA H 79 -21.82 -25.21 -27.98
N CYS H 80 -22.47 -25.35 -26.82
CA CYS H 80 -21.76 -25.61 -25.55
C CYS H 80 -21.85 -27.10 -25.24
N ARG H 81 -20.68 -27.76 -25.17
CA ARG H 81 -20.63 -29.21 -24.96
C ARG H 81 -20.24 -29.54 -23.52
N VAL H 82 -21.22 -29.95 -22.73
CA VAL H 82 -21.05 -30.12 -21.29
C VAL H 82 -21.20 -31.59 -20.87
N ASN H 83 -20.10 -32.17 -20.38
CA ASN H 83 -20.08 -33.53 -19.81
C ASN H 83 -20.30 -33.47 -18.29
N HIS H 84 -21.18 -34.31 -17.77
CA HIS H 84 -21.55 -34.30 -16.35
C HIS H 84 -21.59 -35.74 -15.78
N VAL H 85 -21.84 -35.84 -14.47
CA VAL H 85 -22.05 -37.13 -13.81
C VAL H 85 -23.47 -37.65 -14.04
N THR H 86 -24.44 -36.73 -14.05
CA THR H 86 -25.87 -37.04 -14.23
C THR H 86 -26.32 -37.00 -15.69
N LEU H 87 -25.36 -36.85 -16.60
CA LEU H 87 -25.63 -37.03 -18.02
C LEU H 87 -24.67 -38.08 -18.57
N SER H 88 -25.24 -39.15 -19.12
CA SER H 88 -24.47 -40.21 -19.77
C SER H 88 -24.33 -39.89 -21.27
N GLN H 89 -24.38 -38.60 -21.57
CA GLN H 89 -24.43 -38.08 -22.93
C GLN H 89 -23.70 -36.74 -23.04
N PRO H 90 -22.45 -36.75 -23.58
CA PRO H 90 -21.82 -35.49 -23.98
C PRO H 90 -22.80 -34.63 -24.80
N LYS H 91 -23.43 -33.66 -24.13
CA LYS H 91 -24.64 -32.97 -24.63
C LYS H 91 -24.41 -31.99 -25.81
N ILE H 92 -25.42 -31.89 -26.68
CA ILE H 92 -25.37 -31.09 -27.91
C ILE H 92 -26.50 -30.02 -27.90
N VAL H 93 -26.18 -28.84 -27.38
CA VAL H 93 -27.14 -27.74 -27.19
C VAL H 93 -26.83 -26.54 -28.09
N LYS H 94 -27.85 -26.11 -28.83
CA LYS H 94 -27.68 -25.14 -29.93
C LYS H 94 -27.47 -23.68 -29.49
N TRP H 95 -26.78 -22.92 -30.36
CA TRP H 95 -26.63 -21.45 -30.29
C TRP H 95 -26.81 -20.79 -31.67
N ASP H 96 -28.01 -20.31 -31.94
CA ASP H 96 -28.18 -19.33 -33.00
C ASP H 96 -28.30 -17.97 -32.32
N ARG H 97 -27.48 -17.02 -32.75
CA ARG H 97 -27.28 -15.73 -32.07
C ARG H 97 -28.54 -15.00 -31.55
N ASP H 98 -28.33 -13.90 -30.82
CA ASP H 98 -29.42 -13.04 -30.30
C ASP H 98 -30.27 -13.62 -29.17
N MET H 99 -29.66 -14.48 -28.35
CA MET H 99 -30.25 -14.92 -27.09
C MET H 99 -29.95 -13.87 -26.03
N ARG I 2 -11.84 31.00 20.61
CA ARG I 2 -10.96 31.61 21.68
C ARG I 2 -10.36 30.58 22.69
N TYR I 3 -9.09 30.74 23.04
CA TYR I 3 -8.43 29.82 24.00
C TYR I 3 -7.55 30.62 24.94
N PHE I 4 -7.47 30.21 26.24
CA PHE I 4 -6.62 30.92 27.26
C PHE I 4 -5.70 30.06 28.17
N CYS I 5 -4.64 30.66 28.72
CA CYS I 5 -3.68 29.82 29.42
C CYS I 5 -3.85 29.62 30.92
N THR I 6 -4.92 28.94 31.34
CA THR I 6 -4.97 28.30 32.68
C THR I 6 -3.64 27.70 33.04
N LYS I 7 -2.95 28.21 34.02
CA LYS I 7 -1.61 27.66 34.35
C LYS I 7 -0.51 28.10 33.35
N TRP I 8 0.73 28.16 33.88
CA TRP I 8 1.84 28.99 33.42
C TRP I 8 2.93 28.57 34.39
N LYS I 9 4.10 28.11 33.94
CA LYS I 9 5.14 27.64 34.88
C LYS I 9 6.49 27.96 34.31
N HIS I 10 7.51 27.95 35.16
CA HIS I 10 8.79 28.65 34.91
C HIS I 10 8.87 29.55 33.60
N GLY I 11 7.75 30.13 33.16
CA GLY I 11 7.73 31.02 31.97
C GLY I 11 6.62 30.75 30.92
N TRP I 12 6.13 29.51 30.86
CA TRP I 12 5.39 29.06 29.69
C TRP I 12 3.90 28.70 29.81
N CYS I 13 3.51 27.43 29.74
CA CYS I 13 2.06 27.09 29.77
C CYS I 13 1.53 25.67 30.21
N GLU I 14 0.23 25.48 30.02
CA GLU I 14 -0.27 24.12 29.84
C GLU I 14 -1.75 24.09 29.49
N GLU I 15 -2.63 23.93 30.47
CA GLU I 15 -4.05 23.76 30.14
C GLU I 15 -4.61 24.94 29.29
N VAL I 16 -5.82 24.83 28.75
CA VAL I 16 -6.43 25.97 28.04
C VAL I 16 -8.00 25.99 28.02
N GLY I 17 -8.63 27.17 27.88
CA GLY I 17 -10.11 27.29 27.89
C GLY I 17 -10.93 26.47 26.90
N ARG J 2 4.21 -20.61 -9.74
CA ARG J 2 4.54 -21.92 -10.42
C ARG J 2 6.07 -22.25 -10.55
N TYR J 3 6.47 -23.45 -10.15
CA TYR J 3 7.89 -23.85 -10.10
C TYR J 3 8.11 -25.34 -10.45
N PHE J 4 8.97 -25.56 -11.46
CA PHE J 4 9.21 -26.90 -12.01
C PHE J 4 10.60 -27.45 -11.66
N CYS J 5 10.77 -28.70 -11.26
CA CYS J 5 12.16 -29.12 -11.02
C CYS J 5 12.82 -29.43 -12.34
N THR J 6 13.80 -28.63 -12.70
CA THR J 6 14.86 -28.97 -13.65
C THR J 6 15.88 -29.69 -12.81
N LYS J 7 16.75 -30.53 -13.36
CA LYS J 7 17.72 -31.37 -12.55
C LYS J 7 17.16 -32.25 -11.37
N TRP J 8 17.58 -33.52 -11.37
CA TRP J 8 17.21 -34.53 -10.37
C TRP J 8 18.49 -35.36 -10.21
N LYS J 9 19.04 -35.44 -9.01
CA LYS J 9 20.29 -36.21 -8.85
C LYS J 9 20.12 -37.13 -7.64
N HIS J 10 20.34 -38.43 -7.88
CA HIS J 10 20.05 -39.55 -6.99
C HIS J 10 18.72 -39.31 -6.28
N GLY J 11 17.70 -38.94 -7.07
CA GLY J 11 16.33 -38.83 -6.59
C GLY J 11 15.80 -37.50 -6.03
N TRP J 12 16.67 -36.47 -5.87
CA TRP J 12 16.34 -35.16 -5.19
C TRP J 12 16.09 -33.89 -6.08
N CYS J 13 16.80 -32.78 -5.95
CA CYS J 13 16.69 -31.71 -6.94
C CYS J 13 17.98 -30.95 -7.24
N GLU J 14 17.79 -29.66 -7.47
CA GLU J 14 18.88 -28.74 -7.67
C GLU J 14 18.28 -27.54 -8.31
N GLU J 15 17.84 -27.62 -9.55
CA GLU J 15 17.34 -26.39 -10.18
C GLU J 15 15.80 -26.41 -10.08
N VAL J 16 15.13 -25.32 -10.54
CA VAL J 16 13.65 -25.16 -10.60
C VAL J 16 13.19 -24.17 -11.73
N GLY J 17 11.88 -23.98 -11.96
CA GLY J 17 11.40 -23.30 -13.17
C GLY J 17 10.74 -21.93 -13.07
N ARG K 2 20.53 11.28 -32.17
CA ARG K 2 20.26 11.38 -33.66
C ARG K 2 19.20 10.40 -34.16
N TYR K 3 18.29 10.90 -35.02
CA TYR K 3 17.25 10.11 -35.77
C TYR K 3 16.70 10.90 -36.99
N PHE K 4 16.58 10.23 -38.15
CA PHE K 4 16.02 10.86 -39.37
C PHE K 4 14.65 10.29 -39.68
N CYS K 5 13.92 10.82 -40.67
CA CYS K 5 12.55 10.30 -40.92
C CYS K 5 12.38 9.36 -42.13
N THR K 6 13.00 8.18 -42.04
CA THR K 6 12.72 6.97 -42.84
C THR K 6 11.26 6.75 -43.31
N LYS K 7 10.65 7.67 -44.07
CA LYS K 7 9.24 7.54 -44.55
C LYS K 7 8.28 8.67 -44.16
N TRP K 8 7.51 9.13 -45.14
CA TRP K 8 6.53 10.21 -44.96
C TRP K 8 5.22 9.79 -45.59
N LYS K 9 4.13 9.99 -44.86
CA LYS K 9 2.82 9.76 -45.42
C LYS K 9 1.96 10.96 -45.09
N HIS K 10 0.84 11.08 -45.80
CA HIS K 10 0.06 12.33 -45.97
C HIS K 10 0.64 13.59 -45.26
N GLY K 11 1.94 13.86 -45.38
CA GLY K 11 2.59 15.05 -44.78
C GLY K 11 3.44 14.88 -43.51
N TRP K 12 3.28 13.76 -42.82
CA TRP K 12 3.80 13.55 -41.47
C TRP K 12 5.06 12.65 -41.32
N CYS K 13 4.95 11.45 -40.74
CA CYS K 13 6.06 10.48 -40.69
C CYS K 13 5.58 9.02 -40.57
N GLU K 14 6.37 8.24 -39.85
CA GLU K 14 5.92 6.95 -39.37
C GLU K 14 7.07 6.29 -38.65
N GLU K 15 8.27 6.34 -39.28
CA GLU K 15 9.45 5.61 -38.76
C GLU K 15 10.70 6.50 -38.66
N VAL K 16 11.75 5.95 -38.07
CA VAL K 16 13.02 6.67 -37.86
C VAL K 16 14.27 5.76 -37.93
N GLY K 17 15.47 6.34 -37.91
CA GLY K 17 16.77 5.65 -37.72
C GLY K 17 17.89 6.54 -37.15
N ARG L 2 -6.12 31.29 11.15
CA ARG L 2 -5.34 32.54 11.62
C ARG L 2 -5.67 33.03 13.04
N TYR L 3 -4.71 32.91 13.97
CA TYR L 3 -4.99 33.16 15.39
C TYR L 3 -4.47 34.48 15.89
N PHE L 4 -5.39 35.23 16.47
CA PHE L 4 -5.08 36.50 17.11
C PHE L 4 -4.82 36.35 18.58
N CYS L 5 -3.94 37.17 19.14
CA CYS L 5 -3.81 37.20 20.58
C CYS L 5 -4.74 38.25 21.14
N THR L 6 -6.00 37.86 21.28
CA THR L 6 -7.02 38.55 22.05
C THR L 6 -6.48 38.68 23.48
N LYS L 7 -6.60 39.86 24.11
CA LYS L 7 -6.17 40.10 25.54
C LYS L 7 -4.69 39.90 26.01
N TRP L 8 -3.93 40.99 26.08
CA TRP L 8 -2.56 40.92 26.65
C TRP L 8 -2.61 41.11 28.18
N LYS L 9 -1.53 40.78 28.90
CA LYS L 9 -1.45 40.92 30.40
C LYS L 9 -0.03 40.92 30.94
N HIS L 10 0.33 42.01 31.61
CA HIS L 10 1.68 42.24 32.16
C HIS L 10 2.60 42.42 30.97
N GLY L 11 2.01 42.29 29.78
CA GLY L 11 2.76 42.19 28.53
C GLY L 11 2.76 40.79 27.89
N TRP L 12 2.34 39.75 28.63
CA TRP L 12 2.10 38.43 28.06
C TRP L 12 0.70 38.22 27.38
N CYS L 13 0.50 37.09 26.69
CA CYS L 13 -0.81 36.78 26.12
C CYS L 13 -1.80 36.12 27.04
N GLU L 14 -2.71 35.37 26.45
CA GLU L 14 -3.56 34.49 27.22
C GLU L 14 -4.64 34.04 26.28
N GLU L 15 -5.46 34.93 25.74
CA GLU L 15 -6.51 34.45 24.85
C GLU L 15 -6.06 34.49 23.35
N VAL L 16 -6.73 33.74 22.45
CA VAL L 16 -6.39 33.77 21.00
C VAL L 16 -7.59 33.32 20.09
N GLY L 17 -7.71 33.76 18.83
CA GLY L 17 -8.97 33.47 18.05
C GLY L 17 -8.99 33.27 16.51
N ARG M 2 1.02 -20.96 0.64
CA ARG M 2 0.60 -22.42 0.60
C ARG M 2 0.72 -23.02 -0.79
N TYR M 3 1.55 -24.04 -0.95
CA TYR M 3 1.86 -24.56 -2.27
C TYR M 3 1.54 -26.05 -2.29
N PHE M 4 0.93 -26.48 -3.41
CA PHE M 4 0.60 -27.89 -3.65
C PHE M 4 1.32 -28.32 -4.87
N CYS M 5 1.10 -29.57 -5.31
CA CYS M 5 1.88 -30.12 -6.40
C CYS M 5 1.11 -30.32 -7.66
N THR M 6 0.89 -29.26 -8.43
CA THR M 6 0.59 -29.42 -9.85
C THR M 6 1.57 -30.45 -10.40
N LYS M 7 1.20 -31.17 -11.47
CA LYS M 7 2.07 -32.19 -12.11
C LYS M 7 2.64 -33.33 -11.24
N TRP M 8 1.83 -34.39 -11.07
CA TRP M 8 2.29 -35.65 -10.49
C TRP M 8 2.58 -36.59 -11.63
N LYS M 9 3.71 -37.29 -11.60
CA LYS M 9 3.97 -38.22 -12.67
C LYS M 9 4.61 -39.49 -12.16
N HIS M 10 3.88 -40.59 -12.23
CA HIS M 10 4.41 -41.88 -11.77
C HIS M 10 5.00 -41.81 -10.33
N GLY M 11 4.26 -41.13 -9.45
CA GLY M 11 4.67 -41.06 -8.04
C GLY M 11 5.54 -39.91 -7.51
N TRP M 12 6.41 -39.32 -8.36
CA TRP M 12 7.20 -38.13 -8.01
C TRP M 12 6.53 -36.83 -8.51
N CYS M 13 6.97 -35.66 -7.99
CA CYS M 13 6.47 -34.33 -8.41
C CYS M 13 7.29 -33.56 -9.43
N GLU M 14 6.64 -32.57 -10.01
CA GLU M 14 7.27 -31.77 -11.01
C GLU M 14 6.93 -30.29 -10.85
N GLU M 15 5.67 -29.93 -10.58
CA GLU M 15 5.32 -28.50 -10.37
C GLU M 15 4.75 -28.19 -8.92
N VAL M 16 4.67 -26.90 -8.52
CA VAL M 16 3.98 -26.48 -7.26
C VAL M 16 3.19 -25.14 -7.34
N GLY M 17 2.24 -24.90 -6.43
CA GLY M 17 1.11 -23.99 -6.68
C GLY M 17 1.14 -22.51 -6.30
N ARG N 2 16.88 17.94 -24.73
CA ARG N 2 16.83 19.05 -25.75
C ARG N 2 17.24 18.60 -27.13
N TYR N 3 16.43 18.85 -28.12
CA TYR N 3 16.83 18.44 -29.43
C TYR N 3 16.80 19.59 -30.40
N PHE N 4 17.89 19.72 -31.14
CA PHE N 4 17.98 20.64 -32.25
C PHE N 4 17.61 19.95 -33.59
N CYS N 5 17.50 20.72 -34.68
CA CYS N 5 17.27 20.09 -35.99
C CYS N 5 18.45 20.15 -36.92
N THR N 6 19.09 19.02 -37.16
CA THR N 6 20.01 18.89 -38.30
C THR N 6 19.22 18.59 -39.55
N LYS N 7 19.82 18.76 -40.73
CA LYS N 7 19.12 18.48 -42.02
C LYS N 7 17.75 19.18 -42.24
N TRP N 8 17.75 20.22 -43.04
CA TRP N 8 16.55 20.98 -43.33
C TRP N 8 16.20 20.81 -44.80
N LYS N 9 15.47 19.74 -45.11
CA LYS N 9 15.19 19.46 -46.52
C LYS N 9 14.00 20.30 -46.98
N HIS N 10 14.30 21.40 -47.64
CA HIS N 10 13.27 22.31 -48.16
C HIS N 10 12.43 22.99 -47.03
N GLY N 11 12.95 22.93 -45.79
CA GLY N 11 12.22 23.44 -44.64
C GLY N 11 11.13 22.50 -44.07
N TRP N 12 11.49 21.22 -43.94
CA TRP N 12 10.81 20.27 -43.08
C TRP N 12 11.92 19.80 -42.09
N CYS N 13 11.73 18.75 -41.29
CA CYS N 13 12.91 18.20 -40.60
C CYS N 13 13.31 16.83 -41.07
N GLU N 14 14.59 16.52 -40.88
CA GLU N 14 15.04 15.19 -41.09
C GLU N 14 15.75 14.67 -39.85
N GLU N 15 16.72 15.39 -39.28
CA GLU N 15 17.50 14.79 -38.15
C GLU N 15 17.47 15.68 -36.90
N VAL N 16 17.62 15.06 -35.72
CA VAL N 16 17.56 15.79 -34.43
C VAL N 16 18.62 15.32 -33.42
N GLY N 17 19.20 16.25 -32.66
CA GLY N 17 20.22 15.89 -31.69
C GLY N 17 19.86 16.01 -30.22
N ARG O 2 -21.72 44.90 -10.39
CA ARG O 2 -20.50 45.43 -11.08
C ARG O 2 -19.59 46.17 -10.08
N TYR O 3 -18.56 46.80 -10.64
CA TYR O 3 -17.43 47.46 -9.96
C TYR O 3 -16.84 48.36 -11.03
N PHE O 4 -16.37 49.53 -10.66
CA PHE O 4 -15.89 50.42 -11.69
C PHE O 4 -14.53 50.94 -11.22
N CYS O 5 -13.77 51.54 -12.13
CA CYS O 5 -12.45 52.03 -11.78
C CYS O 5 -12.25 53.37 -11.00
N THR O 6 -12.59 53.47 -9.70
CA THR O 6 -12.00 54.48 -8.76
C THR O 6 -10.49 54.57 -8.83
N LYS O 7 -9.86 55.73 -8.70
CA LYS O 7 -8.38 55.81 -8.89
C LYS O 7 -7.88 55.32 -10.30
N TRP O 8 -7.01 56.11 -10.94
CA TRP O 8 -6.46 55.80 -12.27
C TRP O 8 -5.11 56.46 -12.15
N LYS O 9 -4.02 55.79 -12.51
CA LYS O 9 -2.66 56.42 -12.55
C LYS O 9 -2.06 56.33 -13.96
N HIS O 10 -1.31 57.37 -14.34
CA HIS O 10 -0.84 57.58 -15.73
C HIS O 10 -1.60 56.66 -16.77
N GLY O 11 -2.93 56.87 -16.81
CA GLY O 11 -3.87 56.15 -17.67
C GLY O 11 -4.58 54.87 -17.19
N TRP O 12 -4.23 54.31 -16.02
CA TRP O 12 -4.59 52.90 -15.80
C TRP O 12 -5.65 52.40 -14.76
N CYS O 13 -5.35 52.36 -13.46
CA CYS O 13 -6.31 51.86 -12.42
C CYS O 13 -5.75 51.50 -11.02
N GLU O 14 -6.66 51.36 -10.07
CA GLU O 14 -6.31 50.74 -8.81
C GLU O 14 -7.61 50.53 -8.03
N GLU O 15 -8.07 51.43 -7.17
CA GLU O 15 -9.32 51.08 -6.47
C GLU O 15 -10.48 50.51 -7.45
N VAL O 16 -11.53 49.84 -6.89
CA VAL O 16 -12.74 49.47 -7.67
C VAL O 16 -14.09 49.59 -6.87
N GLY O 17 -15.24 49.79 -7.55
CA GLY O 17 -16.53 50.16 -6.93
C GLY O 17 -17.05 49.41 -5.71
#